data_5L0Q
#
_entry.id   5L0Q
#
_cell.length_a   53.326
_cell.length_b   141.679
_cell.length_c   268.080
_cell.angle_alpha   90.00
_cell.angle_beta   90.00
_cell.angle_gamma   90.00
#
_symmetry.space_group_name_H-M   'P 21 21 21'
#
loop_
_entity.id
_entity.type
_entity.pdbx_description
1 polymer 'Disintegrin and metalloproteinase domain-containing protein 10'
2 polymer 'mAb 8C7 light chain'
3 polymer 'mAb 8C7 heavy chain'
4 non-polymer 2-acetamido-2-deoxy-beta-D-glucopyranose
5 non-polymer 'SULFATE ION'
6 non-polymer 'MAGNESIUM ION'
7 water water
#
loop_
_entity_poly.entity_id
_entity_poly.type
_entity_poly.pdbx_seq_one_letter_code
_entity_poly.pdbx_strand_id
1 'polypeptide(L)'
;PVGLASGQPICGNGMVEQGEECDCGYSDQCKDECCYDANQPEGKKCKLKPGKQCSPSQGPCCTAHCAFKSKTEKCRDDSD
CAKEGICNGITALCPASDPKPNFTDCNRHTQVCINGQCAGSICEKHGLEECTCASSDGKDDKELCHVCCMKKMEPSTCAS
TGSVQWNKYFLGRTITLQPGSPCNDFRGYCDVFMRCRGSASGL
;
A,D
2 'polypeptide(L)'
;DIFLTQSPANMSVSPGERVSFSCRASQNIGTNIHWYQQRTNGSPRLLIKYASESISGIPSRFSGSGSGTDFILSINTVES
EDIAVYFCQQSNRWPFTFGSGTKLEVIRADAAPTVSIFPPSSEQLTSGGASVVCFLNNFYPKDINVKWKIDGSERQNGVL
NSWTDQDSKDSTYSMSSTLTLTKDEYERHNSYTCEATHKTSTSPIVKSFNRNEC
;
B,E
3 'polypeptide(L)'
;QVQLEESGAELARPGSSVKLSCKASGYTFTNYWLQWVKQRTGQGLEWIGAIYPRDGDAKYSQKFKDKASLTVNESSSTAY
MHLSALASEDSAVYYCARANYGLYYAMDRWGQGTSVTVSSAKTTPPSVYPLAPGSAAQTNSMVTLGCLVKGYFPEPVTVT
WNSGSLSSGVHTFPAVLQSDLYTLSSSVTVPSSPWPSETVTCNVAHPASSTKVDKKIVPRDC
;
C,F
#
loop_
_chem_comp.id
_chem_comp.type
_chem_comp.name
_chem_comp.formula
MG non-polymer 'MAGNESIUM ION' 'Mg 2'
NAG D-saccharide, beta linking 2-acetamido-2-deoxy-beta-D-glucopyranose 'C8 H15 N O6'
SO4 non-polymer 'SULFATE ION' 'O4 S -2'
#
# COMPACT_ATOMS: atom_id res chain seq x y z
N PRO A 1 -19.39 -57.84 -17.93
CA PRO A 1 -18.15 -58.37 -18.52
C PRO A 1 -17.38 -57.32 -19.32
N VAL A 2 -16.75 -56.35 -18.67
CA VAL A 2 -16.29 -55.16 -19.41
C VAL A 2 -14.93 -55.40 -20.05
N GLY A 3 -14.83 -55.17 -21.35
CA GLY A 3 -13.57 -55.31 -22.05
C GLY A 3 -13.52 -56.52 -22.97
N LEU A 4 -12.54 -56.50 -23.87
CA LEU A 4 -12.43 -57.47 -24.95
C LEU A 4 -12.08 -58.83 -24.36
N ALA A 5 -12.57 -59.90 -24.97
CA ALA A 5 -12.13 -61.25 -24.60
C ALA A 5 -10.88 -61.65 -25.36
N SER A 6 -10.00 -62.39 -24.66
CA SER A 6 -8.78 -62.91 -25.25
C SER A 6 -9.12 -63.81 -26.43
N GLY A 7 -10.25 -64.52 -26.33
CA GLY A 7 -10.70 -65.45 -27.36
C GLY A 7 -9.70 -66.55 -27.61
N GLN A 8 -8.96 -66.86 -26.58
CA GLN A 8 -8.11 -67.99 -26.55
C GLN A 8 -8.42 -68.78 -25.33
N PRO A 9 -8.60 -70.14 -25.57
CA PRO A 9 -8.82 -70.93 -24.36
C PRO A 9 -7.56 -71.16 -23.57
N ILE A 10 -7.67 -70.97 -22.28
CA ILE A 10 -6.53 -70.99 -21.42
C ILE A 10 -7.15 -71.49 -20.21
N CYS A 11 -6.41 -72.21 -19.39
CA CYS A 11 -6.92 -72.67 -18.16
C CYS A 11 -6.61 -71.59 -17.18
N GLY A 12 -7.64 -71.03 -16.59
CA GLY A 12 -7.52 -69.87 -15.78
C GLY A 12 -8.52 -68.79 -16.09
N ASN A 13 -9.19 -68.81 -17.21
CA ASN A 13 -10.34 -67.97 -17.31
C ASN A 13 -11.46 -68.81 -16.79
N GLY A 14 -12.58 -68.22 -16.51
CA GLY A 14 -13.59 -68.88 -15.74
C GLY A 14 -14.26 -69.97 -16.48
N MET A 15 -13.87 -70.15 -17.71
CA MET A 15 -14.63 -70.96 -18.61
C MET A 15 -14.07 -72.29 -19.01
N VAL A 16 -14.87 -73.33 -18.95
CA VAL A 16 -14.42 -74.64 -19.28
C VAL A 16 -14.31 -74.77 -20.76
N GLU A 17 -13.27 -75.42 -21.22
CA GLU A 17 -13.02 -75.47 -22.62
C GLU A 17 -12.39 -76.79 -22.88
N GLN A 18 -12.22 -77.11 -24.14
CA GLN A 18 -11.77 -78.45 -24.49
C GLN A 18 -10.53 -78.86 -23.71
N GLY A 19 -10.53 -80.08 -23.20
CA GLY A 19 -9.34 -80.58 -22.55
C GLY A 19 -9.28 -80.20 -21.08
N GLU A 20 -10.33 -79.59 -20.60
CA GLU A 20 -10.36 -79.33 -19.18
C GLU A 20 -11.73 -79.65 -18.61
N GLU A 21 -11.80 -80.33 -17.48
CA GLU A 21 -13.05 -80.54 -16.77
C GLU A 21 -13.65 -79.36 -16.11
N CYS A 22 -12.88 -78.59 -15.37
CA CYS A 22 -13.44 -77.46 -14.66
C CYS A 22 -12.54 -76.30 -14.89
N ASP A 23 -12.91 -75.12 -14.42
CA ASP A 23 -11.99 -73.99 -14.37
C ASP A 23 -12.39 -72.95 -13.37
N CYS A 24 -11.75 -72.86 -12.22
CA CYS A 24 -12.17 -71.88 -11.22
C CYS A 24 -11.30 -70.63 -11.16
N GLY A 25 -10.33 -70.58 -12.02
CA GLY A 25 -9.45 -69.46 -12.11
C GLY A 25 -8.16 -69.74 -11.42
N TYR A 26 -7.27 -68.77 -11.41
CA TYR A 26 -6.00 -68.86 -10.75
C TYR A 26 -6.25 -68.74 -9.27
N SER A 27 -5.33 -69.25 -8.48
CA SER A 27 -5.45 -69.28 -7.01
C SER A 27 -6.10 -68.09 -6.38
N ASP A 28 -5.71 -66.91 -6.81
CA ASP A 28 -6.23 -65.70 -6.23
C ASP A 28 -7.74 -65.55 -6.46
N GLN A 29 -8.30 -66.23 -7.47
CA GLN A 29 -9.72 -66.05 -7.75
C GLN A 29 -10.69 -67.15 -7.38
N CYS A 30 -10.16 -68.34 -7.14
CA CYS A 30 -10.90 -69.59 -7.10
C CYS A 30 -11.53 -69.93 -5.78
N LYS A 31 -12.85 -69.71 -5.63
CA LYS A 31 -13.59 -70.04 -4.41
C LYS A 31 -14.15 -71.46 -4.44
N ASP A 32 -13.80 -72.18 -5.47
CA ASP A 32 -14.27 -73.52 -5.66
C ASP A 32 -13.56 -74.56 -4.86
N GLU A 33 -14.30 -75.31 -4.06
CA GLU A 33 -13.70 -76.44 -3.36
C GLU A 33 -13.60 -77.68 -4.26
N CYS A 34 -14.34 -77.65 -5.38
CA CYS A 34 -14.49 -78.82 -6.26
C CYS A 34 -13.29 -78.91 -7.18
N CYS A 35 -12.64 -77.81 -7.46
CA CYS A 35 -11.77 -77.76 -8.60
C CYS A 35 -10.34 -77.35 -8.22
N TYR A 36 -9.38 -77.65 -9.10
CA TYR A 36 -7.97 -77.30 -8.99
C TYR A 36 -7.62 -76.01 -9.74
N ASP A 37 -7.01 -75.06 -9.07
CA ASP A 37 -6.73 -73.71 -9.61
C ASP A 37 -5.80 -73.73 -10.74
N ALA A 38 -5.86 -72.69 -11.53
CA ALA A 38 -5.08 -72.56 -12.73
C ALA A 38 -3.56 -72.52 -12.50
N ASN A 39 -3.12 -71.81 -11.48
CA ASN A 39 -1.75 -71.91 -11.07
C ASN A 39 -1.60 -73.00 -10.05
N GLN A 40 -1.80 -74.21 -10.49
CA GLN A 40 -1.62 -75.36 -9.66
C GLN A 40 -1.14 -76.33 -10.67
N PRO A 41 -0.46 -77.36 -10.25
CA PRO A 41 0.28 -78.11 -11.28
C PRO A 41 -0.63 -78.63 -12.35
N GLU A 42 -0.19 -78.58 -13.60
CA GLU A 42 -0.30 -79.70 -14.51
C GLU A 42 0.32 -80.88 -13.81
N GLY A 43 -0.41 -81.99 -13.71
CA GLY A 43 -1.45 -82.35 -14.67
C GLY A 43 -2.85 -82.22 -14.11
N LYS A 44 -2.93 -81.64 -12.93
CA LYS A 44 -4.16 -81.57 -12.16
C LYS A 44 -4.89 -80.28 -12.52
N LYS A 45 -4.12 -79.45 -13.22
CA LYS A 45 -4.52 -78.13 -13.58
C LYS A 45 -5.77 -78.57 -14.13
N CYS A 46 -6.83 -77.82 -13.95
CA CYS A 46 -7.90 -77.89 -14.91
C CYS A 46 -8.86 -79.12 -14.75
N LYS A 47 -8.96 -79.77 -13.57
CA LYS A 47 -9.47 -81.10 -13.54
C LYS A 47 -10.19 -81.19 -12.23
N LEU A 48 -11.15 -82.09 -12.14
CA LEU A 48 -11.93 -82.17 -10.94
C LEU A 48 -11.14 -82.89 -9.88
N LYS A 49 -11.10 -82.31 -8.68
CA LYS A 49 -10.56 -82.98 -7.50
C LYS A 49 -11.22 -84.35 -7.33
N PRO A 50 -10.45 -85.35 -6.87
CA PRO A 50 -11.01 -86.70 -6.90
C PRO A 50 -12.14 -86.90 -5.86
N GLY A 51 -13.11 -87.75 -6.22
CA GLY A 51 -14.30 -87.91 -5.41
C GLY A 51 -15.29 -86.77 -5.57
N LYS A 52 -14.95 -85.80 -6.42
CA LYS A 52 -15.81 -84.64 -6.64
C LYS A 52 -16.53 -84.77 -7.98
N GLN A 53 -17.85 -84.68 -7.92
CA GLN A 53 -18.69 -85.15 -8.99
C GLN A 53 -18.67 -84.15 -10.14
N CYS A 54 -18.59 -82.87 -9.80
CA CYS A 54 -18.72 -81.82 -10.78
C CYS A 54 -18.40 -80.52 -10.10
N SER A 55 -18.19 -79.46 -10.89
CA SER A 55 -17.84 -78.08 -10.46
C SER A 55 -18.87 -77.10 -10.92
N PRO A 56 -19.22 -76.12 -10.13
CA PRO A 56 -20.18 -75.09 -10.56
C PRO A 56 -19.67 -74.31 -11.77
N SER A 57 -18.40 -74.39 -12.07
CA SER A 57 -17.90 -73.68 -13.22
C SER A 57 -18.24 -74.39 -14.49
N GLN A 58 -18.68 -75.62 -14.39
CA GLN A 58 -19.14 -76.32 -15.56
C GLN A 58 -20.57 -75.96 -15.88
N GLY A 59 -21.28 -75.61 -14.87
CA GLY A 59 -22.68 -75.27 -15.08
C GLY A 59 -23.48 -75.17 -13.80
N PRO A 60 -24.69 -74.59 -13.93
CA PRO A 60 -25.58 -74.26 -12.81
C PRO A 60 -26.20 -75.50 -12.14
N CYS A 61 -26.10 -76.64 -12.80
CA CYS A 61 -26.69 -77.87 -12.29
C CYS A 61 -25.70 -78.62 -11.39
N CYS A 62 -24.59 -77.98 -11.07
CA CYS A 62 -23.78 -78.42 -9.94
C CYS A 62 -23.93 -77.53 -8.71
N THR A 63 -23.97 -78.16 -7.54
CA THR A 63 -24.01 -77.45 -6.26
C THR A 63 -22.64 -76.90 -5.89
N ALA A 64 -22.63 -75.97 -4.93
CA ALA A 64 -21.39 -75.40 -4.44
C ALA A 64 -20.52 -76.50 -3.86
N HIS A 65 -21.18 -77.57 -3.42
CA HIS A 65 -20.53 -78.67 -2.71
C HIS A 65 -20.12 -79.83 -3.61
N CYS A 66 -20.12 -79.57 -4.91
CA CYS A 66 -19.60 -80.46 -5.97
C CYS A 66 -20.47 -81.69 -6.22
N ALA A 67 -21.76 -81.53 -6.00
CA ALA A 67 -22.77 -82.53 -6.33
C ALA A 67 -23.63 -82.07 -7.51
N PHE A 68 -24.02 -83.00 -8.38
CA PHE A 68 -25.12 -82.79 -9.32
C PHE A 68 -26.39 -82.40 -8.59
N LYS A 69 -26.99 -81.30 -9.03
CA LYS A 69 -28.37 -81.01 -8.64
C LYS A 69 -29.31 -82.10 -9.16
N SER A 70 -30.35 -82.40 -8.38
CA SER A 70 -31.27 -83.47 -8.73
C SER A 70 -32.15 -82.99 -9.87
N LYS A 71 -32.81 -83.93 -10.53
CA LYS A 71 -33.54 -83.63 -11.74
C LYS A 71 -34.70 -82.68 -11.39
N THR A 72 -35.12 -81.88 -12.37
CA THR A 72 -36.19 -80.89 -12.24
C THR A 72 -35.93 -79.74 -11.27
N GLU A 73 -34.68 -79.52 -10.90
CA GLU A 73 -34.33 -78.29 -10.19
C GLU A 73 -34.16 -77.18 -11.21
N LYS A 74 -34.54 -75.95 -10.85
CA LYS A 74 -34.44 -74.84 -11.81
C LYS A 74 -32.94 -74.51 -12.01
N CYS A 75 -32.49 -74.66 -13.25
CA CYS A 75 -31.24 -74.05 -13.73
C CYS A 75 -31.33 -72.81 -14.64
N ARG A 76 -32.53 -72.42 -15.07
CA ARG A 76 -32.71 -71.27 -15.97
C ARG A 76 -34.09 -70.66 -15.81
N ASP A 77 -34.19 -69.34 -15.97
CA ASP A 77 -35.48 -68.65 -15.94
C ASP A 77 -36.25 -68.85 -17.26
N ASP A 78 -37.58 -68.65 -17.24
CA ASP A 78 -38.36 -68.48 -18.47
C ASP A 78 -37.83 -67.41 -19.43
N SER A 79 -37.73 -67.77 -20.69
CA SER A 79 -37.64 -66.83 -21.80
C SER A 79 -39.03 -66.33 -22.21
N ASP A 80 -39.08 -65.61 -23.34
CA ASP A 80 -40.35 -65.23 -23.97
C ASP A 80 -41.04 -66.46 -24.52
N CYS A 81 -40.29 -67.21 -25.29
CA CYS A 81 -40.81 -68.40 -25.93
C CYS A 81 -40.47 -69.73 -25.26
N ALA A 82 -39.84 -69.68 -24.08
CA ALA A 82 -39.37 -70.92 -23.47
C ALA A 82 -39.66 -70.97 -21.97
N LYS A 83 -39.77 -72.19 -21.44
CA LYS A 83 -40.06 -72.39 -20.02
C LYS A 83 -38.76 -72.53 -19.23
N GLU A 84 -38.88 -72.70 -17.91
CA GLU A 84 -37.72 -72.86 -17.04
C GLU A 84 -36.79 -73.95 -17.56
N GLY A 85 -35.48 -73.71 -17.44
CA GLY A 85 -34.49 -74.79 -17.49
C GLY A 85 -34.56 -75.68 -16.26
N ILE A 86 -34.59 -76.99 -16.48
CA ILE A 86 -34.45 -77.92 -15.36
C ILE A 86 -33.25 -78.85 -15.50
N CYS A 87 -32.56 -79.09 -14.39
CA CYS A 87 -31.42 -80.00 -14.38
C CYS A 87 -31.92 -81.41 -14.68
N ASN A 88 -31.11 -82.21 -15.36
CA ASN A 88 -31.51 -83.58 -15.61
C ASN A 88 -30.93 -84.58 -14.63
N GLY A 89 -30.05 -84.11 -13.75
CA GLY A 89 -29.50 -84.92 -12.69
C GLY A 89 -28.26 -85.72 -13.04
N ILE A 90 -27.96 -85.85 -14.32
CA ILE A 90 -26.70 -86.47 -14.75
C ILE A 90 -25.56 -85.56 -15.24
N THR A 91 -25.79 -84.24 -15.28
CA THR A 91 -24.78 -83.28 -15.75
C THR A 91 -24.92 -81.94 -15.03
N ALA A 92 -23.90 -81.11 -15.12
CA ALA A 92 -23.97 -79.76 -14.54
C ALA A 92 -24.44 -78.71 -15.55
N LEU A 93 -24.46 -79.07 -16.82
CA LEU A 93 -25.08 -78.22 -17.84
C LEU A 93 -26.57 -78.09 -17.52
N CYS A 94 -27.11 -76.91 -17.79
CA CYS A 94 -28.55 -76.69 -17.83
C CYS A 94 -29.01 -77.00 -19.23
N PRO A 95 -29.77 -78.09 -19.38
CA PRO A 95 -30.27 -78.56 -20.69
C PRO A 95 -31.15 -77.50 -21.34
N ALA A 96 -31.27 -77.55 -22.67
CA ALA A 96 -32.07 -76.59 -23.41
C ALA A 96 -33.49 -76.50 -22.84
N SER A 97 -33.98 -75.28 -22.62
CA SER A 97 -35.37 -75.12 -22.20
C SER A 97 -36.34 -75.69 -23.24
N ASP A 98 -37.53 -76.01 -22.80
CA ASP A 98 -38.55 -76.50 -23.68
C ASP A 98 -39.42 -75.36 -24.13
N PRO A 99 -40.06 -75.48 -25.28
CA PRO A 99 -40.80 -74.36 -25.81
C PRO A 99 -42.15 -74.11 -25.17
N LYS A 100 -42.48 -72.85 -25.07
CA LYS A 100 -43.83 -72.43 -24.82
C LYS A 100 -44.63 -72.63 -26.08
N PRO A 101 -46.02 -72.72 -25.88
CA PRO A 101 -46.76 -73.04 -27.10
C PRO A 101 -46.76 -71.98 -28.16
N ASN A 102 -46.88 -72.40 -29.41
CA ASN A 102 -46.92 -71.49 -30.51
C ASN A 102 -47.96 -70.48 -30.26
N PHE A 103 -47.74 -69.29 -30.78
CA PHE A 103 -48.71 -68.22 -30.74
C PHE A 103 -48.86 -67.67 -29.35
N THR A 104 -47.86 -67.95 -28.54
CA THR A 104 -47.66 -67.22 -27.29
C THR A 104 -46.99 -65.87 -27.54
N ASP A 105 -47.31 -64.86 -26.74
CA ASP A 105 -46.83 -63.50 -26.99
C ASP A 105 -45.30 -63.36 -26.78
N CYS A 106 -44.60 -62.97 -27.85
CA CYS A 106 -43.14 -62.77 -27.86
C CYS A 106 -42.72 -61.38 -28.33
N ASN A 107 -41.49 -61.00 -27.99
CA ASN A 107 -40.85 -59.77 -28.49
C ASN A 107 -41.66 -58.48 -28.24
N ARG A 108 -42.00 -58.23 -26.97
CA ARG A 108 -42.89 -57.13 -26.60
C ARG A 108 -44.18 -57.18 -27.47
N HIS A 109 -44.83 -58.34 -27.49
CA HIS A 109 -46.11 -58.55 -28.18
C HIS A 109 -45.99 -58.49 -29.70
N THR A 110 -44.77 -58.33 -30.22
CA THR A 110 -44.67 -57.99 -31.63
C THR A 110 -44.77 -59.18 -32.59
N GLN A 111 -44.24 -60.33 -32.20
CA GLN A 111 -44.24 -61.50 -33.06
C GLN A 111 -44.84 -62.69 -32.31
N VAL A 112 -44.68 -63.90 -32.83
CA VAL A 112 -45.22 -65.02 -32.07
C VAL A 112 -44.35 -66.28 -32.00
N CYS A 113 -44.45 -66.99 -30.91
CA CYS A 113 -43.60 -68.11 -30.66
C CYS A 113 -43.90 -69.27 -31.57
N ILE A 114 -43.03 -69.55 -32.53
CA ILE A 114 -43.18 -70.82 -33.26
C ILE A 114 -41.99 -71.76 -33.12
N ASN A 115 -42.28 -72.90 -32.50
CA ASN A 115 -41.28 -73.86 -32.14
C ASN A 115 -40.20 -73.26 -31.30
N GLY A 116 -40.64 -72.47 -30.35
CA GLY A 116 -39.80 -71.99 -29.29
C GLY A 116 -39.03 -70.79 -29.66
N GLN A 117 -39.33 -70.26 -30.82
CA GLN A 117 -38.59 -69.12 -31.31
C GLN A 117 -39.37 -67.83 -31.25
N CYS A 118 -38.86 -66.81 -31.90
CA CYS A 118 -39.69 -65.66 -32.24
C CYS A 118 -39.67 -65.50 -33.74
N ALA A 119 -40.86 -65.35 -34.34
CA ALA A 119 -40.98 -65.36 -35.79
C ALA A 119 -42.24 -64.61 -36.15
N GLY A 120 -42.35 -64.21 -37.42
CA GLY A 120 -43.65 -63.90 -38.01
C GLY A 120 -44.23 -62.61 -37.50
N SER A 121 -45.52 -62.64 -37.17
CA SER A 121 -46.18 -61.47 -36.57
C SER A 121 -47.31 -61.80 -35.62
N ILE A 122 -47.62 -60.87 -34.71
CA ILE A 122 -48.81 -61.00 -33.89
C ILE A 122 -50.04 -60.96 -34.80
N CYS A 123 -49.87 -60.50 -36.04
CA CYS A 123 -50.91 -60.57 -37.05
C CYS A 123 -51.37 -62.01 -37.29
N GLU A 124 -50.40 -62.91 -37.41
CA GLU A 124 -50.71 -64.29 -37.75
C GLU A 124 -51.44 -64.97 -36.61
N LYS A 125 -51.32 -64.42 -35.41
CA LYS A 125 -52.12 -64.87 -34.28
C LYS A 125 -53.61 -64.89 -34.65
N HIS A 126 -54.07 -63.85 -35.33
CA HIS A 126 -55.47 -63.75 -35.74
C HIS A 126 -55.74 -64.21 -37.17
N GLY A 127 -54.75 -64.81 -37.81
CA GLY A 127 -54.92 -65.28 -39.18
C GLY A 127 -54.81 -64.13 -40.15
N LEU A 128 -54.23 -63.02 -39.70
CA LEU A 128 -53.80 -61.96 -40.60
C LEU A 128 -52.33 -62.11 -41.04
N GLU A 129 -51.88 -61.22 -41.92
CA GLU A 129 -50.46 -61.15 -42.24
C GLU A 129 -49.97 -59.75 -41.92
N GLU A 130 -48.70 -59.65 -41.51
CA GLU A 130 -48.06 -58.37 -41.29
C GLU A 130 -47.84 -57.71 -42.65
N CYS A 131 -48.21 -56.44 -42.77
CA CYS A 131 -47.79 -55.60 -43.88
C CYS A 131 -47.04 -54.38 -43.35
N THR A 132 -46.54 -53.57 -44.26
CA THR A 132 -46.13 -52.23 -43.87
C THR A 132 -47.23 -51.25 -44.22
N CYS A 133 -47.65 -50.49 -43.22
CA CYS A 133 -48.27 -49.20 -43.49
C CYS A 133 -47.24 -48.41 -44.31
N ALA A 134 -47.73 -47.56 -45.22
CA ALA A 134 -46.87 -46.90 -46.18
C ALA A 134 -47.28 -45.43 -46.34
N SER A 135 -46.43 -44.63 -46.98
CA SER A 135 -46.55 -43.17 -46.91
C SER A 135 -47.62 -42.68 -47.89
N SER A 136 -48.47 -41.78 -47.42
CA SER A 136 -48.93 -40.62 -48.20
C SER A 136 -47.89 -39.48 -48.20
N ASP A 137 -47.71 -38.82 -49.34
CA ASP A 137 -46.68 -39.16 -50.31
C ASP A 137 -45.39 -38.35 -50.09
N GLY A 138 -44.32 -39.03 -49.68
CA GLY A 138 -43.15 -38.38 -49.11
C GLY A 138 -43.27 -37.89 -47.66
N LYS A 139 -44.44 -38.10 -47.05
CA LYS A 139 -44.84 -37.38 -45.84
C LYS A 139 -45.06 -38.36 -44.67
N ASP A 140 -44.31 -38.21 -43.58
CA ASP A 140 -44.11 -39.36 -42.69
C ASP A 140 -45.19 -39.50 -41.60
N ASP A 141 -45.90 -40.62 -41.62
CA ASP A 141 -46.92 -40.95 -40.62
C ASP A 141 -46.31 -41.55 -39.34
N LYS A 142 -46.98 -41.38 -38.21
CA LYS A 142 -46.66 -42.17 -37.03
C LYS A 142 -46.92 -43.65 -37.34
N GLU A 143 -47.97 -43.92 -38.10
CA GLU A 143 -48.35 -45.31 -38.36
C GLU A 143 -47.26 -46.07 -39.13
N LEU A 144 -46.22 -45.36 -39.57
CA LEU A 144 -45.10 -46.02 -40.23
C LEU A 144 -44.42 -47.02 -39.30
N CYS A 145 -44.41 -46.70 -38.02
CA CYS A 145 -43.82 -47.58 -37.01
C CYS A 145 -44.81 -48.43 -36.23
N HIS A 146 -46.09 -48.37 -36.60
CA HIS A 146 -47.07 -49.31 -36.07
C HIS A 146 -46.90 -50.70 -36.65
N VAL A 147 -47.22 -51.70 -35.85
CA VAL A 147 -47.61 -53.00 -36.41
C VAL A 147 -48.87 -52.85 -37.23
N CYS A 148 -48.79 -53.28 -38.48
CA CYS A 148 -49.91 -53.17 -39.40
C CYS A 148 -50.23 -54.53 -39.99
N CYS A 149 -51.52 -54.82 -40.07
CA CYS A 149 -51.97 -56.12 -40.53
C CYS A 149 -52.83 -55.95 -41.78
N MET A 150 -52.89 -57.02 -42.57
CA MET A 150 -53.74 -57.13 -43.73
C MET A 150 -54.40 -58.49 -43.73
N LYS A 151 -55.59 -58.57 -44.34
CA LYS A 151 -56.12 -59.86 -44.81
C LYS A 151 -55.14 -60.56 -45.73
N LYS A 152 -55.14 -61.89 -45.68
CA LYS A 152 -54.02 -62.67 -46.18
C LYS A 152 -53.87 -62.51 -47.68
N MET A 153 -52.67 -62.11 -48.11
CA MET A 153 -52.38 -61.77 -49.50
C MET A 153 -53.47 -60.85 -50.09
N GLU A 154 -53.81 -59.79 -49.36
CA GLU A 154 -54.70 -58.75 -49.86
C GLU A 154 -54.27 -57.34 -49.36
N PRO A 155 -53.12 -56.84 -49.85
CA PRO A 155 -52.40 -55.71 -49.23
C PRO A 155 -53.21 -54.42 -49.19
N SER A 156 -54.29 -54.41 -49.96
CA SER A 156 -55.27 -53.33 -49.93
C SER A 156 -55.82 -53.09 -48.51
N THR A 157 -55.79 -54.14 -47.70
CA THR A 157 -56.50 -54.15 -46.42
C THR A 157 -55.58 -53.73 -45.28
N CYS A 158 -54.34 -53.37 -45.62
CA CYS A 158 -53.33 -53.02 -44.63
C CYS A 158 -53.83 -51.89 -43.72
N ALA A 159 -53.72 -52.10 -42.42
CA ALA A 159 -54.06 -51.08 -41.43
C ALA A 159 -53.35 -51.29 -40.09
N SER A 160 -53.31 -50.24 -39.27
CA SER A 160 -52.71 -50.32 -37.95
C SER A 160 -53.52 -51.22 -37.07
N THR A 161 -52.85 -51.98 -36.19
CA THR A 161 -53.55 -52.86 -35.28
C THR A 161 -54.66 -52.14 -34.53
N GLY A 162 -54.44 -50.88 -34.21
CA GLY A 162 -55.42 -50.13 -33.46
C GLY A 162 -56.51 -49.51 -34.31
N SER A 163 -56.56 -49.85 -35.59
CA SER A 163 -57.46 -49.10 -36.47
C SER A 163 -58.89 -49.50 -36.18
N VAL A 164 -59.85 -48.89 -36.87
CA VAL A 164 -61.22 -49.21 -36.57
C VAL A 164 -61.51 -50.61 -37.11
N GLN A 165 -61.08 -50.92 -38.34
CA GLN A 165 -61.02 -52.31 -38.73
C GLN A 165 -59.98 -52.98 -37.82
N TRP A 166 -60.07 -54.27 -37.63
CA TRP A 166 -59.24 -55.06 -36.70
C TRP A 166 -59.68 -54.86 -35.24
N ASN A 167 -60.68 -54.01 -35.02
CA ASN A 167 -61.25 -53.82 -33.68
C ASN A 167 -61.63 -55.16 -33.02
N LYS A 168 -62.15 -56.08 -33.84
CA LYS A 168 -62.45 -57.45 -33.42
C LYS A 168 -61.25 -58.11 -32.76
N TYR A 169 -60.11 -58.05 -33.42
CA TYR A 169 -58.92 -58.68 -32.88
C TYR A 169 -58.13 -57.80 -31.87
N PHE A 170 -57.94 -56.52 -32.21
CA PHE A 170 -57.13 -55.63 -31.37
C PHE A 170 -57.84 -54.55 -30.51
N LEU A 171 -59.13 -54.35 -30.71
CA LEU A 171 -59.92 -53.41 -29.87
C LEU A 171 -59.43 -51.95 -29.80
N GLY A 172 -58.74 -51.49 -30.83
CA GLY A 172 -58.39 -50.09 -30.93
C GLY A 172 -57.06 -49.74 -30.27
N ARG A 173 -56.36 -50.74 -29.72
CA ARG A 173 -55.02 -50.52 -29.15
C ARG A 173 -53.92 -50.60 -30.22
N THR A 174 -53.20 -49.51 -30.40
CA THR A 174 -52.09 -49.52 -31.33
C THR A 174 -50.98 -50.39 -30.73
N ILE A 175 -50.35 -51.23 -31.55
CA ILE A 175 -49.11 -51.89 -31.15
C ILE A 175 -47.94 -51.40 -31.98
N THR A 176 -46.98 -50.76 -31.33
CA THR A 176 -45.83 -50.24 -32.04
C THR A 176 -44.82 -51.33 -32.30
N LEU A 177 -44.00 -51.13 -33.33
CA LEU A 177 -42.89 -52.02 -33.61
C LEU A 177 -41.76 -51.87 -32.59
N GLN A 178 -40.77 -52.74 -32.70
CA GLN A 178 -39.60 -52.60 -31.86
C GLN A 178 -38.65 -51.64 -32.53
N PRO A 179 -37.98 -50.80 -31.74
CA PRO A 179 -36.90 -49.94 -32.24
C PRO A 179 -35.94 -50.79 -33.06
N GLY A 180 -35.48 -50.27 -34.19
CA GLY A 180 -34.59 -51.01 -35.06
C GLY A 180 -35.29 -51.70 -36.23
N SER A 181 -36.59 -51.91 -36.08
CA SER A 181 -37.33 -52.60 -37.13
C SER A 181 -37.37 -51.66 -38.32
N PRO A 182 -37.24 -52.22 -39.54
CA PRO A 182 -37.38 -51.47 -40.80
C PRO A 182 -38.76 -50.83 -40.94
N CYS A 183 -38.86 -49.72 -41.68
CA CYS A 183 -40.16 -49.05 -41.86
C CYS A 183 -40.23 -48.28 -43.19
N ASN A 184 -41.46 -47.96 -43.62
CA ASN A 184 -41.74 -47.34 -44.94
C ASN A 184 -41.14 -48.14 -46.10
N ASP A 185 -41.47 -49.43 -46.10
CA ASP A 185 -41.05 -50.35 -47.15
C ASP A 185 -39.54 -50.34 -47.25
N PHE A 186 -38.89 -50.57 -46.12
CA PHE A 186 -37.44 -50.79 -46.04
C PHE A 186 -36.64 -49.57 -46.49
N ARG A 187 -37.26 -48.41 -46.39
CA ARG A 187 -36.57 -47.15 -46.58
C ARG A 187 -36.11 -46.45 -45.29
N GLY A 188 -36.31 -47.12 -44.15
CA GLY A 188 -36.25 -46.45 -42.85
C GLY A 188 -35.90 -47.38 -41.70
N TYR A 189 -35.67 -46.81 -40.52
CA TYR A 189 -35.70 -47.59 -39.28
C TYR A 189 -36.45 -46.90 -38.16
N CYS A 190 -37.04 -47.69 -37.27
CA CYS A 190 -37.79 -47.09 -36.17
C CYS A 190 -36.83 -46.72 -35.07
N ASP A 191 -36.91 -45.49 -34.58
CA ASP A 191 -36.08 -45.06 -33.49
C ASP A 191 -36.80 -45.35 -32.18
N VAL A 192 -36.21 -45.00 -31.04
CA VAL A 192 -36.81 -45.30 -29.74
C VAL A 192 -38.15 -44.60 -29.58
N PHE A 193 -38.36 -43.54 -30.36
CA PHE A 193 -39.54 -42.70 -30.22
C PHE A 193 -40.61 -43.14 -31.21
N MET A 194 -40.32 -44.22 -31.92
CA MET A 194 -41.26 -44.87 -32.80
C MET A 194 -41.61 -43.99 -33.99
N ARG A 195 -40.65 -43.18 -34.39
CA ARG A 195 -40.69 -42.52 -35.68
C ARG A 195 -39.86 -43.24 -36.72
N CYS A 196 -40.28 -43.16 -37.97
CA CYS A 196 -39.52 -43.79 -39.05
C CYS A 196 -38.47 -42.83 -39.59
N ARG A 197 -37.21 -43.17 -39.35
CA ARG A 197 -36.10 -42.34 -39.78
C ARG A 197 -35.64 -42.83 -41.16
N GLY A 198 -35.65 -41.92 -42.13
CA GLY A 198 -35.25 -42.22 -43.50
C GLY A 198 -33.84 -42.76 -43.47
N SER A 199 -33.51 -43.68 -44.38
CA SER A 199 -32.17 -44.21 -44.35
C SER A 199 -31.62 -44.35 -45.76
N ALA A 200 -30.29 -44.36 -45.89
CA ALA A 200 -29.62 -44.26 -47.19
C ALA A 200 -30.06 -45.34 -48.21
N SER A 201 -30.24 -44.93 -49.47
CA SER A 201 -30.35 -45.87 -50.60
C SER A 201 -29.02 -46.45 -51.07
N GLY A 202 -28.97 -47.75 -51.27
CA GLY A 202 -27.90 -48.36 -52.06
C GLY A 202 -26.89 -49.11 -51.19
N LEU A 203 -27.21 -49.27 -49.92
CA LEU A 203 -26.47 -50.16 -49.02
C LEU A 203 -26.41 -51.60 -49.52
N ASP B 1 -39.40 -48.63 -15.77
CA ASP B 1 -38.29 -48.03 -16.52
C ASP B 1 -37.06 -48.90 -16.36
N ILE B 2 -36.07 -48.64 -17.21
CA ILE B 2 -34.74 -49.20 -17.03
C ILE B 2 -33.96 -48.34 -16.04
N PHE B 3 -33.38 -48.96 -15.01
CA PHE B 3 -32.68 -48.18 -13.99
C PHE B 3 -31.16 -48.36 -14.06
N LEU B 4 -30.42 -47.31 -13.68
CA LEU B 4 -28.96 -47.31 -13.69
C LEU B 4 -28.43 -47.05 -12.31
N THR B 5 -27.37 -47.78 -11.93
CA THR B 5 -26.57 -47.38 -10.79
C THR B 5 -25.17 -46.99 -11.23
N GLN B 6 -24.59 -46.04 -10.51
CA GLN B 6 -23.18 -45.71 -10.70
C GLN B 6 -22.36 -46.01 -9.47
N SER B 7 -21.19 -46.58 -9.69
CA SER B 7 -20.22 -46.80 -8.62
C SER B 7 -18.82 -46.28 -9.00
N PRO B 8 -18.08 -45.83 -7.99
CA PRO B 8 -18.66 -45.45 -6.69
C PRO B 8 -19.32 -44.08 -6.79
N ALA B 9 -19.79 -43.56 -5.67
CA ALA B 9 -20.47 -42.26 -5.67
C ALA B 9 -19.49 -41.12 -5.86
N ASN B 10 -18.40 -41.16 -5.11
CA ASN B 10 -17.28 -40.28 -5.36
C ASN B 10 -15.99 -41.03 -5.52
N MET B 11 -15.03 -40.37 -6.13
CA MET B 11 -13.79 -41.03 -6.49
C MET B 11 -12.67 -40.03 -6.44
N SER B 12 -11.49 -40.47 -6.05
CA SER B 12 -10.45 -39.49 -5.74
C SER B 12 -9.10 -39.93 -6.28
N VAL B 13 -8.48 -39.08 -7.09
CA VAL B 13 -7.37 -39.53 -7.92
C VAL B 13 -6.32 -38.42 -8.11
N SER B 14 -5.05 -38.80 -8.10
CA SER B 14 -3.96 -37.86 -8.39
C SER B 14 -3.87 -37.53 -9.87
N PRO B 15 -3.46 -36.29 -10.18
CA PRO B 15 -3.34 -35.88 -11.59
C PRO B 15 -2.40 -36.80 -12.35
N GLY B 16 -2.84 -37.24 -13.52
CA GLY B 16 -1.98 -37.94 -14.46
C GLY B 16 -2.13 -39.44 -14.28
N GLU B 17 -2.75 -39.78 -13.16
CA GLU B 17 -3.27 -41.12 -12.98
C GLU B 17 -4.58 -41.39 -13.73
N ARG B 18 -5.04 -42.61 -13.62
CA ARG B 18 -6.13 -43.12 -14.45
C ARG B 18 -7.32 -43.31 -13.55
N VAL B 19 -8.51 -43.01 -14.04
CA VAL B 19 -9.68 -43.26 -13.22
C VAL B 19 -10.77 -43.96 -14.04
N SER B 20 -11.53 -44.83 -13.37
CA SER B 20 -12.59 -45.58 -14.06
C SER B 20 -13.94 -45.60 -13.31
N PHE B 21 -14.96 -45.06 -13.96
CA PHE B 21 -16.32 -45.05 -13.44
C PHE B 21 -17.15 -46.20 -13.96
N SER B 22 -18.02 -46.72 -13.09
CA SER B 22 -18.79 -47.92 -13.40
C SER B 22 -20.30 -47.64 -13.41
N CYS B 23 -20.97 -48.21 -14.40
CA CYS B 23 -22.40 -47.98 -14.62
C CYS B 23 -23.08 -49.31 -14.87
N ARG B 24 -24.14 -49.56 -14.10
CA ARG B 24 -24.89 -50.80 -14.10
C ARG B 24 -26.33 -50.57 -14.57
N ALA B 25 -26.76 -51.31 -15.59
CA ALA B 25 -28.13 -51.25 -16.04
C ALA B 25 -29.01 -52.39 -15.49
N SER B 26 -30.29 -52.11 -15.23
CA SER B 26 -31.15 -53.08 -14.57
C SER B 26 -31.71 -54.12 -15.54
N GLN B 27 -31.43 -53.95 -16.82
CA GLN B 27 -31.62 -55.01 -17.80
C GLN B 27 -30.71 -54.77 -19.00
N ASN B 28 -30.75 -55.67 -19.98
CA ASN B 28 -29.78 -55.60 -21.05
C ASN B 28 -30.21 -54.49 -21.99
N ILE B 29 -29.40 -53.45 -22.04
CA ILE B 29 -29.54 -52.33 -22.97
C ILE B 29 -28.61 -52.35 -24.17
N GLY B 30 -27.84 -53.42 -24.31
CA GLY B 30 -26.88 -53.49 -25.40
C GLY B 30 -25.77 -52.46 -25.26
N THR B 31 -25.52 -51.70 -26.33
CA THR B 31 -24.62 -50.56 -26.21
C THR B 31 -25.31 -49.22 -25.97
N ASN B 32 -26.64 -49.18 -25.77
CA ASN B 32 -27.23 -47.85 -25.87
C ASN B 32 -27.18 -47.15 -24.52
N ILE B 33 -26.08 -46.43 -24.34
CA ILE B 33 -25.85 -45.71 -23.12
C ILE B 33 -24.84 -44.66 -23.53
N HIS B 34 -24.84 -43.53 -22.84
CA HIS B 34 -23.95 -42.47 -23.20
C HIS B 34 -23.46 -41.85 -21.91
N TRP B 35 -22.40 -41.06 -22.02
CA TRP B 35 -21.73 -40.52 -20.84
C TRP B 35 -21.68 -39.01 -20.91
N TYR B 36 -21.94 -38.37 -19.78
CA TYR B 36 -21.95 -36.91 -19.71
C TYR B 36 -21.04 -36.41 -18.60
N GLN B 37 -20.42 -35.27 -18.83
CA GLN B 37 -19.62 -34.58 -17.82
C GLN B 37 -20.36 -33.30 -17.46
N GLN B 38 -20.59 -33.07 -16.17
CA GLN B 38 -21.06 -31.78 -15.71
C GLN B 38 -20.15 -31.13 -14.70
N ARG B 39 -19.46 -30.08 -15.13
CA ARG B 39 -18.67 -29.22 -14.23
C ARG B 39 -19.61 -28.36 -13.44
N THR B 40 -19.07 -27.76 -12.38
CA THR B 40 -19.86 -26.90 -11.52
C THR B 40 -20.47 -25.73 -12.29
N ASN B 41 -21.77 -25.50 -12.06
CA ASN B 41 -22.56 -24.45 -12.72
C ASN B 41 -22.63 -24.61 -14.23
N GLY B 42 -22.37 -25.81 -14.71
CA GLY B 42 -22.29 -26.04 -16.13
C GLY B 42 -23.48 -26.81 -16.62
N SER B 43 -23.63 -26.90 -17.94
CA SER B 43 -24.49 -27.88 -18.55
C SER B 43 -23.84 -29.24 -18.66
N PRO B 44 -24.66 -30.31 -18.67
CA PRO B 44 -24.14 -31.60 -19.14
C PRO B 44 -23.49 -31.50 -20.51
N ARG B 45 -22.46 -32.31 -20.73
CA ARG B 45 -21.64 -32.27 -21.93
C ARG B 45 -21.42 -33.73 -22.38
N LEU B 46 -21.75 -34.05 -23.63
CA LEU B 46 -21.67 -35.43 -24.08
C LEU B 46 -20.21 -35.88 -24.28
N LEU B 47 -19.79 -36.96 -23.61
CA LEU B 47 -18.40 -37.46 -23.68
C LEU B 47 -18.28 -38.62 -24.66
N ILE B 48 -19.03 -39.68 -24.38
CA ILE B 48 -19.01 -40.90 -25.17
C ILE B 48 -20.45 -41.32 -25.51
N LYS B 49 -20.65 -41.82 -26.72
CA LYS B 49 -21.95 -42.39 -27.06
C LYS B 49 -21.80 -43.88 -27.34
N TYR B 50 -22.80 -44.69 -26.98
CA TYR B 50 -22.99 -46.00 -27.59
C TYR B 50 -21.81 -46.99 -27.45
N ALA B 51 -21.52 -47.52 -26.27
CA ALA B 51 -20.79 -46.88 -25.18
C ALA B 51 -19.27 -46.84 -25.34
N SER B 52 -18.76 -47.18 -26.52
CA SER B 52 -17.34 -46.92 -26.82
C SER B 52 -17.00 -45.68 -27.64
N GLU B 53 -17.98 -44.96 -28.16
CA GLU B 53 -17.73 -44.19 -29.38
C GLU B 53 -17.45 -42.72 -29.12
N SER B 54 -16.50 -42.17 -29.85
CA SER B 54 -15.90 -40.89 -29.53
C SER B 54 -16.73 -39.75 -30.08
N ILE B 55 -16.71 -38.62 -29.38
CA ILE B 55 -17.42 -37.41 -29.82
C ILE B 55 -16.44 -36.32 -30.28
N SER B 56 -16.76 -35.71 -31.42
CA SER B 56 -15.89 -34.71 -32.01
C SER B 56 -15.61 -33.59 -31.01
N GLY B 57 -14.32 -33.34 -30.75
CA GLY B 57 -13.95 -32.23 -29.89
C GLY B 57 -13.79 -32.66 -28.45
N ILE B 58 -14.06 -33.93 -28.18
CA ILE B 58 -13.77 -34.44 -26.84
C ILE B 58 -12.33 -34.91 -26.75
N PRO B 59 -11.65 -34.56 -25.66
CA PRO B 59 -10.28 -35.03 -25.47
C PRO B 59 -10.19 -36.54 -25.59
N SER B 60 -9.08 -37.03 -26.10
CA SER B 60 -8.96 -38.45 -26.41
C SER B 60 -8.72 -39.27 -25.16
N ARG B 61 -8.29 -38.60 -24.09
CA ARG B 61 -8.07 -39.30 -22.82
C ARG B 61 -9.37 -39.87 -22.23
N PHE B 62 -10.51 -39.52 -22.83
CA PHE B 62 -11.81 -40.08 -22.47
C PHE B 62 -12.13 -41.28 -23.34
N SER B 63 -12.36 -42.42 -22.70
CA SER B 63 -12.79 -43.62 -23.42
C SER B 63 -13.89 -44.38 -22.68
N GLY B 64 -14.55 -45.30 -23.37
CA GLY B 64 -15.47 -46.17 -22.66
C GLY B 64 -15.58 -47.54 -23.26
N SER B 65 -16.06 -48.47 -22.46
CA SER B 65 -16.47 -49.76 -22.99
C SER B 65 -17.64 -50.29 -22.22
N GLY B 66 -18.27 -51.31 -22.77
CA GLY B 66 -19.14 -52.14 -21.97
C GLY B 66 -20.20 -52.70 -22.88
N SER B 67 -21.06 -53.57 -22.34
CA SER B 67 -22.15 -54.11 -23.15
C SER B 67 -23.09 -54.94 -22.30
N GLY B 68 -24.32 -55.12 -22.78
CA GLY B 68 -25.31 -55.73 -21.89
C GLY B 68 -25.64 -54.82 -20.74
N THR B 69 -25.35 -55.27 -19.51
CA THR B 69 -25.65 -54.49 -18.30
C THR B 69 -24.53 -53.66 -17.62
N ASP B 70 -23.31 -53.71 -18.16
CA ASP B 70 -22.14 -53.19 -17.43
C ASP B 70 -21.23 -52.37 -18.32
N PHE B 71 -20.91 -51.17 -17.85
CA PHE B 71 -20.26 -50.14 -18.65
C PHE B 71 -19.29 -49.36 -17.81
N ILE B 72 -18.23 -48.90 -18.47
CA ILE B 72 -17.17 -48.16 -17.81
C ILE B 72 -16.74 -46.99 -18.66
N LEU B 73 -16.71 -45.83 -18.02
CA LEU B 73 -16.06 -44.65 -18.58
C LEU B 73 -14.70 -44.47 -17.93
N SER B 74 -13.67 -44.23 -18.72
CA SER B 74 -12.31 -44.06 -18.19
C SER B 74 -11.63 -42.76 -18.65
N ILE B 75 -10.95 -42.09 -17.71
CA ILE B 75 -9.99 -41.06 -18.07
C ILE B 75 -8.57 -41.58 -17.86
N ASN B 76 -7.80 -41.72 -18.94
CA ASN B 76 -6.47 -42.33 -18.77
C ASN B 76 -5.48 -41.45 -18.04
N THR B 77 -5.49 -40.17 -18.38
CA THR B 77 -4.64 -39.26 -17.66
C THR B 77 -5.49 -38.13 -17.14
N VAL B 78 -5.70 -38.10 -15.83
CA VAL B 78 -6.60 -37.11 -15.26
C VAL B 78 -5.86 -35.76 -15.28
N GLU B 79 -6.58 -34.70 -15.64
CA GLU B 79 -6.11 -33.34 -15.33
C GLU B 79 -7.06 -32.70 -14.34
N SER B 80 -6.75 -31.50 -13.88
CA SER B 80 -7.51 -30.98 -12.76
C SER B 80 -8.77 -30.25 -13.25
N GLU B 81 -8.91 -30.08 -14.56
CA GLU B 81 -10.12 -29.47 -15.12
C GLU B 81 -11.15 -30.57 -15.33
N ASP B 82 -10.79 -31.79 -14.96
CA ASP B 82 -11.66 -32.93 -15.18
C ASP B 82 -12.50 -33.15 -13.95
N ILE B 83 -12.23 -32.36 -12.92
CA ILE B 83 -13.15 -32.24 -11.81
C ILE B 83 -14.54 -31.90 -12.38
N ALA B 84 -15.53 -32.69 -11.99
CA ALA B 84 -16.90 -32.66 -12.53
C ALA B 84 -17.69 -33.79 -11.88
N VAL B 85 -18.98 -33.84 -12.13
CA VAL B 85 -19.76 -35.07 -11.93
C VAL B 85 -20.03 -35.80 -13.26
N TYR B 86 -19.91 -37.12 -13.29
CA TYR B 86 -20.04 -37.88 -14.52
C TYR B 86 -21.31 -38.75 -14.47
N PHE B 87 -22.13 -38.69 -15.52
CA PHE B 87 -23.43 -39.39 -15.55
C PHE B 87 -23.46 -40.41 -16.68
N CYS B 88 -23.95 -41.61 -16.41
CA CYS B 88 -24.42 -42.44 -17.51
C CYS B 88 -25.92 -42.26 -17.71
N GLN B 89 -26.33 -42.34 -18.97
CA GLN B 89 -27.73 -42.21 -19.34
C GLN B 89 -28.06 -43.33 -20.32
N GLN B 90 -29.22 -43.99 -20.15
CA GLN B 90 -29.65 -45.00 -21.14
C GLN B 90 -30.67 -44.47 -22.13
N SER B 91 -30.42 -44.75 -23.40
CA SER B 91 -31.38 -44.51 -24.48
C SER B 91 -32.15 -45.72 -24.96
N ASN B 92 -32.05 -46.83 -24.25
CA ASN B 92 -32.53 -48.07 -24.84
C ASN B 92 -34.05 -48.13 -24.96
N ARG B 93 -34.74 -47.68 -23.92
CA ARG B 93 -36.14 -47.33 -24.02
C ARG B 93 -36.37 -45.98 -23.36
N TRP B 94 -37.37 -45.24 -23.83
CA TRP B 94 -37.85 -44.10 -23.07
C TRP B 94 -38.92 -44.52 -22.08
N PRO B 95 -39.08 -43.76 -20.99
CA PRO B 95 -38.34 -42.57 -20.53
C PRO B 95 -36.86 -42.85 -20.27
N PHE B 96 -36.00 -41.98 -20.76
CA PHE B 96 -34.57 -42.10 -20.59
C PHE B 96 -34.24 -41.87 -19.15
N THR B 97 -33.24 -42.58 -18.64
CA THR B 97 -32.92 -42.54 -17.22
C THR B 97 -31.40 -42.32 -17.00
N PHE B 98 -31.05 -41.69 -15.89
CA PHE B 98 -29.66 -41.33 -15.64
C PHE B 98 -29.24 -42.11 -14.42
N GLY B 99 -27.98 -42.55 -14.43
CA GLY B 99 -27.33 -42.98 -13.21
C GLY B 99 -27.17 -41.77 -12.33
N SER B 100 -26.93 -41.97 -11.05
CA SER B 100 -26.98 -40.83 -10.14
C SER B 100 -25.65 -40.06 -10.10
N GLY B 101 -24.67 -40.52 -10.87
CA GLY B 101 -23.47 -39.75 -11.11
C GLY B 101 -22.34 -40.18 -10.20
N THR B 102 -21.11 -40.10 -10.69
CA THR B 102 -19.93 -40.11 -9.82
C THR B 102 -19.18 -38.79 -9.86
N LYS B 103 -18.90 -38.23 -8.69
CA LYS B 103 -18.04 -37.05 -8.57
C LYS B 103 -16.51 -37.36 -8.59
N LEU B 104 -15.76 -36.65 -9.45
CA LEU B 104 -14.30 -36.74 -9.45
C LEU B 104 -13.58 -35.68 -8.59
N GLU B 105 -12.86 -36.13 -7.58
CA GLU B 105 -11.86 -35.29 -6.90
C GLU B 105 -10.46 -35.50 -7.41
N VAL B 106 -9.74 -34.40 -7.57
CA VAL B 106 -8.33 -34.48 -7.87
C VAL B 106 -7.49 -34.20 -6.63
N ILE B 107 -6.63 -35.15 -6.29
CA ILE B 107 -5.75 -35.05 -5.13
C ILE B 107 -4.64 -34.03 -5.36
N ARG B 108 -4.30 -33.28 -4.32
CA ARG B 108 -3.11 -32.45 -4.34
C ARG B 108 -2.46 -32.44 -2.97
N ALA B 109 -1.31 -31.78 -2.86
CA ALA B 109 -0.66 -31.60 -1.57
C ALA B 109 -1.61 -30.93 -0.57
N ASP B 110 -1.45 -31.23 0.71
CA ASP B 110 -2.29 -30.63 1.75
C ASP B 110 -2.13 -29.10 1.79
N ALA B 111 -3.21 -28.38 2.06
CA ALA B 111 -3.09 -26.95 2.31
C ALA B 111 -3.90 -26.57 3.53
N ALA B 112 -3.32 -25.74 4.39
CA ALA B 112 -4.09 -25.18 5.49
C ALA B 112 -4.94 -24.02 4.99
N PRO B 113 -6.14 -23.88 5.55
CA PRO B 113 -7.00 -22.76 5.20
C PRO B 113 -6.28 -21.46 5.50
N THR B 114 -6.34 -20.49 4.60
CA THR B 114 -6.12 -19.10 4.94
C THR B 114 -7.39 -18.52 5.56
N VAL B 115 -7.30 -18.12 6.81
CA VAL B 115 -8.45 -17.66 7.52
C VAL B 115 -8.51 -16.15 7.68
N SER B 116 -9.58 -15.53 7.22
CA SER B 116 -9.77 -14.10 7.47
C SER B 116 -11.07 -13.84 8.20
N ILE B 117 -11.03 -12.91 9.15
CA ILE B 117 -12.22 -12.43 9.82
C ILE B 117 -12.56 -11.01 9.39
N PHE B 118 -13.83 -10.70 9.29
CA PHE B 118 -14.20 -9.33 8.99
C PHE B 118 -15.31 -8.85 9.92
N PRO B 119 -15.16 -7.62 10.43
CA PRO B 119 -16.15 -6.91 11.23
C PRO B 119 -17.25 -6.36 10.36
N PRO B 120 -18.43 -6.08 10.95
CA PRO B 120 -19.53 -5.33 10.34
C PRO B 120 -19.07 -4.00 9.72
N SER B 121 -19.63 -3.68 8.57
CA SER B 121 -19.31 -2.43 7.87
C SER B 121 -19.94 -1.21 8.56
N SER B 122 -19.43 -0.02 8.26
CA SER B 122 -20.06 1.23 8.70
C SER B 122 -21.54 1.28 8.32
N GLU B 123 -21.82 1.05 7.03
CA GLU B 123 -23.18 1.09 6.52
C GLU B 123 -24.06 0.21 7.38
N GLN B 124 -23.61 -1.03 7.60
CA GLN B 124 -24.50 -2.02 8.16
C GLN B 124 -24.82 -1.68 9.61
N LEU B 125 -23.84 -1.09 10.28
CA LEU B 125 -24.04 -0.65 11.64
C LEU B 125 -24.99 0.55 11.72
N THR B 126 -24.88 1.49 10.78
CA THR B 126 -25.86 2.58 10.71
C THR B 126 -27.25 2.07 10.37
N SER B 127 -27.32 0.90 9.74
CA SER B 127 -28.59 0.32 9.30
C SER B 127 -29.25 -0.53 10.40
N GLY B 128 -28.53 -0.84 11.46
CA GLY B 128 -29.10 -1.57 12.57
C GLY B 128 -29.06 -3.09 12.51
N GLY B 129 -28.07 -3.64 11.83
CA GLY B 129 -27.65 -5.01 12.07
C GLY B 129 -26.15 -5.20 11.92
N ALA B 130 -25.65 -6.38 12.30
CA ALA B 130 -24.20 -6.60 12.33
C ALA B 130 -23.84 -7.99 11.84
N SER B 131 -23.00 -8.05 10.82
CA SER B 131 -22.56 -9.35 10.34
C SER B 131 -21.05 -9.47 10.43
N VAL B 132 -20.59 -10.52 11.10
CA VAL B 132 -19.19 -10.91 11.04
C VAL B 132 -18.97 -12.02 10.03
N VAL B 133 -18.01 -11.83 9.15
CA VAL B 133 -17.78 -12.83 8.10
C VAL B 133 -16.39 -13.47 8.25
N CYS B 134 -16.38 -14.79 8.32
CA CYS B 134 -15.14 -15.52 8.34
C CYS B 134 -14.94 -16.31 7.07
N PHE B 135 -13.91 -16.06 6.32
CA PHE B 135 -13.47 -16.96 5.26
C PHE B 135 -12.45 -17.99 5.76
N LEU B 136 -12.50 -19.19 5.19
CA LEU B 136 -11.50 -20.23 5.32
C LEU B 136 -11.14 -20.73 3.96
N ASN B 137 -10.06 -20.25 3.42
CA ASN B 137 -9.85 -20.26 1.97
C ASN B 137 -8.73 -21.19 1.49
N ASN B 138 -8.98 -21.86 0.36
CA ASN B 138 -7.95 -22.57 -0.39
C ASN B 138 -7.23 -23.66 0.41
N PHE B 139 -7.99 -24.61 0.94
CA PHE B 139 -7.43 -25.68 1.72
C PHE B 139 -7.68 -27.01 1.02
N TYR B 140 -6.85 -27.98 1.33
CA TYR B 140 -7.10 -29.35 1.00
C TYR B 140 -6.51 -30.14 2.16
N PRO B 141 -7.12 -31.27 2.52
CA PRO B 141 -8.32 -31.90 1.96
C PRO B 141 -9.60 -31.27 2.49
N LYS B 142 -10.74 -31.90 2.21
CA LYS B 142 -12.04 -31.22 2.07
C LYS B 142 -12.65 -30.93 3.43
N ASP B 143 -12.38 -31.77 4.41
CA ASP B 143 -13.13 -31.76 5.66
C ASP B 143 -12.57 -30.72 6.61
N ILE B 144 -13.45 -29.98 7.27
CA ILE B 144 -13.04 -28.82 8.04
C ILE B 144 -14.07 -28.56 9.14
N ASN B 145 -13.71 -27.76 10.14
CA ASN B 145 -14.72 -27.25 11.06
C ASN B 145 -14.55 -25.76 11.27
N VAL B 146 -15.62 -25.06 11.52
CA VAL B 146 -15.47 -23.72 11.95
C VAL B 146 -16.18 -23.58 13.26
N LYS B 147 -15.64 -22.74 14.12
CA LYS B 147 -16.25 -22.48 15.39
C LYS B 147 -16.29 -21.00 15.57
N TRP B 148 -17.27 -20.52 16.29
CA TRP B 148 -17.35 -19.11 16.58
C TRP B 148 -17.25 -18.90 18.11
N LYS B 149 -16.50 -17.90 18.54
CA LYS B 149 -16.47 -17.48 19.95
C LYS B 149 -16.68 -15.97 20.09
N ILE B 150 -17.65 -15.60 20.91
CA ILE B 150 -17.85 -14.21 21.29
C ILE B 150 -17.37 -13.98 22.72
N ASP B 151 -16.35 -13.13 22.87
CA ASP B 151 -15.74 -12.88 24.17
C ASP B 151 -15.35 -14.18 24.89
N GLY B 152 -14.96 -15.19 24.11
CA GLY B 152 -14.44 -16.42 24.67
C GLY B 152 -15.48 -17.53 24.72
N SER B 153 -16.65 -17.26 24.17
CA SER B 153 -17.81 -18.13 24.36
C SER B 153 -18.46 -18.61 23.05
N GLU B 154 -18.76 -19.91 22.97
CA GLU B 154 -19.07 -20.55 21.69
C GLU B 154 -20.55 -20.42 21.30
N ARG B 155 -20.79 -19.73 20.19
CA ARG B 155 -22.12 -19.26 19.82
C ARG B 155 -22.64 -20.03 18.60
N GLN B 156 -23.66 -20.86 18.81
CA GLN B 156 -24.11 -21.76 17.75
C GLN B 156 -25.26 -21.20 16.89
N ASN B 157 -25.83 -20.08 17.35
CA ASN B 157 -27.04 -19.50 16.74
C ASN B 157 -26.71 -18.29 15.88
N GLY B 158 -27.18 -18.31 14.63
CA GLY B 158 -26.98 -17.20 13.73
C GLY B 158 -25.85 -17.45 12.75
N VAL B 159 -25.40 -18.71 12.68
CA VAL B 159 -24.23 -19.08 11.90
C VAL B 159 -24.62 -19.77 10.60
N LEU B 160 -24.33 -19.11 9.49
CA LEU B 160 -24.67 -19.64 8.19
C LEU B 160 -23.42 -19.95 7.37
N ASN B 161 -23.30 -21.23 7.03
CA ASN B 161 -22.09 -21.76 6.42
C ASN B 161 -22.32 -22.11 4.96
N SER B 162 -21.29 -21.91 4.16
CA SER B 162 -21.34 -22.17 2.75
C SER B 162 -20.00 -22.76 2.34
N TRP B 163 -20.05 -23.76 1.46
CA TRP B 163 -18.85 -24.44 0.99
C TRP B 163 -18.77 -24.38 -0.54
N THR B 164 -17.59 -24.08 -1.08
CA THR B 164 -17.36 -24.19 -2.52
C THR B 164 -17.12 -25.64 -2.97
N ASP B 165 -17.38 -25.92 -4.23
CA ASP B 165 -16.86 -27.12 -4.86
C ASP B 165 -15.35 -27.00 -5.02
N GLN B 166 -14.73 -28.05 -5.58
CA GLN B 166 -13.28 -28.07 -5.77
C GLN B 166 -12.88 -27.12 -6.88
N ASP B 167 -11.75 -26.45 -6.73
CA ASP B 167 -11.31 -25.48 -7.71
C ASP B 167 -10.51 -26.11 -8.85
N SER B 168 -10.81 -25.79 -10.10
CA SER B 168 -10.20 -26.51 -11.22
C SER B 168 -8.74 -26.12 -11.54
N LYS B 169 -8.32 -24.89 -11.21
CA LYS B 169 -6.88 -24.56 -11.26
C LYS B 169 -6.11 -25.06 -10.02
N ASP B 170 -6.70 -24.77 -8.87
CA ASP B 170 -6.08 -24.76 -7.56
C ASP B 170 -6.07 -26.16 -6.97
N SER B 171 -7.15 -26.88 -7.26
CA SER B 171 -7.53 -28.12 -6.60
C SER B 171 -7.87 -28.01 -5.13
N THR B 172 -8.30 -26.85 -4.68
CA THR B 172 -8.58 -26.69 -3.24
C THR B 172 -10.07 -26.50 -2.97
N TYR B 173 -10.38 -26.29 -1.70
CA TYR B 173 -11.74 -26.06 -1.27
C TYR B 173 -11.77 -24.82 -0.42
N SER B 174 -12.86 -24.06 -0.48
CA SER B 174 -13.01 -22.92 0.41
C SER B 174 -14.36 -22.93 1.09
N MET B 175 -14.44 -22.19 2.19
CA MET B 175 -15.65 -22.14 3.01
C MET B 175 -15.81 -20.73 3.58
N SER B 176 -17.04 -20.20 3.54
CA SER B 176 -17.33 -19.04 4.37
C SER B 176 -18.30 -19.41 5.48
N SER B 177 -18.19 -18.68 6.58
CA SER B 177 -19.04 -18.84 7.73
C SER B 177 -19.46 -17.43 8.17
N THR B 178 -20.76 -17.19 8.29
CA THR B 178 -21.27 -15.85 8.52
C THR B 178 -22.07 -15.83 9.81
N LEU B 179 -21.63 -15.02 10.76
CA LEU B 179 -22.36 -14.82 12.00
C LEU B 179 -23.17 -13.52 11.98
N THR B 180 -24.46 -13.61 12.29
CA THR B 180 -25.35 -12.48 12.07
C THR B 180 -26.13 -12.10 13.32
N LEU B 181 -26.03 -10.83 13.69
CA LEU B 181 -26.51 -10.35 14.97
C LEU B 181 -27.31 -9.08 14.74
N THR B 182 -28.15 -8.72 15.70
CA THR B 182 -28.59 -7.33 15.83
C THR B 182 -27.44 -6.44 16.25
N LYS B 183 -27.47 -5.19 15.78
CA LYS B 183 -26.53 -4.15 16.19
C LYS B 183 -26.45 -4.07 17.70
N ASP B 184 -27.60 -4.22 18.35
CA ASP B 184 -27.67 -4.25 19.81
C ASP B 184 -26.86 -5.41 20.37
N GLU B 185 -27.19 -6.64 19.97
CA GLU B 185 -26.58 -7.82 20.57
C GLU B 185 -25.09 -7.90 20.25
N TYR B 186 -24.72 -7.41 19.08
CA TYR B 186 -23.34 -7.19 18.71
C TYR B 186 -22.65 -6.22 19.65
N GLU B 187 -23.35 -5.14 19.99
CA GLU B 187 -22.72 -4.05 20.74
C GLU B 187 -22.72 -4.28 22.26
N ARG B 188 -23.24 -5.43 22.68
CA ARG B 188 -22.98 -5.92 24.02
C ARG B 188 -21.52 -6.32 24.20
N HIS B 189 -20.93 -6.90 23.16
CA HIS B 189 -19.67 -7.61 23.34
C HIS B 189 -18.51 -6.92 22.63
N ASN B 190 -17.33 -7.52 22.74
CA ASN B 190 -16.07 -6.84 22.43
C ASN B 190 -15.18 -7.61 21.47
N SER B 191 -14.80 -8.82 21.87
CA SER B 191 -13.86 -9.61 21.09
C SER B 191 -14.58 -10.73 20.34
N TYR B 192 -14.45 -10.69 19.03
CA TYR B 192 -15.24 -11.55 18.20
C TYR B 192 -14.31 -12.46 17.51
N THR B 193 -14.46 -13.76 17.67
CA THR B 193 -13.49 -14.66 17.07
C THR B 193 -14.06 -15.91 16.35
N CYS B 194 -13.42 -16.27 15.25
CA CYS B 194 -13.73 -17.48 14.48
C CYS B 194 -12.52 -18.42 14.34
N GLU B 195 -12.73 -19.69 14.59
CA GLU B 195 -11.65 -20.65 14.56
C GLU B 195 -11.82 -21.85 13.62
N ALA B 196 -10.80 -22.16 12.83
CA ALA B 196 -10.85 -23.24 11.88
C ALA B 196 -10.15 -24.46 12.37
N THR B 197 -10.70 -25.63 12.13
CA THR B 197 -10.04 -26.85 12.55
C THR B 197 -9.92 -27.81 11.39
N HIS B 198 -8.68 -28.12 11.01
CA HIS B 198 -8.42 -28.84 9.77
C HIS B 198 -7.26 -29.78 10.00
N LYS B 199 -7.09 -30.78 9.15
CA LYS B 199 -6.17 -31.88 9.44
C LYS B 199 -4.72 -31.38 9.56
N THR B 200 -4.46 -30.23 8.96
CA THR B 200 -3.10 -29.80 8.71
C THR B 200 -2.57 -29.11 9.98
N SER B 201 -3.40 -29.11 11.02
CA SER B 201 -2.92 -28.71 12.35
C SER B 201 -3.58 -29.48 13.47
N THR B 202 -2.79 -29.84 14.47
CA THR B 202 -3.28 -30.34 15.74
C THR B 202 -4.20 -29.31 16.40
N SER B 203 -3.88 -28.03 16.23
CA SER B 203 -4.55 -26.94 16.96
C SER B 203 -5.26 -25.96 16.01
N PRO B 204 -6.38 -25.38 16.47
CA PRO B 204 -7.26 -24.63 15.58
C PRO B 204 -6.64 -23.30 15.17
N ILE B 205 -6.93 -22.86 13.95
CA ILE B 205 -6.50 -21.56 13.49
C ILE B 205 -7.45 -20.48 13.93
N VAL B 206 -6.93 -19.48 14.59
CA VAL B 206 -7.75 -18.49 15.21
C VAL B 206 -7.53 -17.14 14.65
N LYS B 207 -8.59 -16.48 14.24
CA LYS B 207 -8.53 -15.09 13.90
C LYS B 207 -9.60 -14.35 14.65
N SER B 208 -9.36 -13.09 14.95
CA SER B 208 -10.17 -12.37 15.92
C SER B 208 -10.15 -10.87 15.62
N PHE B 209 -11.09 -10.13 16.22
CA PHE B 209 -10.89 -8.70 16.42
C PHE B 209 -11.54 -8.19 17.70
N ASN B 210 -11.34 -6.90 17.98
CA ASN B 210 -12.14 -6.15 18.95
C ASN B 210 -12.91 -5.04 18.25
N ARG B 211 -14.08 -4.66 18.78
CA ARG B 211 -14.89 -3.66 18.10
C ARG B 211 -14.25 -2.28 18.19
N ASN B 212 -13.99 -1.69 17.01
CA ASN B 212 -13.33 -0.37 16.91
C ASN B 212 -14.04 0.55 15.91
N GLN C 1 -23.13 -23.14 -36.36
CA GLN C 1 -22.82 -24.01 -35.22
C GLN C 1 -24.06 -24.21 -34.35
N VAL C 2 -24.22 -25.42 -33.84
CA VAL C 2 -25.49 -25.83 -33.29
C VAL C 2 -25.64 -25.35 -31.84
N GLN C 3 -26.71 -24.63 -31.59
CA GLN C 3 -26.81 -23.90 -30.35
C GLN C 3 -28.29 -23.78 -29.91
N LEU C 4 -28.52 -23.90 -28.61
CA LEU C 4 -29.86 -23.80 -28.04
C LEU C 4 -29.93 -22.77 -26.91
N GLU C 5 -30.65 -21.68 -27.14
CA GLU C 5 -30.61 -20.57 -26.20
C GLU C 5 -31.89 -20.51 -25.37
N GLU C 6 -31.78 -20.52 -24.05
CA GLU C 6 -32.96 -20.66 -23.19
C GLU C 6 -33.32 -19.38 -22.47
N SER C 7 -34.61 -19.24 -22.16
CA SER C 7 -35.12 -18.10 -21.43
C SER C 7 -34.54 -18.07 -20.01
N GLY C 8 -34.58 -16.90 -19.38
CA GLY C 8 -33.88 -16.69 -18.13
C GLY C 8 -34.77 -16.98 -16.94
N ALA C 9 -34.25 -16.73 -15.74
CA ALA C 9 -34.75 -17.40 -14.55
C ALA C 9 -36.17 -16.97 -14.21
N GLU C 10 -37.02 -17.93 -13.86
CA GLU C 10 -38.38 -17.64 -13.49
C GLU C 10 -38.57 -17.74 -11.98
N LEU C 11 -39.27 -16.75 -11.43
CA LEU C 11 -39.95 -16.87 -10.15
C LEU C 11 -41.45 -16.96 -10.37
N ALA C 12 -42.11 -17.85 -9.65
CA ALA C 12 -43.49 -18.19 -9.95
C ALA C 12 -44.17 -18.55 -8.64
N ARG C 13 -45.43 -18.14 -8.50
CA ARG C 13 -46.13 -18.42 -7.26
C ARG C 13 -46.64 -19.86 -7.24
N PRO C 14 -46.81 -20.42 -6.03
CA PRO C 14 -47.44 -21.73 -5.94
C PRO C 14 -48.78 -21.66 -6.66
N GLY C 15 -49.10 -22.69 -7.46
CA GLY C 15 -50.38 -22.78 -8.12
C GLY C 15 -50.41 -22.14 -9.51
N SER C 16 -49.42 -21.30 -9.79
CA SER C 16 -49.35 -20.66 -11.10
C SER C 16 -48.66 -21.58 -12.11
N SER C 17 -48.31 -21.01 -13.25
CA SER C 17 -47.60 -21.75 -14.29
C SER C 17 -46.48 -20.91 -14.96
N VAL C 18 -45.53 -21.57 -15.63
CA VAL C 18 -44.50 -20.87 -16.40
C VAL C 18 -44.39 -21.40 -17.81
N LYS C 19 -43.93 -20.55 -18.72
CA LYS C 19 -43.60 -20.99 -20.07
C LYS C 19 -42.10 -20.87 -20.31
N LEU C 20 -41.39 -22.00 -20.35
CA LEU C 20 -39.95 -21.99 -20.57
C LEU C 20 -39.69 -22.17 -22.06
N SER C 21 -38.71 -21.44 -22.58
CA SER C 21 -38.42 -21.53 -24.02
C SER C 21 -36.98 -21.93 -24.37
N CYS C 22 -36.85 -22.57 -25.51
CA CYS C 22 -35.56 -23.00 -26.02
C CYS C 22 -35.46 -22.65 -27.49
N LYS C 23 -34.57 -21.73 -27.85
CA LYS C 23 -34.41 -21.34 -29.25
C LYS C 23 -33.32 -22.09 -29.97
N ALA C 24 -33.69 -22.80 -31.04
CA ALA C 24 -32.70 -23.54 -31.79
C ALA C 24 -32.15 -22.72 -32.93
N SER C 25 -30.83 -22.76 -33.08
CA SER C 25 -30.20 -22.34 -34.33
C SER C 25 -29.04 -23.27 -34.67
N GLY C 26 -28.66 -23.28 -35.94
CA GLY C 26 -27.41 -23.90 -36.37
C GLY C 26 -27.69 -25.20 -37.08
N TYR C 27 -28.96 -25.56 -37.11
CA TYR C 27 -29.38 -26.78 -37.78
C TYR C 27 -30.84 -26.67 -38.22
N THR C 28 -31.34 -27.72 -38.86
CA THR C 28 -32.73 -27.72 -39.25
C THR C 28 -33.56 -28.19 -38.07
N PHE C 29 -34.36 -27.27 -37.56
CA PHE C 29 -35.00 -27.43 -36.27
C PHE C 29 -35.84 -28.67 -36.30
N THR C 30 -36.34 -28.95 -37.48
CA THR C 30 -37.48 -29.79 -37.67
C THR C 30 -37.06 -31.23 -37.98
N ASN C 31 -35.73 -31.44 -38.00
CA ASN C 31 -35.10 -32.75 -38.18
C ASN C 31 -34.64 -33.50 -36.92
N TYR C 32 -34.88 -32.93 -35.73
CA TYR C 32 -34.33 -33.51 -34.51
C TYR C 32 -35.32 -33.45 -33.37
N TRP C 33 -35.48 -34.56 -32.66
CA TRP C 33 -36.17 -34.52 -31.37
C TRP C 33 -35.49 -33.57 -30.42
N LEU C 34 -36.31 -32.93 -29.60
CA LEU C 34 -35.85 -31.92 -28.68
C LEU C 34 -36.32 -32.33 -27.28
N GLN C 35 -35.41 -32.37 -26.31
CA GLN C 35 -35.71 -33.00 -25.03
C GLN C 35 -35.60 -32.10 -23.83
N TRP C 36 -36.37 -32.40 -22.79
CA TRP C 36 -36.33 -31.57 -21.61
C TRP C 36 -36.05 -32.40 -20.39
N VAL C 37 -35.19 -31.82 -19.53
CA VAL C 37 -34.56 -32.49 -18.41
C VAL C 37 -34.59 -31.58 -17.18
N LYS C 38 -34.99 -32.12 -16.04
CA LYS C 38 -35.01 -31.39 -14.79
C LYS C 38 -33.83 -31.83 -13.89
N GLN C 39 -33.23 -30.88 -13.19
CA GLN C 39 -32.25 -31.18 -12.17
C GLN C 39 -32.48 -30.29 -10.93
N ARG C 40 -32.82 -30.88 -9.78
CA ARG C 40 -32.87 -30.10 -8.52
C ARG C 40 -31.46 -29.82 -7.93
N THR C 41 -31.33 -28.72 -7.19
CA THR C 41 -30.02 -28.29 -6.71
C THR C 41 -29.45 -29.32 -5.73
N GLY C 42 -28.13 -29.46 -5.74
CA GLY C 42 -27.45 -30.22 -6.76
C GLY C 42 -27.68 -31.72 -6.66
N GLN C 43 -28.19 -32.28 -7.75
CA GLN C 43 -28.80 -33.61 -7.72
C GLN C 43 -28.89 -34.17 -9.12
N GLY C 44 -29.65 -35.26 -9.27
CA GLY C 44 -29.59 -36.07 -10.48
C GLY C 44 -30.30 -35.43 -11.65
N LEU C 45 -29.99 -35.92 -12.83
CA LEU C 45 -30.77 -35.57 -14.00
C LEU C 45 -32.04 -36.42 -14.13
N GLU C 46 -33.10 -35.77 -14.58
CA GLU C 46 -34.41 -36.40 -14.70
C GLU C 46 -35.02 -36.02 -16.03
N TRP C 47 -35.24 -37.01 -16.87
CA TRP C 47 -35.79 -36.78 -18.21
C TRP C 47 -37.28 -36.51 -18.07
N ILE C 48 -37.71 -35.36 -18.57
CA ILE C 48 -39.10 -34.92 -18.55
C ILE C 48 -39.76 -35.45 -19.80
N GLY C 49 -39.25 -35.07 -20.97
CA GLY C 49 -39.94 -35.48 -22.19
C GLY C 49 -39.26 -35.06 -23.48
N ALA C 50 -39.90 -35.31 -24.61
CA ALA C 50 -39.32 -34.96 -25.90
C ALA C 50 -40.43 -34.57 -26.87
N ILE C 51 -40.10 -33.74 -27.85
CA ILE C 51 -41.06 -33.35 -28.85
C ILE C 51 -40.34 -33.35 -30.17
N TYR C 52 -41.07 -33.66 -31.24
CA TYR C 52 -40.52 -33.70 -32.57
C TYR C 52 -41.12 -32.55 -33.37
N PRO C 53 -40.29 -31.54 -33.68
CA PRO C 53 -40.79 -30.23 -34.11
C PRO C 53 -41.50 -30.21 -35.47
N ARG C 54 -41.31 -31.25 -36.28
CA ARG C 54 -42.03 -31.35 -37.55
C ARG C 54 -43.54 -31.36 -37.35
N ASP C 55 -44.05 -32.41 -36.72
CA ASP C 55 -45.48 -32.47 -36.44
C ASP C 55 -45.90 -32.15 -35.01
N GLY C 56 -44.94 -31.84 -34.14
CA GLY C 56 -45.26 -31.51 -32.77
C GLY C 56 -45.65 -32.70 -31.90
N ASP C 57 -45.40 -33.91 -32.40
CA ASP C 57 -45.61 -35.15 -31.64
C ASP C 57 -44.75 -35.15 -30.37
N ALA C 58 -45.35 -35.53 -29.26
CA ALA C 58 -44.67 -35.42 -27.97
C ALA C 58 -44.69 -36.73 -27.18
N LYS C 59 -43.55 -37.04 -26.55
CA LYS C 59 -43.44 -38.13 -25.58
C LYS C 59 -43.15 -37.57 -24.20
N TYR C 60 -43.79 -38.13 -23.19
CA TYR C 60 -43.73 -37.59 -21.83
C TYR C 60 -43.34 -38.71 -20.90
N SER C 61 -42.54 -38.41 -19.91
CA SER C 61 -42.41 -39.32 -18.80
C SER C 61 -43.71 -39.37 -18.02
N GLN C 62 -44.14 -40.55 -17.61
CA GLN C 62 -45.39 -40.69 -16.87
C GLN C 62 -45.45 -39.73 -15.68
N LYS C 63 -44.32 -39.49 -15.04
CA LYS C 63 -44.26 -38.71 -13.82
C LYS C 63 -44.61 -37.24 -14.10
N PHE C 64 -44.27 -36.80 -15.32
CA PHE C 64 -44.44 -35.41 -15.66
C PHE C 64 -45.71 -35.08 -16.50
N LYS C 65 -46.50 -36.10 -16.80
CA LYS C 65 -47.63 -35.91 -17.70
C LYS C 65 -48.61 -34.89 -17.15
N ASP C 66 -48.78 -34.87 -15.84
CA ASP C 66 -49.72 -33.95 -15.22
C ASP C 66 -49.04 -32.59 -14.91
N LYS C 67 -47.78 -32.45 -15.32
CA LYS C 67 -46.96 -31.28 -14.97
C LYS C 67 -46.64 -30.41 -16.20
N ALA C 68 -46.07 -31.06 -17.22
CA ALA C 68 -45.38 -30.37 -18.30
C ALA C 68 -46.17 -30.45 -19.59
N SER C 69 -46.13 -29.38 -20.38
CA SER C 69 -46.72 -29.41 -21.72
C SER C 69 -45.76 -28.92 -22.80
N LEU C 70 -45.53 -29.75 -23.81
CA LEU C 70 -44.52 -29.45 -24.81
C LEU C 70 -45.14 -28.96 -26.11
N THR C 71 -44.61 -27.84 -26.61
CA THR C 71 -45.05 -27.31 -27.90
C THR C 71 -43.85 -26.82 -28.67
N VAL C 72 -44.05 -26.52 -29.95
CA VAL C 72 -43.07 -25.80 -30.75
C VAL C 72 -43.71 -24.70 -31.61
N ASN C 73 -42.98 -23.60 -31.79
CA ASN C 73 -43.11 -22.75 -32.97
C ASN C 73 -42.05 -23.08 -34.02
N GLU C 74 -42.49 -23.64 -35.11
CA GLU C 74 -41.59 -24.10 -36.15
C GLU C 74 -41.01 -22.92 -36.91
N SER C 75 -41.81 -21.87 -37.04
CA SER C 75 -41.36 -20.64 -37.69
C SER C 75 -40.14 -20.01 -36.99
N SER C 76 -40.21 -19.85 -35.67
CA SER C 76 -39.12 -19.21 -34.92
C SER C 76 -38.05 -20.22 -34.47
N SER C 77 -38.22 -21.48 -34.87
CA SER C 77 -37.43 -22.58 -34.36
C SER C 77 -37.33 -22.56 -32.85
N THR C 78 -38.46 -22.41 -32.17
CA THR C 78 -38.41 -22.35 -30.73
C THR C 78 -39.27 -23.46 -30.14
N ALA C 79 -38.81 -24.06 -29.05
CA ALA C 79 -39.55 -25.08 -28.34
C ALA C 79 -40.03 -24.49 -27.02
N TYR C 80 -41.16 -24.97 -26.52
CA TYR C 80 -41.66 -24.45 -25.26
C TYR C 80 -42.06 -25.60 -24.34
N MET C 81 -41.80 -25.42 -23.06
CA MET C 81 -42.37 -26.26 -22.02
C MET C 81 -43.15 -25.45 -21.01
N HIS C 82 -44.44 -25.74 -20.90
CA HIS C 82 -45.26 -25.14 -19.86
C HIS C 82 -45.22 -25.98 -18.60
N LEU C 83 -44.85 -25.40 -17.48
CA LEU C 83 -45.01 -26.10 -16.22
C LEU C 83 -46.18 -25.52 -15.49
N SER C 84 -47.11 -26.36 -15.06
CA SER C 84 -48.33 -25.82 -14.47
C SER C 84 -48.65 -26.42 -13.09
N ALA C 85 -49.52 -25.72 -12.38
CA ALA C 85 -49.89 -26.09 -11.01
C ALA C 85 -48.64 -26.22 -10.17
N LEU C 86 -47.94 -25.10 -10.02
CA LEU C 86 -46.53 -25.14 -9.65
C LEU C 86 -46.46 -25.30 -8.13
N ALA C 87 -45.67 -26.25 -7.69
CA ALA C 87 -45.38 -26.43 -6.27
C ALA C 87 -43.88 -26.27 -6.06
N SER C 88 -43.45 -26.41 -4.81
CA SER C 88 -42.04 -26.15 -4.52
C SER C 88 -41.15 -27.25 -5.11
N GLU C 89 -41.69 -28.46 -5.19
CA GLU C 89 -40.94 -29.58 -5.75
C GLU C 89 -40.65 -29.36 -7.22
N ASP C 90 -41.23 -28.31 -7.78
CA ASP C 90 -40.93 -27.98 -9.16
C ASP C 90 -39.71 -27.03 -9.25
N SER C 91 -39.22 -26.51 -8.12
CA SER C 91 -38.02 -25.65 -8.16
C SER C 91 -36.78 -26.47 -8.54
N ALA C 92 -36.12 -26.03 -9.60
CA ALA C 92 -35.18 -26.87 -10.32
C ALA C 92 -34.58 -26.08 -11.48
N VAL C 93 -33.50 -26.61 -12.03
CA VAL C 93 -32.99 -26.11 -13.29
C VAL C 93 -33.51 -26.99 -14.39
N TYR C 94 -33.90 -26.39 -15.51
CA TYR C 94 -34.50 -27.14 -16.61
C TYR C 94 -33.68 -26.93 -17.88
N TYR C 95 -33.16 -28.02 -18.44
CA TYR C 95 -32.40 -27.94 -19.67
C TYR C 95 -33.26 -28.40 -20.82
N CYS C 96 -33.15 -27.73 -21.96
CA CYS C 96 -33.44 -28.39 -23.23
C CYS C 96 -32.17 -28.96 -23.84
N ALA C 97 -32.30 -30.09 -24.54
CA ALA C 97 -31.16 -30.70 -25.20
C ALA C 97 -31.56 -31.37 -26.51
N ARG C 98 -30.72 -31.27 -27.54
CA ARG C 98 -31.02 -31.91 -28.81
C ARG C 98 -30.72 -33.41 -28.81
N ALA C 99 -31.66 -34.21 -29.32
CA ALA C 99 -31.42 -35.63 -29.52
C ALA C 99 -30.66 -35.89 -30.82
N ASN C 100 -29.60 -36.70 -30.77
CA ASN C 100 -28.84 -36.99 -31.98
C ASN C 100 -28.15 -38.36 -31.96
N TYR C 101 -27.65 -38.77 -33.12
CA TYR C 101 -27.01 -40.07 -33.31
C TYR C 101 -27.98 -41.20 -33.07
N GLY C 102 -28.90 -41.37 -34.02
CA GLY C 102 -29.99 -42.31 -33.88
C GLY C 102 -29.42 -43.71 -33.85
N LEU C 103 -30.25 -44.72 -33.59
CA LEU C 103 -31.68 -44.55 -33.38
C LEU C 103 -32.00 -44.34 -31.91
N TYR C 104 -31.02 -44.57 -31.03
CA TYR C 104 -31.25 -44.41 -29.61
C TYR C 104 -30.42 -43.24 -29.09
N TYR C 105 -31.04 -42.08 -28.93
CA TYR C 105 -30.36 -40.81 -29.18
C TYR C 105 -29.54 -40.46 -27.96
N ALA C 106 -28.35 -39.91 -28.16
CA ALA C 106 -27.71 -39.16 -27.07
C ALA C 106 -28.23 -37.73 -27.08
N MET C 107 -27.93 -36.97 -26.03
CA MET C 107 -28.21 -35.55 -26.07
C MET C 107 -26.93 -34.77 -26.35
N ASP C 108 -26.80 -34.33 -27.59
CA ASP C 108 -25.50 -33.91 -28.09
C ASP C 108 -25.24 -32.41 -27.85
N ARG C 109 -26.29 -31.65 -27.55
CA ARG C 109 -26.18 -30.20 -27.34
C ARG C 109 -27.16 -29.71 -26.30
N TRP C 110 -26.75 -28.81 -25.42
CA TRP C 110 -27.61 -28.42 -24.31
C TRP C 110 -27.79 -26.90 -24.20
N GLY C 111 -28.96 -26.46 -23.79
CA GLY C 111 -29.09 -25.08 -23.35
C GLY C 111 -28.43 -24.88 -22.00
N GLN C 112 -28.37 -23.62 -21.57
CA GLN C 112 -27.64 -23.25 -20.35
C GLN C 112 -28.46 -23.63 -19.14
N GLY C 113 -29.71 -24.03 -19.37
CA GLY C 113 -30.66 -24.17 -18.30
C GLY C 113 -31.44 -22.92 -18.00
N THR C 114 -32.66 -23.11 -17.51
CA THR C 114 -33.46 -22.05 -16.93
C THR C 114 -33.74 -22.42 -15.48
N SER C 115 -33.52 -21.50 -14.55
CA SER C 115 -33.74 -21.82 -13.16
C SER C 115 -35.14 -21.38 -12.79
N VAL C 116 -36.01 -22.32 -12.45
CA VAL C 116 -37.35 -21.98 -11.94
C VAL C 116 -37.41 -21.99 -10.41
N THR C 117 -37.92 -20.91 -9.82
CA THR C 117 -38.15 -20.90 -8.38
C THR C 117 -39.62 -20.72 -8.06
N VAL C 118 -40.16 -21.63 -7.26
CA VAL C 118 -41.55 -21.58 -6.89
C VAL C 118 -41.68 -21.24 -5.41
N SER C 119 -42.10 -20.00 -5.12
CA SER C 119 -42.17 -19.52 -3.75
C SER C 119 -43.24 -18.45 -3.62
N SER C 120 -43.78 -18.29 -2.42
CA SER C 120 -44.73 -17.22 -2.16
C SER C 120 -43.98 -15.93 -1.90
N ALA C 121 -42.69 -16.06 -1.62
CA ALA C 121 -41.91 -14.96 -1.05
C ALA C 121 -41.72 -13.85 -2.08
N LYS C 122 -41.73 -12.62 -1.61
CA LYS C 122 -41.72 -11.50 -2.53
C LYS C 122 -40.26 -11.13 -2.85
N THR C 123 -40.02 -10.69 -4.08
CA THR C 123 -38.71 -10.22 -4.50
C THR C 123 -38.13 -9.13 -3.58
N THR C 124 -36.88 -9.32 -3.15
CA THR C 124 -36.19 -8.31 -2.37
C THR C 124 -34.78 -8.11 -2.93
N PRO C 125 -34.35 -6.85 -3.01
CA PRO C 125 -32.97 -6.51 -3.37
C PRO C 125 -31.99 -6.80 -2.25
N PRO C 126 -30.73 -7.11 -2.61
CA PRO C 126 -29.68 -7.34 -1.62
C PRO C 126 -29.25 -6.00 -1.06
N SER C 127 -28.88 -5.97 0.22
CA SER C 127 -27.91 -5.01 0.73
C SER C 127 -26.49 -5.49 0.43
N VAL C 128 -25.61 -4.56 0.08
CA VAL C 128 -24.23 -4.90 -0.20
C VAL C 128 -23.28 -4.21 0.79
N TYR C 129 -22.45 -5.01 1.45
CA TYR C 129 -21.53 -4.50 2.46
C TYR C 129 -20.10 -4.90 2.12
N PRO C 130 -19.14 -3.99 2.34
CA PRO C 130 -17.72 -4.29 2.18
C PRO C 130 -17.16 -5.25 3.23
N LEU C 131 -16.32 -6.16 2.80
CA LEU C 131 -15.54 -6.98 3.71
C LEU C 131 -14.07 -6.58 3.67
N ALA C 132 -13.62 -5.99 4.77
CA ALA C 132 -12.26 -5.50 4.91
C ALA C 132 -11.75 -5.88 6.30
N PRO C 133 -10.45 -6.22 6.39
CA PRO C 133 -9.83 -6.67 7.66
C PRO C 133 -9.67 -5.53 8.65
N SER C 141 1.79 -10.49 3.14
CA SER C 141 2.18 -10.33 1.74
C SER C 141 0.97 -10.33 0.80
N MET C 142 -0.02 -11.17 1.10
CA MET C 142 -1.34 -11.11 0.47
C MET C 142 -2.42 -10.61 1.43
N VAL C 143 -3.45 -9.99 0.89
CA VAL C 143 -4.60 -9.60 1.68
C VAL C 143 -5.90 -10.09 1.00
N THR C 144 -6.84 -10.60 1.79
CA THR C 144 -8.12 -11.03 1.24
C THR C 144 -9.18 -10.03 1.65
N LEU C 145 -9.92 -9.52 0.67
CA LEU C 145 -11.10 -8.71 0.92
C LEU C 145 -12.34 -9.48 0.43
N GLY C 146 -13.51 -8.90 0.66
CA GLY C 146 -14.74 -9.50 0.18
C GLY C 146 -15.88 -8.54 -0.04
N CYS C 147 -16.98 -9.08 -0.56
CA CYS C 147 -18.31 -8.47 -0.43
C CYS C 147 -19.29 -9.39 0.26
N LEU C 148 -20.01 -8.82 1.23
CA LEU C 148 -21.25 -9.41 1.71
C LEU C 148 -22.46 -8.99 0.89
N VAL C 149 -23.17 -9.98 0.33
CA VAL C 149 -24.42 -9.70 -0.35
C VAL C 149 -25.60 -10.32 0.38
N LYS C 150 -26.38 -9.49 1.05
CA LYS C 150 -27.23 -9.93 2.14
C LYS C 150 -28.73 -9.67 1.90
N GLY C 151 -29.53 -10.71 2.16
CA GLY C 151 -30.96 -10.53 2.37
C GLY C 151 -31.75 -10.27 1.11
N TYR C 152 -31.53 -11.09 0.07
CA TYR C 152 -32.11 -10.85 -1.25
C TYR C 152 -32.85 -12.08 -1.70
N PHE C 153 -33.62 -11.93 -2.77
CA PHE C 153 -34.48 -12.99 -3.30
C PHE C 153 -35.09 -12.48 -4.60
N PRO C 154 -35.16 -13.35 -5.63
CA PRO C 154 -34.56 -14.69 -5.65
C PRO C 154 -33.13 -14.68 -6.20
N GLU C 155 -32.52 -15.85 -6.24
CA GLU C 155 -31.32 -16.07 -7.03
C GLU C 155 -31.61 -15.82 -8.50
N PRO C 156 -30.60 -15.46 -9.28
CA PRO C 156 -29.19 -15.30 -8.88
C PRO C 156 -28.86 -13.86 -8.46
N VAL C 157 -27.62 -13.65 -8.01
CA VAL C 157 -26.87 -12.42 -8.23
C VAL C 157 -25.59 -12.66 -9.01
N THR C 158 -25.07 -11.60 -9.64
CA THR C 158 -23.72 -11.65 -10.19
C THR C 158 -22.78 -10.74 -9.41
N VAL C 159 -21.56 -11.19 -9.21
CA VAL C 159 -20.54 -10.40 -8.56
C VAL C 159 -19.27 -10.42 -9.40
N THR C 160 -18.79 -9.23 -9.77
CA THR C 160 -17.50 -9.11 -10.44
C THR C 160 -16.65 -8.18 -9.62
N TRP C 161 -15.34 -8.15 -9.88
CA TRP C 161 -14.48 -7.16 -9.23
C TRP C 161 -13.72 -6.31 -10.23
N ASN C 162 -13.71 -5.01 -9.98
CA ASN C 162 -13.29 -4.00 -10.95
C ASN C 162 -13.82 -4.32 -12.35
N SER C 163 -15.15 -4.39 -12.47
CA SER C 163 -15.83 -4.62 -13.75
C SER C 163 -15.30 -5.84 -14.50
N GLY C 164 -14.72 -6.79 -13.77
CA GLY C 164 -14.18 -8.01 -14.34
C GLY C 164 -12.72 -7.97 -14.75
N SER C 165 -11.99 -6.96 -14.28
CA SER C 165 -10.54 -6.91 -14.46
C SER C 165 -9.77 -7.74 -13.43
N LEU C 166 -10.32 -7.86 -12.23
CA LEU C 166 -9.94 -8.96 -11.34
C LEU C 166 -10.80 -10.17 -11.65
N SER C 167 -10.13 -11.27 -11.99
CA SER C 167 -10.77 -12.58 -12.11
C SER C 167 -10.09 -13.61 -11.22
N SER C 168 -8.81 -13.87 -11.46
CA SER C 168 -8.05 -14.76 -10.59
C SER C 168 -7.97 -14.13 -9.19
N GLY C 169 -7.98 -14.98 -8.17
CA GLY C 169 -8.02 -14.49 -6.79
C GLY C 169 -9.38 -14.60 -6.14
N VAL C 170 -10.40 -15.01 -6.91
CA VAL C 170 -11.80 -14.79 -6.55
C VAL C 170 -12.58 -16.10 -6.30
N HIS C 171 -13.11 -16.25 -5.08
CA HIS C 171 -14.23 -17.17 -4.79
C HIS C 171 -15.53 -16.44 -4.56
N THR C 172 -16.53 -16.65 -5.40
CA THR C 172 -17.87 -16.33 -4.97
C THR C 172 -18.57 -17.56 -4.39
N PHE C 173 -18.96 -17.48 -3.11
CA PHE C 173 -19.56 -18.62 -2.41
C PHE C 173 -21.00 -18.85 -2.87
N PRO C 174 -21.45 -20.12 -2.77
CA PRO C 174 -22.86 -20.43 -3.07
C PRO C 174 -23.80 -19.79 -2.07
N ALA C 175 -24.92 -19.27 -2.56
CA ALA C 175 -25.86 -18.57 -1.70
C ALA C 175 -26.55 -19.51 -0.72
N VAL C 176 -26.90 -18.98 0.45
CA VAL C 176 -27.54 -19.77 1.50
C VAL C 176 -28.91 -19.16 1.88
N LEU C 177 -29.94 -20.00 1.92
CA LEU C 177 -31.32 -19.55 2.09
C LEU C 177 -31.65 -19.62 3.58
N GLN C 178 -32.01 -18.49 4.17
CA GLN C 178 -32.68 -18.48 5.48
C GLN C 178 -33.94 -17.61 5.49
N SER C 179 -35.09 -18.23 5.74
CA SER C 179 -36.36 -17.51 5.93
C SER C 179 -36.64 -16.58 4.75
N ASP C 180 -36.66 -17.15 3.54
CA ASP C 180 -37.09 -16.42 2.35
C ASP C 180 -36.11 -15.36 1.85
N LEU C 181 -34.94 -15.26 2.49
CA LEU C 181 -33.84 -14.48 1.89
C LEU C 181 -32.55 -15.28 1.71
N TYR C 182 -31.82 -14.96 0.64
CA TYR C 182 -30.47 -15.50 0.44
C TYR C 182 -29.40 -14.58 1.00
N THR C 183 -28.36 -15.16 1.61
CA THR C 183 -27.08 -14.46 1.76
C THR C 183 -25.94 -15.16 1.02
N LEU C 184 -25.09 -14.36 0.40
CA LEU C 184 -23.93 -14.87 -0.32
C LEU C 184 -22.71 -14.02 0.02
N SER C 185 -21.51 -14.59 -0.03
CA SER C 185 -20.31 -13.76 0.09
C SER C 185 -19.37 -13.98 -1.07
N SER C 186 -18.52 -12.99 -1.35
CA SER C 186 -17.49 -13.17 -2.35
C SER C 186 -16.14 -12.65 -1.86
N SER C 187 -15.06 -13.20 -2.41
CA SER C 187 -13.76 -13.16 -1.76
C SER C 187 -12.77 -12.93 -2.88
N VAL C 188 -11.93 -11.90 -2.72
CA VAL C 188 -10.83 -11.67 -3.65
C VAL C 188 -9.53 -11.50 -2.88
N THR C 189 -8.45 -12.10 -3.40
CA THR C 189 -7.15 -11.93 -2.75
C THR C 189 -6.16 -11.20 -3.64
N VAL C 190 -5.67 -10.08 -3.13
CA VAL C 190 -4.74 -9.28 -3.92
C VAL C 190 -3.49 -9.09 -3.10
N PRO C 191 -2.37 -8.79 -3.78
CA PRO C 191 -1.12 -8.45 -3.08
C PRO C 191 -1.29 -7.19 -2.25
N SER C 192 -0.47 -6.99 -1.21
CA SER C 192 -0.59 -5.80 -0.37
C SER C 192 -0.08 -4.54 -1.09
N SER C 193 0.64 -4.73 -2.18
CA SER C 193 1.11 -3.60 -2.98
C SER C 193 -0.01 -2.82 -3.68
N PRO C 194 -0.95 -3.51 -4.37
CA PRO C 194 -2.08 -2.72 -4.87
C PRO C 194 -3.01 -2.15 -3.79
N TRP C 195 -3.29 -2.87 -2.70
CA TRP C 195 -4.29 -2.38 -1.76
C TRP C 195 -3.72 -1.86 -0.42
N PRO C 196 -4.09 -0.62 -0.01
CA PRO C 196 -5.08 0.33 -0.55
C PRO C 196 -4.70 0.99 -1.86
N SER C 197 -3.44 0.90 -2.24
CA SER C 197 -2.82 1.91 -3.11
C SER C 197 -3.55 2.00 -4.45
N GLU C 198 -3.99 0.86 -4.95
CA GLU C 198 -4.84 0.80 -6.13
C GLU C 198 -6.15 0.10 -5.74
N THR C 199 -7.23 0.44 -6.42
CA THR C 199 -8.56 0.22 -5.85
C THR C 199 -9.18 -1.09 -6.33
N VAL C 200 -9.82 -1.82 -5.41
CA VAL C 200 -10.68 -2.94 -5.83
C VAL C 200 -12.13 -2.74 -5.39
N THR C 201 -13.02 -2.88 -6.35
CA THR C 201 -14.42 -2.57 -6.15
C THR C 201 -15.23 -3.76 -6.64
N CYS C 202 -16.12 -4.25 -5.79
CA CYS C 202 -17.05 -5.28 -6.25
C CYS C 202 -18.27 -4.67 -6.93
N ASN C 203 -18.73 -5.36 -7.96
CA ASN C 203 -19.92 -4.97 -8.68
C ASN C 203 -20.94 -6.09 -8.55
N VAL C 204 -22.02 -5.78 -7.86
CA VAL C 204 -23.07 -6.73 -7.58
C VAL C 204 -24.28 -6.36 -8.43
N ALA C 205 -24.93 -7.36 -9.01
CA ALA C 205 -26.17 -7.12 -9.74
C ALA C 205 -27.20 -8.20 -9.46
N HIS C 206 -28.45 -7.77 -9.26
CA HIS C 206 -29.54 -8.66 -8.94
C HIS C 206 -30.66 -8.39 -9.91
N PRO C 207 -30.70 -9.14 -11.03
CA PRO C 207 -31.48 -8.82 -12.21
C PRO C 207 -32.98 -8.77 -11.89
N ALA C 208 -33.41 -9.58 -10.92
CA ALA C 208 -34.83 -9.70 -10.64
C ALA C 208 -35.41 -8.40 -10.08
N SER C 209 -34.58 -7.63 -9.35
CA SER C 209 -34.94 -6.26 -8.98
C SER C 209 -34.30 -5.15 -9.81
N SER C 210 -33.45 -5.51 -10.76
CA SER C 210 -32.66 -4.52 -11.51
C SER C 210 -31.82 -3.61 -10.61
N THR C 211 -31.49 -4.10 -9.42
CA THR C 211 -30.49 -3.45 -8.56
C THR C 211 -29.09 -3.60 -9.14
N LYS C 212 -28.29 -2.53 -9.08
CA LYS C 212 -26.85 -2.63 -9.28
C LYS C 212 -26.09 -1.87 -8.19
N VAL C 213 -25.08 -2.49 -7.59
CA VAL C 213 -24.27 -1.81 -6.59
C VAL C 213 -22.78 -1.90 -6.95
N ASP C 214 -22.07 -0.79 -6.90
CA ASP C 214 -20.61 -0.82 -6.80
C ASP C 214 -20.19 -0.51 -5.38
N LYS C 215 -19.28 -1.30 -4.82
CA LYS C 215 -18.71 -0.95 -3.53
C LYS C 215 -17.19 -0.99 -3.58
N LYS C 216 -16.57 0.15 -3.26
CA LYS C 216 -15.13 0.24 -3.11
C LYS C 216 -14.73 -0.23 -1.72
N ILE C 217 -13.76 -1.11 -1.65
CA ILE C 217 -13.33 -1.66 -0.37
C ILE C 217 -12.24 -0.81 0.27
N VAL C 218 -12.44 -0.53 1.55
CA VAL C 218 -11.69 0.53 2.18
C VAL C 218 -11.34 0.11 3.60
N PRO C 219 -10.12 0.47 4.06
CA PRO C 219 -9.52 -0.11 5.27
C PRO C 219 -10.10 0.41 6.58
N ARG C 220 -10.24 -0.47 7.55
CA ARG C 220 -11.03 -0.23 8.77
C ARG C 220 -10.13 0.08 9.97
N GLY D 3 19.07 58.08 8.84
CA GLY D 3 18.36 58.62 7.69
C GLY D 3 18.70 60.07 7.33
N LEU D 4 18.35 60.47 6.10
CA LEU D 4 18.73 61.77 5.53
C LEU D 4 18.01 62.99 6.13
N ALA D 5 18.74 64.10 6.21
CA ALA D 5 18.16 65.39 6.57
C ALA D 5 17.57 66.07 5.33
N SER D 6 16.50 66.82 5.56
CA SER D 6 15.82 67.56 4.48
C SER D 6 16.71 68.58 3.76
N GLY D 7 17.65 69.18 4.49
CA GLY D 7 17.31 70.29 5.37
C GLY D 7 16.70 71.43 4.56
N GLN D 8 15.43 71.71 4.86
CA GLN D 8 14.81 72.97 4.53
C GLN D 8 14.34 73.58 5.83
N PRO D 9 14.59 74.89 6.02
CA PRO D 9 13.95 75.54 7.17
C PRO D 9 12.43 75.62 7.03
N ILE D 10 11.73 75.13 8.05
CA ILE D 10 10.30 75.08 8.04
C ILE D 10 9.89 75.05 9.51
N CYS D 11 8.67 75.46 9.78
CA CYS D 11 8.11 75.34 11.10
C CYS D 11 7.08 74.21 11.10
N GLY D 12 7.37 73.13 11.83
CA GLY D 12 8.75 72.79 12.05
C GLY D 12 9.14 71.32 12.10
N ASN D 13 10.43 71.16 11.81
CA ASN D 13 11.22 69.98 12.02
C ASN D 13 11.73 69.71 13.43
N GLY D 14 11.54 70.65 14.34
CA GLY D 14 12.12 70.51 15.67
C GLY D 14 13.49 71.16 15.78
N MET D 15 13.87 71.86 14.72
CA MET D 15 15.18 72.47 14.64
C MET D 15 14.86 73.97 14.49
N VAL D 16 15.43 74.78 15.39
CA VAL D 16 15.12 76.21 15.41
C VAL D 16 15.93 76.93 14.35
N GLU D 17 15.27 77.74 13.53
CA GLU D 17 15.90 78.33 12.37
C GLU D 17 15.53 79.82 12.30
N GLN D 18 16.06 80.55 11.33
CA GLN D 18 15.83 81.99 11.25
C GLN D 18 14.33 82.29 11.12
N GLY D 19 13.85 83.25 11.89
CA GLY D 19 12.45 83.66 11.84
C GLY D 19 11.60 82.87 12.81
N GLU D 20 12.19 81.85 13.43
CA GLU D 20 11.53 81.17 14.54
C GLU D 20 12.32 81.21 15.84
N GLU D 21 11.59 81.42 16.94
CA GLU D 21 12.16 81.44 18.29
C GLU D 21 12.34 80.02 18.83
N CYS D 22 11.36 79.17 18.57
CA CYS D 22 11.45 77.79 19.02
C CYS D 22 10.76 76.93 17.98
N ASP D 23 11.13 75.66 17.92
CA ASP D 23 10.43 74.72 17.07
C ASP D 23 10.19 73.40 17.81
N CYS D 24 8.95 73.11 18.15
CA CYS D 24 8.62 71.89 18.90
C CYS D 24 8.04 70.77 18.04
N GLY D 25 7.84 71.04 16.75
CA GLY D 25 7.07 70.15 15.90
C GLY D 25 5.66 70.62 15.54
N TYR D 26 5.00 69.83 14.72
CA TYR D 26 3.55 69.96 14.55
C TYR D 26 2.79 69.48 15.77
N SER D 27 1.47 69.60 15.72
CA SER D 27 0.65 69.66 16.91
C SER D 27 0.74 68.35 17.70
N ASP D 28 0.82 67.23 17.00
CA ASP D 28 0.80 65.92 17.66
C ASP D 28 2.21 65.46 18.00
N GLN D 29 3.21 66.20 17.50
CA GLN D 29 4.57 66.01 17.96
C GLN D 29 4.95 66.85 19.18
N CYS D 30 4.16 67.87 19.50
CA CYS D 30 4.70 68.96 20.30
C CYS D 30 4.41 68.68 21.76
N LYS D 31 5.46 68.32 22.50
CA LYS D 31 5.36 68.09 23.93
C LYS D 31 5.84 69.28 24.74
N ASP D 32 6.23 70.33 24.03
CA ASP D 32 6.87 71.47 24.65
C ASP D 32 5.80 72.36 25.25
N GLU D 33 5.83 72.53 26.56
CA GLU D 33 4.91 73.44 27.23
C GLU D 33 5.38 74.87 26.98
N CYS D 34 6.63 75.01 26.52
CA CYS D 34 7.25 76.32 26.34
C CYS D 34 6.81 76.93 25.04
N CYS D 35 6.41 76.09 24.09
CA CYS D 35 6.45 76.50 22.70
C CYS D 35 5.08 76.36 22.02
N TYR D 36 4.83 77.17 21.00
CA TYR D 36 3.66 77.03 20.14
C TYR D 36 3.93 76.10 18.96
N ASP D 37 3.07 75.11 18.78
CA ASP D 37 3.22 74.13 17.72
C ASP D 37 3.06 74.79 16.34
N ALA D 38 3.49 74.06 15.30
CA ALA D 38 3.50 74.57 13.94
C ALA D 38 2.09 74.60 13.34
N ASN D 39 1.15 73.91 14.00
CA ASN D 39 -0.26 73.99 13.64
C ASN D 39 -1.03 75.11 14.34
N GLN D 40 -0.32 75.98 15.06
CA GLN D 40 -0.85 77.25 15.49
C GLN D 40 -0.87 78.31 14.39
N PRO D 41 -1.76 79.30 14.53
CA PRO D 41 -1.96 80.42 13.60
C PRO D 41 -0.64 81.13 13.32
N GLU D 42 -0.49 81.70 12.13
CA GLU D 42 0.71 82.47 11.81
C GLU D 42 1.03 83.57 12.85
N GLY D 43 2.29 83.55 13.32
CA GLY D 43 2.80 84.49 14.30
C GLY D 43 2.32 84.27 15.74
N LYS D 44 1.61 83.19 16.00
CA LYS D 44 1.98 82.27 17.09
C LYS D 44 2.87 81.11 16.63
N LYS D 45 3.03 80.93 15.32
CA LYS D 45 3.75 79.78 14.77
C LYS D 45 5.17 79.83 15.31
N CYS D 46 5.62 78.75 15.96
CA CYS D 46 7.02 78.63 16.35
C CYS D 46 7.55 79.83 17.14
N LYS D 47 6.78 80.29 18.10
CA LYS D 47 7.21 81.36 18.98
C LYS D 47 6.96 80.97 20.42
N LEU D 48 7.68 81.60 21.34
CA LEU D 48 7.59 81.21 22.73
C LEU D 48 6.21 81.56 23.29
N LYS D 49 5.59 80.60 23.96
CA LYS D 49 4.44 80.88 24.82
C LYS D 49 4.75 81.94 25.89
N PRO D 50 3.75 82.77 26.24
CA PRO D 50 4.05 83.94 27.05
C PRO D 50 4.41 83.58 28.49
N GLY D 51 5.31 84.39 29.08
CA GLY D 51 5.86 84.11 30.38
C GLY D 51 6.90 83.02 30.35
N LYS D 52 7.20 82.52 29.15
CA LYS D 52 8.19 81.45 29.00
C LYS D 52 9.48 81.98 28.40
N GLN D 53 10.58 81.73 29.12
CA GLN D 53 11.83 82.47 28.93
C GLN D 53 12.55 81.94 27.68
N CYS D 54 12.40 80.63 27.46
CA CYS D 54 13.11 79.91 26.41
C CYS D 54 12.51 78.52 26.28
N SER D 55 12.97 77.78 25.26
CA SER D 55 12.50 76.43 24.97
C SER D 55 13.67 75.48 24.78
N PRO D 56 13.53 74.24 25.30
CA PRO D 56 14.59 73.23 25.19
C PRO D 56 14.94 72.88 23.75
N SER D 57 14.04 73.21 22.83
CA SER D 57 14.30 73.06 21.39
C SER D 57 15.34 74.06 20.87
N GLN D 58 15.55 75.14 21.60
CA GLN D 58 16.53 76.12 21.17
C GLN D 58 17.93 75.63 21.48
N GLY D 59 18.04 74.81 22.53
CA GLY D 59 19.34 74.40 23.01
C GLY D 59 19.27 73.74 24.36
N PRO D 60 20.39 73.15 24.81
CA PRO D 60 20.55 72.41 26.07
C PRO D 60 20.55 73.30 27.32
N CYS D 61 20.75 74.61 27.14
CA CYS D 61 20.83 75.51 28.28
C CYS D 61 19.47 76.07 28.69
N CYS D 62 18.41 75.54 28.09
CA CYS D 62 17.07 75.70 28.63
C CYS D 62 16.57 74.43 29.33
N THR D 63 15.87 74.61 30.45
CA THR D 63 15.27 73.48 31.16
C THR D 63 14.00 73.02 30.47
N ALA D 64 13.45 71.90 30.94
CA ALA D 64 12.18 71.40 30.42
C ALA D 64 11.03 72.38 30.70
N HIS D 65 11.21 73.18 31.75
CA HIS D 65 10.20 74.11 32.25
C HIS D 65 10.34 75.53 31.72
N CYS D 66 11.16 75.69 30.69
CA CYS D 66 11.34 76.95 29.96
C CYS D 66 12.11 78.02 30.71
N ALA D 67 13.05 77.59 31.54
CA ALA D 67 13.96 78.51 32.20
C ALA D 67 15.38 78.38 31.62
N PHE D 68 16.09 79.50 31.51
CA PHE D 68 17.53 79.46 31.31
C PHE D 68 18.22 78.68 32.42
N LYS D 69 19.09 77.76 32.02
CA LYS D 69 20.07 77.20 32.95
C LYS D 69 21.09 78.24 33.39
N SER D 70 21.51 78.15 34.64
CA SER D 70 22.41 79.15 35.24
C SER D 70 23.87 79.00 34.80
N LYS D 71 24.72 79.92 35.25
CA LYS D 71 25.98 80.17 34.59
C LYS D 71 26.97 79.02 34.55
N THR D 72 27.30 78.37 35.65
CA THR D 72 28.36 77.36 35.43
C THR D 72 27.95 75.95 35.02
N GLU D 73 26.70 75.81 34.61
CA GLU D 73 26.16 74.50 34.27
C GLU D 73 26.68 73.93 32.96
N LYS D 74 26.95 72.63 32.99
CA LYS D 74 27.54 71.91 31.85
C LYS D 74 26.47 71.72 30.79
N CYS D 75 26.71 72.30 29.61
CA CYS D 75 25.98 71.94 28.38
C CYS D 75 26.71 71.10 27.31
N ARG D 76 28.00 70.85 27.48
CA ARG D 76 28.76 70.12 26.45
C ARG D 76 29.97 69.38 26.98
N ASP D 77 30.29 68.25 26.35
CA ASP D 77 31.45 67.39 26.68
C ASP D 77 32.87 67.84 26.29
N ASP D 78 33.86 67.20 26.91
CA ASP D 78 35.25 67.22 26.46
C ASP D 78 35.30 66.93 24.97
N SER D 79 35.97 67.77 24.21
CA SER D 79 36.56 67.38 22.94
C SER D 79 37.99 66.90 23.20
N ASP D 80 38.74 66.64 22.13
CA ASP D 80 40.17 66.42 22.30
C ASP D 80 40.87 67.71 22.66
N CYS D 81 40.60 68.73 21.86
CA CYS D 81 41.24 70.04 21.96
C CYS D 81 40.45 71.14 22.68
N ALA D 82 39.31 70.78 23.25
CA ALA D 82 38.43 71.80 23.80
C ALA D 82 37.86 71.32 25.12
N LYS D 83 37.43 72.28 25.93
CA LYS D 83 36.90 71.99 27.26
C LYS D 83 35.38 71.72 27.20
N GLU D 84 34.82 71.37 28.36
CA GLU D 84 33.38 71.30 28.50
C GLU D 84 32.78 72.62 28.09
N GLY D 85 31.64 72.58 27.42
CA GLY D 85 30.76 73.73 27.31
C GLY D 85 30.05 74.09 28.60
N ILE D 86 30.07 75.37 28.94
CA ILE D 86 29.22 75.86 30.03
C ILE D 86 28.16 76.87 29.58
N CYS D 87 27.00 76.80 30.21
CA CYS D 87 25.92 77.73 29.96
C CYS D 87 26.31 79.16 30.37
N ASN D 88 25.80 80.19 29.72
CA ASN D 88 26.08 81.54 30.22
C ASN D 88 24.94 82.14 31.06
N GLY D 89 23.82 81.45 31.14
CA GLY D 89 22.73 81.90 31.99
C GLY D 89 21.79 82.90 31.36
N ILE D 90 22.21 83.53 30.26
CA ILE D 90 21.36 84.40 29.45
C ILE D 90 20.79 83.86 28.12
N THR D 91 21.14 82.63 27.74
CA THR D 91 20.67 82.07 26.47
C THR D 91 20.54 80.56 26.60
N ALA D 92 19.80 79.92 25.68
CA ALA D 92 19.70 78.46 25.71
C ALA D 92 20.74 77.74 24.84
N LEU D 93 21.38 78.48 23.95
CA LEU D 93 22.51 77.92 23.20
C LEU D 93 23.63 77.57 24.13
N CYS D 94 24.33 76.50 23.79
CA CYS D 94 25.59 76.22 24.44
C CYS D 94 26.72 76.96 23.74
N PRO D 95 27.29 77.98 24.42
CA PRO D 95 28.33 78.83 23.85
C PRO D 95 29.54 77.98 23.50
N ALA D 96 30.36 78.43 22.55
CA ALA D 96 31.54 77.71 22.15
C ALA D 96 32.40 77.37 23.36
N SER D 97 32.86 76.12 23.40
CA SER D 97 33.80 75.68 24.43
C SER D 97 35.13 76.45 24.36
N ASP D 98 35.80 76.58 25.50
CA ASP D 98 37.15 77.15 25.49
C ASP D 98 38.21 76.10 25.14
N PRO D 99 39.36 76.52 24.57
CA PRO D 99 40.41 75.56 24.19
C PRO D 99 41.03 74.94 25.42
N LYS D 100 41.37 73.66 25.32
CA LYS D 100 42.36 73.00 26.17
C LYS D 100 43.78 73.52 25.92
N PRO D 101 44.70 73.29 26.88
CA PRO D 101 46.00 73.94 26.70
C PRO D 101 46.71 73.51 25.42
N ASN D 102 47.49 74.42 24.86
CA ASN D 102 48.42 74.10 23.79
C ASN D 102 49.27 72.86 24.16
N PHE D 103 49.51 72.00 23.16
CA PHE D 103 50.34 70.80 23.30
C PHE D 103 49.70 69.79 24.24
N THR D 104 48.37 69.80 24.26
CA THR D 104 47.62 68.63 24.71
C THR D 104 47.48 67.62 23.55
N ASP D 105 47.58 66.33 23.89
CA ASP D 105 47.57 65.25 22.90
C ASP D 105 46.19 65.08 22.27
N CYS D 106 46.11 65.18 20.95
CA CYS D 106 44.86 64.92 20.26
C CYS D 106 45.05 63.87 19.17
N ASN D 107 43.94 63.30 18.73
CA ASN D 107 43.90 62.34 17.64
C ASN D 107 44.77 61.12 17.94
N ARG D 108 44.44 60.45 19.03
CA ARG D 108 45.21 59.30 19.50
C ARG D 108 46.73 59.56 19.59
N HIS D 109 47.06 60.67 20.23
CA HIS D 109 48.44 61.06 20.58
C HIS D 109 49.27 61.35 19.35
N THR D 110 48.58 61.53 18.23
CA THR D 110 49.22 61.71 16.94
C THR D 110 49.58 63.19 16.71
N GLN D 111 48.71 64.08 17.17
CA GLN D 111 48.89 65.51 16.96
C GLN D 111 48.79 66.31 18.24
N VAL D 112 48.80 67.63 18.10
CA VAL D 112 48.73 68.52 19.27
C VAL D 112 47.68 69.60 19.11
N CYS D 113 47.02 69.93 20.22
CA CYS D 113 46.07 71.05 20.25
C CYS D 113 46.81 72.38 20.25
N ILE D 114 46.47 73.22 19.28
CA ILE D 114 46.93 74.60 19.29
C ILE D 114 45.77 75.52 18.95
N ASN D 115 45.46 76.43 19.88
CA ASN D 115 44.23 77.20 19.84
C ASN D 115 43.00 76.33 19.62
N GLY D 116 42.99 75.15 20.23
CA GLY D 116 41.79 74.34 20.31
C GLY D 116 41.47 73.63 19.01
N GLN D 117 42.31 73.78 18.00
CA GLN D 117 42.27 72.88 16.86
C GLN D 117 43.29 71.76 17.06
N CYS D 118 43.25 70.76 16.18
CA CYS D 118 44.10 69.60 16.34
C CYS D 118 44.99 69.44 15.12
N ALA D 119 46.30 69.62 15.33
CA ALA D 119 47.20 70.03 14.26
C ALA D 119 48.60 69.44 14.43
N GLY D 120 49.36 69.46 13.36
CA GLY D 120 50.80 69.33 13.47
C GLY D 120 51.22 67.91 13.79
N SER D 121 52.15 67.78 14.75
CA SER D 121 52.58 66.46 15.18
C SER D 121 52.91 66.42 16.65
N ILE D 122 52.79 65.23 17.24
CA ILE D 122 53.21 65.04 18.62
C ILE D 122 54.74 65.23 18.77
N CYS D 123 55.44 65.19 17.64
CA CYS D 123 56.86 65.53 17.61
C CYS D 123 57.10 66.94 18.13
N GLU D 124 56.25 67.86 17.70
CA GLU D 124 56.47 69.27 17.98
C GLU D 124 56.36 69.54 19.46
N LYS D 125 55.61 68.69 20.15
CA LYS D 125 55.53 68.75 21.61
C LYS D 125 56.95 68.71 22.21
N HIS D 126 57.79 67.84 21.69
CA HIS D 126 59.17 67.72 22.18
C HIS D 126 60.20 68.50 21.37
N GLY D 127 59.72 69.33 20.44
CA GLY D 127 60.62 70.16 19.67
C GLY D 127 61.32 69.38 18.57
N LEU D 128 60.76 68.21 18.23
CA LEU D 128 61.18 67.52 17.04
C LEU D 128 60.29 67.91 15.86
N GLU D 129 60.58 67.38 14.69
CA GLU D 129 59.65 67.49 13.57
C GLU D 129 59.24 66.11 13.09
N GLU D 130 58.00 66.01 12.61
CA GLU D 130 57.52 64.76 12.06
C GLU D 130 58.23 64.46 10.74
N CYS D 131 58.71 63.22 10.62
CA CYS D 131 59.09 62.66 9.34
C CYS D 131 58.31 61.37 9.08
N THR D 132 58.51 60.79 7.89
CA THR D 132 58.13 59.41 7.62
C THR D 132 59.35 58.51 7.70
N CYS D 133 59.27 57.47 8.51
CA CYS D 133 60.13 56.32 8.32
C CYS D 133 60.00 55.79 6.89
N ALA D 134 61.13 55.32 6.35
CA ALA D 134 61.22 54.83 4.98
C ALA D 134 62.21 53.67 4.95
N SER D 135 62.24 52.89 3.86
CA SER D 135 62.94 51.60 3.86
C SER D 135 64.46 51.70 3.61
N ASP D 140 62.88 48.90 8.28
CA ASP D 140 61.93 47.94 8.87
C ASP D 140 60.48 48.20 8.48
N ASP D 141 59.80 47.16 8.01
CA ASP D 141 58.49 47.31 7.36
C ASP D 141 57.35 47.72 8.29
N LYS D 142 57.39 47.23 9.53
CA LYS D 142 56.44 47.68 10.56
C LYS D 142 56.56 49.18 10.84
N GLU D 143 57.79 49.65 10.91
CA GLU D 143 58.05 51.03 11.33
C GLU D 143 57.53 52.06 10.32
N LEU D 144 57.07 51.56 9.18
CA LEU D 144 56.44 52.42 8.18
C LEU D 144 55.17 53.04 8.72
N CYS D 145 54.49 52.36 9.64
CA CYS D 145 53.28 52.92 10.22
C CYS D 145 53.44 53.56 11.59
N HIS D 146 54.68 53.63 12.07
CA HIS D 146 54.98 54.37 13.28
C HIS D 146 54.96 55.84 12.98
N VAL D 147 54.54 56.64 13.95
CA VAL D 147 54.95 58.03 14.02
C VAL D 147 56.46 58.09 14.25
N CYS D 148 57.14 58.87 13.41
CA CYS D 148 58.59 58.98 13.46
C CYS D 148 59.02 60.43 13.58
N CYS D 149 60.02 60.67 14.41
CA CYS D 149 60.46 62.04 14.63
C CYS D 149 61.92 62.24 14.24
N MET D 150 62.26 63.48 13.90
CA MET D 150 63.63 63.84 13.60
C MET D 150 64.01 65.10 14.36
N LYS D 151 65.29 65.22 14.65
CA LYS D 151 65.91 66.50 14.98
C LYS D 151 65.59 67.49 13.88
N LYS D 152 65.40 68.75 14.25
CA LYS D 152 64.77 69.71 13.37
C LYS D 152 65.72 69.99 12.21
N MET D 153 65.23 69.84 10.98
CA MET D 153 66.06 69.91 9.79
C MET D 153 67.32 69.02 9.94
N GLU D 154 67.11 67.77 10.35
CA GLU D 154 68.14 66.73 10.31
C GLU D 154 67.59 65.33 9.97
N PRO D 155 67.12 65.14 8.72
CA PRO D 155 66.28 63.99 8.35
C PRO D 155 67.00 62.65 8.51
N SER D 156 68.32 62.68 8.57
CA SER D 156 69.09 61.48 8.89
C SER D 156 68.69 60.92 10.24
N THR D 157 68.17 61.77 11.12
CA THR D 157 68.02 61.40 12.51
C THR D 157 66.63 60.85 12.75
N CYS D 158 65.89 60.71 11.66
CA CYS D 158 64.53 60.19 11.70
C CYS D 158 64.50 58.82 12.35
N ALA D 159 63.61 58.66 13.32
CA ALA D 159 63.38 57.36 13.92
C ALA D 159 61.98 57.29 14.52
N SER D 160 61.50 56.08 14.75
CA SER D 160 60.17 55.88 15.29
C SER D 160 60.08 56.32 16.74
N THR D 161 58.93 56.85 17.11
CA THR D 161 58.67 57.27 18.48
C THR D 161 59.04 56.19 19.49
N GLY D 162 58.90 54.93 19.09
CA GLY D 162 59.21 53.81 19.96
C GLY D 162 60.67 53.41 19.95
N SER D 163 61.52 54.24 19.34
CA SER D 163 62.92 53.84 19.19
C SER D 163 63.66 53.92 20.51
N VAL D 164 64.92 53.51 20.48
CA VAL D 164 65.80 53.71 21.63
C VAL D 164 66.20 55.18 21.65
N GLN D 165 66.40 55.74 20.46
CA GLN D 165 66.92 57.08 20.27
C GLN D 165 66.10 58.20 20.92
N TRP D 166 64.77 58.04 20.90
CA TRP D 166 63.83 59.04 21.40
C TRP D 166 63.37 58.84 22.84
N ASN D 167 64.00 57.88 23.53
CA ASN D 167 63.62 57.52 24.90
C ASN D 167 63.36 58.68 25.86
N LYS D 168 64.17 59.73 25.78
CA LYS D 168 63.95 60.90 26.62
C LYS D 168 62.50 61.36 26.53
N TYR D 169 62.05 61.59 25.31
CA TYR D 169 60.74 62.18 25.06
C TYR D 169 59.59 61.18 25.06
N PHE D 170 59.78 60.06 24.38
CA PHE D 170 58.69 59.08 24.20
C PHE D 170 58.77 57.83 25.08
N LEU D 171 59.87 57.69 25.81
CA LEU D 171 60.04 56.63 26.81
C LEU D 171 59.87 55.20 26.26
N GLY D 172 60.11 55.04 24.95
CA GLY D 172 60.16 53.71 24.37
C GLY D 172 58.78 53.20 24.01
N ARG D 173 57.75 54.00 24.30
CA ARG D 173 56.39 53.67 23.87
C ARG D 173 56.11 54.17 22.45
N THR D 174 55.83 53.22 21.56
CA THR D 174 55.53 53.52 20.18
C THR D 174 54.17 54.19 20.03
N ILE D 175 54.12 55.23 19.20
CA ILE D 175 52.85 55.80 18.77
C ILE D 175 52.67 55.47 17.29
N THR D 176 51.66 54.67 16.99
CA THR D 176 51.35 54.33 15.60
C THR D 176 50.56 55.41 14.93
N LEU D 177 50.68 55.48 13.60
CA LEU D 177 49.89 56.41 12.83
C LEU D 177 48.43 55.97 12.85
N GLN D 178 47.54 56.87 12.46
CA GLN D 178 46.13 56.51 12.38
C GLN D 178 45.94 55.83 11.07
N PRO D 179 45.08 54.80 11.06
CA PRO D 179 44.70 54.16 9.80
C PRO D 179 44.31 55.24 8.79
N GLY D 180 44.71 55.08 7.54
CA GLY D 180 44.45 56.09 6.52
C GLY D 180 45.60 57.03 6.23
N SER D 181 46.56 57.10 7.15
CA SER D 181 47.70 57.98 7.01
C SER D 181 48.63 57.55 5.89
N PRO D 182 49.18 58.51 5.16
CA PRO D 182 50.23 58.26 4.16
C PRO D 182 51.43 57.63 4.85
N CYS D 183 52.18 56.82 4.12
CA CYS D 183 53.33 56.17 4.71
C CYS D 183 54.37 55.83 3.65
N ASN D 184 55.59 55.57 4.10
CA ASN D 184 56.70 55.32 3.19
C ASN D 184 56.84 56.43 2.15
N ASP D 185 56.94 57.68 2.63
CA ASP D 185 57.13 58.84 1.76
C ASP D 185 56.09 58.89 0.66
N PHE D 186 54.82 58.81 1.05
CA PHE D 186 53.69 59.05 0.15
C PHE D 186 53.60 58.01 -0.97
N ARG D 187 54.14 56.81 -0.73
CA ARG D 187 53.96 55.69 -1.65
C ARG D 187 52.80 54.77 -1.23
N GLY D 188 52.15 55.06 -0.10
CA GLY D 188 51.36 54.04 0.59
C GLY D 188 50.29 54.56 1.52
N TYR D 189 49.46 53.66 2.06
CA TYR D 189 48.63 54.02 3.21
C TYR D 189 48.63 52.94 4.29
N CYS D 190 48.46 53.33 5.55
CA CYS D 190 48.42 52.34 6.62
C CYS D 190 46.98 51.83 6.72
N ASP D 191 46.82 50.50 6.78
CA ASP D 191 45.51 49.89 7.02
C ASP D 191 45.25 49.71 8.52
N VAL D 192 44.13 49.09 8.91
CA VAL D 192 43.83 48.93 10.34
C VAL D 192 44.87 48.14 11.08
N PHE D 193 45.61 47.33 10.33
CA PHE D 193 46.56 46.39 10.90
C PHE D 193 47.95 47.02 10.88
N MET D 194 47.98 48.26 10.45
CA MET D 194 49.18 49.08 10.53
C MET D 194 50.26 48.54 9.60
N ARG D 195 49.81 47.90 8.52
CA ARG D 195 50.68 47.55 7.42
C ARG D 195 50.60 48.64 6.43
N CYS D 196 51.72 48.92 5.77
CA CYS D 196 51.72 49.94 4.75
C CYS D 196 51.40 49.29 3.41
N ARG D 197 50.25 49.67 2.87
CA ARG D 197 49.72 49.13 1.62
C ARG D 197 50.20 50.01 0.48
N GLY D 198 50.84 49.38 -0.50
CA GLY D 198 51.38 50.08 -1.66
C GLY D 198 50.29 50.84 -2.38
N SER D 199 50.66 51.96 -3.00
CA SER D 199 49.67 52.78 -3.69
C SER D 199 50.17 53.24 -5.05
N ALA D 200 49.22 53.53 -5.94
CA ALA D 200 49.52 53.91 -7.33
C ALA D 200 48.46 54.92 -7.79
N SER D 201 48.91 55.95 -8.52
CA SER D 201 48.01 56.82 -9.28
C SER D 201 48.72 57.57 -10.41
N ASP E 1 38.02 47.99 23.64
CA ASP E 1 37.55 47.68 22.30
C ASP E 1 36.35 48.53 21.95
N ILE E 2 36.02 48.55 20.67
CA ILE E 2 34.76 49.09 20.22
C ILE E 2 33.68 48.06 20.33
N PHE E 3 32.56 48.41 20.93
CA PHE E 3 31.51 47.42 21.13
C PHE E 3 30.25 47.70 20.30
N LEU E 4 29.56 46.64 19.92
CA LEU E 4 28.35 46.80 19.14
C LEU E 4 27.20 46.17 19.89
N THR E 5 26.03 46.82 19.89
CA THR E 5 24.80 46.12 20.22
C THR E 5 23.89 46.11 19.01
N GLN E 6 23.09 45.05 18.92
CA GLN E 6 22.08 44.96 17.87
C GLN E 6 20.68 44.92 18.45
N SER E 7 19.76 45.65 17.81
CA SER E 7 18.35 45.65 18.20
C SER E 7 17.45 45.37 16.99
N PRO E 8 16.29 44.73 17.24
CA PRO E 8 16.01 43.93 18.45
C PRO E 8 16.70 42.59 18.36
N ALA E 9 16.45 41.72 19.32
CA ALA E 9 17.11 40.41 19.29
C ALA E 9 16.52 39.51 18.22
N ASN E 10 15.19 39.42 18.19
CA ASN E 10 14.51 38.77 17.09
C ASN E 10 13.46 39.67 16.50
N MET E 11 13.07 39.36 15.28
CA MET E 11 12.15 40.20 14.54
C MET E 11 11.40 39.28 13.64
N SER E 12 10.12 39.56 13.43
CA SER E 12 9.31 38.59 12.69
C SER E 12 8.35 39.31 11.76
N VAL E 13 8.35 38.93 10.49
CA VAL E 13 7.73 39.78 9.47
C VAL E 13 7.12 38.89 8.38
N SER E 14 5.99 39.30 7.79
CA SER E 14 5.44 38.57 6.64
C SER E 14 6.22 38.81 5.34
N PRO E 15 6.33 37.77 4.48
CA PRO E 15 7.06 37.90 3.22
C PRO E 15 6.53 39.05 2.40
N GLY E 16 7.46 39.86 1.92
CA GLY E 16 7.16 40.92 0.98
C GLY E 16 6.99 42.23 1.74
N GLU E 17 6.91 42.15 3.06
CA GLU E 17 7.08 43.35 3.86
C GLU E 17 8.55 43.75 3.98
N ARG E 18 8.75 44.88 4.64
CA ARG E 18 10.06 45.52 4.71
C ARG E 18 10.56 45.33 6.13
N VAL E 19 11.83 45.04 6.31
CA VAL E 19 12.35 44.89 7.66
C VAL E 19 13.68 45.65 7.88
N SER E 20 13.89 46.16 9.09
CA SER E 20 15.11 46.92 9.37
C SER E 20 15.80 46.53 10.68
N PHE E 21 17.03 46.01 10.57
CA PHE E 21 17.85 45.65 11.72
C PHE E 21 18.78 46.78 12.13
N SER E 22 18.98 46.91 13.44
CA SER E 22 19.69 48.07 13.94
C SER E 22 20.99 47.76 14.73
N CYS E 23 22.00 48.59 14.48
CA CYS E 23 23.31 48.37 15.09
C CYS E 23 23.87 49.69 15.68
N ARG E 24 24.26 49.61 16.95
CA ARG E 24 24.77 50.75 17.73
C ARG E 24 26.23 50.48 18.12
N ALA E 25 27.13 51.38 17.74
CA ALA E 25 28.57 51.32 18.11
C ALA E 25 28.90 52.19 19.31
N SER E 26 29.88 51.77 20.11
CA SER E 26 30.14 52.43 21.40
C SER E 26 31.00 53.66 21.22
N GLN E 27 31.46 53.89 20.00
CA GLN E 27 32.04 55.18 19.65
C GLN E 27 31.89 55.41 18.16
N ASN E 28 32.35 56.56 17.67
CA ASN E 28 32.09 56.93 16.30
C ASN E 28 33.02 56.11 15.47
N ILE E 29 32.46 55.20 14.69
CA ILE E 29 33.22 54.42 13.73
C ILE E 29 33.13 54.87 12.27
N GLY E 30 32.44 55.99 12.04
CA GLY E 30 32.27 56.48 10.68
C GLY E 30 31.42 55.54 9.86
N THR E 31 31.89 55.18 8.68
CA THR E 31 31.20 54.12 7.95
C THR E 31 31.85 52.74 8.12
N ASN E 32 32.85 52.56 8.99
CA ASN E 32 33.55 51.29 8.87
C ASN E 32 32.84 50.23 9.70
N ILE E 33 31.90 49.58 9.03
CA ILE E 33 31.09 48.52 9.61
C ILE E 33 30.56 47.69 8.46
N HIS E 34 30.30 46.42 8.72
CA HIS E 34 29.87 45.53 7.67
C HIS E 34 28.78 44.60 8.20
N TRP E 35 28.01 44.04 7.26
CA TRP E 35 26.85 43.24 7.60
C TRP E 35 26.97 41.85 6.96
N TYR E 36 26.67 40.82 7.77
CA TYR E 36 26.77 39.42 7.41
C TYR E 36 25.48 38.69 7.72
N GLN E 37 25.16 37.70 6.88
CA GLN E 37 24.03 36.80 7.08
C GLN E 37 24.53 35.40 7.38
N GLN E 38 24.02 34.78 8.44
CA GLN E 38 24.27 33.37 8.70
C GLN E 38 22.99 32.56 8.76
N ARG E 39 22.77 31.72 7.75
CA ARG E 39 21.68 30.75 7.80
C ARG E 39 22.04 29.60 8.70
N THR E 40 21.08 28.74 8.96
CA THR E 40 21.26 27.58 9.83
C THR E 40 22.36 26.64 9.31
N ASN E 41 23.27 26.26 10.21
CA ASN E 41 24.38 25.40 9.84
C ASN E 41 25.26 25.99 8.75
N GLY E 42 25.22 27.32 8.60
CA GLY E 42 25.94 27.97 7.52
C GLY E 42 27.16 28.70 8.03
N SER E 43 28.01 29.12 7.10
CA SER E 43 29.00 30.16 7.38
C SER E 43 28.35 31.53 7.25
N PRO E 44 28.89 32.52 7.96
CA PRO E 44 28.58 33.93 7.70
C PRO E 44 28.77 34.30 6.23
N ARG E 45 27.97 35.24 5.75
CA ARG E 45 28.00 35.63 4.34
C ARG E 45 28.00 37.14 4.31
N LEU E 46 28.99 37.74 3.65
CA LEU E 46 29.09 39.19 3.66
C LEU E 46 28.00 39.74 2.77
N LEU E 47 27.17 40.63 3.35
CA LEU E 47 26.03 41.30 2.72
C LEU E 47 26.35 42.71 2.27
N ILE E 48 26.75 43.54 3.25
CA ILE E 48 27.07 44.94 2.96
C ILE E 48 28.39 45.35 3.59
N LYS E 49 29.19 46.15 2.90
CA LYS E 49 30.40 46.71 3.52
C LYS E 49 30.28 48.24 3.58
N TYR E 50 30.85 48.87 4.63
CA TYR E 50 31.18 50.29 4.54
C TYR E 50 29.97 51.21 4.30
N ALA E 51 29.06 51.40 5.25
CA ALA E 51 27.93 50.53 5.54
C ALA E 51 26.73 50.70 4.59
N SER E 52 26.90 51.47 3.53
CA SER E 52 25.93 51.48 2.45
C SER E 52 26.28 50.61 1.25
N GLU E 53 27.47 50.00 1.21
CA GLU E 53 28.03 49.60 -0.09
C GLU E 53 27.78 48.11 -0.43
N SER E 54 27.43 47.86 -1.69
CA SER E 54 26.89 46.56 -2.11
C SER E 54 27.97 45.56 -2.47
N ILE E 55 27.68 44.27 -2.27
CA ILE E 55 28.59 43.21 -2.66
C ILE E 55 28.04 42.43 -3.86
N SER E 56 28.91 42.19 -4.84
CA SER E 56 28.61 41.49 -6.07
C SER E 56 28.03 40.10 -5.75
N GLY E 57 26.84 39.81 -6.28
CA GLY E 57 26.20 38.52 -6.09
C GLY E 57 25.23 38.52 -4.92
N ILE E 58 25.14 39.66 -4.24
CA ILE E 58 24.16 39.84 -3.18
C ILE E 58 22.82 40.32 -3.75
N PRO E 59 21.72 39.73 -3.30
CA PRO E 59 20.43 40.23 -3.80
C PRO E 59 20.27 41.72 -3.52
N SER E 60 19.62 42.44 -4.43
CA SER E 60 19.57 43.90 -4.33
C SER E 60 18.58 44.38 -3.27
N ARG E 61 17.70 43.51 -2.81
CA ARG E 61 16.79 43.87 -1.73
C ARG E 61 17.49 44.14 -0.41
N PHE E 62 18.78 43.84 -0.34
CA PHE E 62 19.60 44.15 0.84
C PHE E 62 20.24 45.53 0.70
N SER E 63 19.99 46.40 1.67
CA SER E 63 20.65 47.71 1.66
C SER E 63 21.13 48.04 3.06
N GLY E 64 21.97 49.05 3.18
CA GLY E 64 22.28 49.51 4.51
C GLY E 64 22.55 51.00 4.48
N SER E 65 22.36 51.63 5.63
CA SER E 65 22.77 53.03 5.77
C SER E 65 23.19 53.26 7.18
N GLY E 66 23.93 54.34 7.39
CA GLY E 66 24.10 54.90 8.71
C GLY E 66 25.48 55.51 8.74
N SER E 67 25.83 56.16 9.84
CA SER E 67 27.19 56.68 9.94
C SER E 67 27.45 57.05 11.38
N GLY E 68 28.71 57.19 11.76
CA GLY E 68 28.98 57.40 13.16
C GLY E 68 28.70 56.22 14.07
N THR E 69 27.77 56.38 15.00
CA THR E 69 27.44 55.29 15.90
C THR E 69 26.20 54.49 15.54
N ASP E 70 25.52 54.84 14.44
CA ASP E 70 24.19 54.25 14.20
C ASP E 70 23.96 53.79 12.78
N PHE E 71 23.54 52.54 12.65
CA PHE E 71 23.50 51.85 11.38
C PHE E 71 22.29 50.96 11.27
N ILE E 72 21.82 50.79 10.05
CA ILE E 72 20.62 50.00 9.77
C ILE E 72 20.85 49.13 8.53
N LEU E 73 20.59 47.84 8.68
CA LEU E 73 20.51 46.94 7.53
C LEU E 73 19.06 46.74 7.20
N SER E 74 18.71 46.87 5.93
CA SER E 74 17.31 46.79 5.52
C SER E 74 17.08 45.72 4.47
N ILE E 75 16.02 44.93 4.66
CA ILE E 75 15.53 44.10 3.57
C ILE E 75 14.18 44.58 3.03
N ASN E 76 14.20 45.04 1.79
CA ASN E 76 12.97 45.44 1.14
C ASN E 76 12.95 44.78 -0.22
N THR E 77 12.17 43.72 -0.37
CA THR E 77 11.29 43.18 0.66
C THR E 77 11.54 41.71 0.98
N VAL E 78 11.06 41.24 2.14
CA VAL E 78 11.47 39.93 2.68
C VAL E 78 10.96 38.76 1.86
N GLU E 79 11.82 37.78 1.60
CA GLU E 79 11.41 36.43 1.22
C GLU E 79 11.79 35.41 2.27
N SER E 80 11.36 34.18 2.08
CA SER E 80 11.38 33.21 3.17
C SER E 80 12.73 32.51 3.24
N GLU E 81 13.57 32.72 2.25
CA GLU E 81 14.94 32.21 2.33
C GLU E 81 15.84 33.22 3.04
N ASP E 82 15.22 34.30 3.50
CA ASP E 82 15.99 35.34 4.15
C ASP E 82 16.01 35.04 5.64
N ILE E 83 15.33 33.98 6.04
CA ILE E 83 15.48 33.46 7.40
C ILE E 83 16.95 33.19 7.69
N ALA E 84 17.46 33.78 8.77
CA ALA E 84 18.90 33.78 9.09
C ALA E 84 19.15 34.60 10.34
N VAL E 85 20.38 34.53 10.86
CA VAL E 85 20.80 35.56 11.78
C VAL E 85 21.69 36.63 11.15
N TYR E 86 21.45 37.89 11.48
CA TYR E 86 22.16 38.97 10.84
C TYR E 86 23.09 39.64 11.83
N PHE E 87 24.35 39.80 11.42
CA PHE E 87 25.38 40.33 12.30
C PHE E 87 25.95 41.61 11.71
N CYS E 88 26.15 42.61 12.56
CA CYS E 88 27.07 43.69 12.24
C CYS E 88 28.45 43.43 12.83
N GLN E 89 29.48 43.88 12.11
CA GLN E 89 30.86 43.81 12.59
C GLN E 89 31.62 45.09 12.28
N GLN E 90 32.33 45.67 13.25
CA GLN E 90 33.12 46.87 12.96
C GLN E 90 34.58 46.52 12.66
N SER E 91 35.08 47.11 11.59
CA SER E 91 36.50 47.09 11.21
C SER E 91 37.32 48.32 11.59
N ASN E 92 36.74 49.21 12.38
CA ASN E 92 37.35 50.52 12.54
C ASN E 92 38.63 50.41 13.33
N ARG E 93 38.59 49.61 14.39
CA ARG E 93 39.81 49.15 15.02
C ARG E 93 39.79 47.64 15.30
N TRP E 94 40.96 47.00 15.26
CA TRP E 94 41.06 45.65 15.80
C TRP E 94 41.43 45.67 17.27
N PRO E 95 41.04 44.62 18.03
CA PRO E 95 40.27 43.43 17.63
C PRO E 95 38.91 43.79 17.07
N PHE E 96 38.55 43.16 15.96
CA PHE E 96 37.27 43.41 15.30
C PHE E 96 36.20 42.86 16.21
N THR E 97 35.04 43.46 16.18
CA THR E 97 33.96 43.08 17.08
C THR E 97 32.62 42.90 16.34
N PHE E 98 31.76 42.04 16.87
CA PHE E 98 30.50 41.70 16.24
C PHE E 98 29.40 42.08 17.18
N GLY E 99 28.30 42.60 16.66
CA GLY E 99 27.07 42.64 17.41
C GLY E 99 26.59 41.22 17.63
N SER E 100 25.69 41.04 18.58
CA SER E 100 25.33 39.72 19.01
C SER E 100 24.25 39.08 18.09
N GLY E 101 23.79 39.85 17.10
CA GLY E 101 23.00 39.31 16.01
C GLY E 101 21.53 39.57 16.22
N THR E 102 20.79 39.77 15.12
CA THR E 102 19.34 39.66 15.13
C THR E 102 18.81 38.49 14.30
N LYS E 103 17.95 37.66 14.90
CA LYS E 103 17.28 36.60 14.16
C LYS E 103 15.97 37.05 13.46
N LEU E 104 15.88 36.76 12.15
CA LEU E 104 14.65 36.97 11.36
C LEU E 104 13.76 35.74 11.30
N GLU E 105 12.54 35.90 11.79
CA GLU E 105 11.45 34.97 11.50
C GLU E 105 10.58 35.49 10.37
N VAL E 106 10.15 34.59 9.50
CA VAL E 106 9.16 34.94 8.50
C VAL E 106 7.79 34.38 8.86
N ILE E 107 6.81 35.27 8.99
CA ILE E 107 5.45 34.90 9.39
C ILE E 107 4.78 34.11 8.27
N ARG E 108 4.00 33.10 8.66
CA ARG E 108 3.12 32.46 7.70
C ARG E 108 1.81 32.09 8.38
N ALA E 109 0.90 31.54 7.60
CA ALA E 109 -0.36 31.03 8.13
C ALA E 109 -0.08 30.00 9.22
N ASP E 110 -0.99 29.92 10.18
CA ASP E 110 -0.92 28.95 11.26
C ASP E 110 -0.93 27.55 10.71
N ALA E 111 -0.14 26.67 11.32
CA ALA E 111 -0.21 25.24 11.05
C ALA E 111 -0.22 24.45 12.35
N ALA E 112 -1.10 23.47 12.45
CA ALA E 112 -1.04 22.55 13.58
C ALA E 112 0.07 21.51 13.35
N PRO E 113 0.71 21.08 14.45
CA PRO E 113 1.72 20.01 14.36
C PRO E 113 1.11 18.73 13.81
N THR E 114 1.81 18.04 12.90
CA THR E 114 1.55 16.62 12.68
C THR E 114 2.27 15.78 13.73
N VAL E 115 1.50 15.08 14.53
CA VAL E 115 2.05 14.37 15.64
C VAL E 115 2.11 12.88 15.36
N SER E 116 3.27 12.30 15.51
CA SER E 116 3.48 10.88 15.35
C SER E 116 4.14 10.31 16.57
N ILE E 117 3.66 9.16 17.01
CA ILE E 117 4.28 8.43 18.08
C ILE E 117 4.91 7.15 17.57
N PHE E 118 6.08 6.81 18.07
CA PHE E 118 6.72 5.55 17.69
C PHE E 118 7.14 4.78 18.92
N PRO E 119 6.88 3.45 18.89
CA PRO E 119 7.25 2.46 19.89
C PRO E 119 8.71 2.06 19.72
N PRO E 120 9.33 1.54 20.79
CA PRO E 120 10.64 0.90 20.73
C PRO E 120 10.72 -0.14 19.64
N SER E 121 11.85 -0.16 18.94
CA SER E 121 12.11 -1.16 17.91
C SER E 121 12.45 -2.51 18.52
N SER E 122 12.34 -3.57 17.70
CA SER E 122 12.81 -4.89 18.08
C SER E 122 14.27 -4.91 18.55
N GLU E 123 15.17 -4.31 17.78
CA GLU E 123 16.58 -4.26 18.12
C GLU E 123 16.75 -3.75 19.55
N GLN E 124 16.07 -2.64 19.82
CA GLN E 124 16.30 -1.92 21.05
C GLN E 124 15.74 -2.71 22.22
N LEU E 125 14.63 -3.41 21.97
CA LEU E 125 14.03 -4.25 23.00
C LEU E 125 14.88 -5.49 23.31
N THR E 126 15.46 -6.10 22.28
CA THR E 126 16.43 -7.16 22.52
C THR E 126 17.68 -6.63 23.23
N SER E 127 17.96 -5.34 23.12
CA SER E 127 19.18 -4.81 23.75
C SER E 127 19.02 -4.44 25.23
N GLY E 128 17.78 -4.42 25.73
CA GLY E 128 17.54 -4.10 27.13
C GLY E 128 17.37 -2.61 27.41
N GLY E 129 16.87 -1.88 26.41
CA GLY E 129 16.24 -0.60 26.67
C GLY E 129 15.10 -0.31 25.72
N ALA E 130 14.34 0.74 26.01
CA ALA E 130 13.15 1.08 25.23
C ALA E 130 13.01 2.58 25.03
N SER E 131 12.86 3.02 23.79
CA SER E 131 12.58 4.43 23.54
C SER E 131 11.27 4.68 22.78
N VAL E 132 10.48 5.60 23.31
CA VAL E 132 9.39 6.18 22.57
C VAL E 132 9.75 7.58 22.09
N VAL E 133 9.54 7.84 20.81
CA VAL E 133 9.77 9.11 20.18
C VAL E 133 8.48 9.70 19.66
N CYS E 134 8.27 10.98 19.89
CA CYS E 134 7.17 11.73 19.31
C CYS E 134 7.70 12.81 18.45
N PHE E 135 7.22 12.91 17.23
CA PHE E 135 7.55 14.04 16.38
C PHE E 135 6.39 15.01 16.47
N LEU E 136 6.65 16.29 16.44
CA LEU E 136 5.62 17.30 16.28
C LEU E 136 6.04 18.12 15.13
N ASN E 137 5.53 17.85 13.97
CA ASN E 137 6.17 18.34 12.76
C ASN E 137 5.40 19.46 12.06
N ASN E 138 6.16 20.42 11.54
CA ASN E 138 5.65 21.44 10.63
C ASN E 138 4.51 22.26 11.25
N PHE E 139 4.80 22.94 12.34
CA PHE E 139 3.80 23.76 12.98
C PHE E 139 4.23 25.22 12.89
N TYR E 140 3.27 26.13 12.97
CA TYR E 140 3.56 27.53 13.20
C TYR E 140 2.39 28.04 14.01
N PRO E 141 2.62 28.96 14.93
CA PRO E 141 3.87 29.61 15.32
C PRO E 141 4.65 28.73 16.27
N LYS E 142 5.70 29.28 16.85
CA LYS E 142 6.89 28.54 17.25
C LYS E 142 6.61 27.79 18.56
N ASP E 143 5.74 28.34 19.40
CA ASP E 143 5.67 27.88 20.77
C ASP E 143 4.79 26.65 20.90
N ILE E 144 5.22 25.71 21.71
CA ILE E 144 4.56 24.42 21.77
C ILE E 144 4.88 23.79 23.12
N ASN E 145 4.07 22.81 23.52
CA ASN E 145 4.41 22.00 24.68
C ASN E 145 4.21 20.50 24.44
N VAL E 146 5.05 19.67 25.05
CA VAL E 146 4.77 18.23 25.11
C VAL E 146 4.52 17.80 26.53
N LYS E 147 3.64 16.81 26.67
CA LYS E 147 3.53 16.06 27.89
C LYS E 147 3.59 14.61 27.50
N TRP E 148 4.15 13.80 28.38
CA TRP E 148 4.13 12.39 28.16
C TRP E 148 3.24 11.82 29.22
N LYS E 149 2.47 10.80 28.88
CA LYS E 149 1.68 10.01 29.82
C LYS E 149 1.91 8.52 29.63
N ILE E 150 2.23 7.82 30.72
CA ILE E 150 2.28 6.36 30.74
C ILE E 150 1.07 5.80 31.49
N ASP E 151 0.23 5.06 30.77
CA ASP E 151 -1.01 4.49 31.30
C ASP E 151 -1.83 5.56 32.05
N GLY E 152 -1.75 6.81 31.59
CA GLY E 152 -2.55 7.89 32.15
C GLY E 152 -1.82 8.77 33.14
N SER E 153 -0.52 8.54 33.32
CA SER E 153 0.22 9.20 34.41
C SER E 153 1.38 10.00 33.87
N GLU E 154 1.52 11.24 34.33
CA GLU E 154 2.36 12.21 33.65
C GLU E 154 3.85 12.12 34.02
N ARG E 155 4.68 11.96 32.99
CA ARG E 155 6.04 11.48 33.19
C ARG E 155 7.00 12.57 32.76
N GLN E 156 7.74 13.14 33.71
CA GLN E 156 8.74 14.16 33.39
C GLN E 156 10.20 13.70 33.24
N ASN E 157 10.52 12.47 33.63
CA ASN E 157 11.93 12.04 33.67
C ASN E 157 12.31 11.10 32.53
N GLY E 158 13.39 11.43 31.83
CA GLY E 158 13.85 10.58 30.74
C GLY E 158 13.44 11.14 29.39
N VAL E 159 13.01 12.41 29.41
CA VAL E 159 12.44 13.09 28.25
C VAL E 159 13.41 14.08 27.65
N LEU E 160 13.79 13.83 26.40
CA LEU E 160 14.76 14.67 25.70
C LEU E 160 14.15 15.37 24.47
N ASN E 161 14.20 16.71 24.47
CA ASN E 161 13.52 17.50 23.47
C ASN E 161 14.48 18.16 22.48
N SER E 162 14.07 18.26 21.23
CA SER E 162 14.89 18.90 20.24
C SER E 162 14.01 19.73 19.30
N TRP E 163 14.49 20.92 18.94
CA TRP E 163 13.73 21.81 18.08
C TRP E 163 14.51 22.18 16.83
N THR E 164 13.84 22.16 15.68
CA THR E 164 14.46 22.65 14.47
C THR E 164 14.43 24.16 14.47
N ASP E 165 15.31 24.76 13.70
CA ASP E 165 15.12 26.16 13.32
C ASP E 165 13.94 26.23 12.32
N GLN E 166 13.60 27.43 11.90
CA GLN E 166 12.48 27.60 10.99
C GLN E 166 12.94 27.05 9.66
N ASP E 167 12.02 26.46 8.92
CA ASP E 167 12.30 25.85 7.64
C ASP E 167 12.24 26.92 6.55
N SER E 168 13.22 26.96 5.65
CA SER E 168 13.28 28.04 4.70
C SER E 168 12.30 27.89 3.52
N LYS E 169 11.97 26.65 3.16
CA LYS E 169 10.89 26.43 2.20
C LYS E 169 9.53 26.58 2.85
N ASP E 170 9.36 25.94 3.99
CA ASP E 170 8.07 25.64 4.61
C ASP E 170 7.59 26.83 5.42
N SER E 171 8.56 27.51 6.02
CA SER E 171 8.37 28.49 7.09
C SER E 171 7.81 27.92 8.40
N THR E 172 8.03 26.64 8.66
CA THR E 172 7.46 26.03 9.85
C THR E 172 8.50 25.63 10.89
N TYR E 173 8.03 24.99 11.94
CA TYR E 173 8.89 24.54 13.01
C TYR E 173 8.55 23.10 13.30
N SER E 174 9.56 22.30 13.64
CA SER E 174 9.31 20.93 14.11
C SER E 174 10.05 20.62 15.40
N MET E 175 9.61 19.60 16.07
CA MET E 175 10.10 19.22 17.37
C MET E 175 10.03 17.72 17.58
N SER E 176 11.02 17.17 18.26
CA SER E 176 11.02 15.76 18.66
C SER E 176 11.08 15.61 20.15
N SER E 177 10.49 14.56 20.67
CA SER E 177 10.58 14.27 22.07
C SER E 177 10.85 12.82 22.32
N THR E 178 11.88 12.51 23.07
CA THR E 178 12.28 11.12 23.19
C THR E 178 12.20 10.71 24.65
N LEU E 179 11.30 9.79 24.95
CA LEU E 179 11.18 9.24 26.27
C LEU E 179 11.93 7.92 26.32
N THR E 180 12.83 7.79 27.28
CA THR E 180 13.82 6.72 27.26
C THR E 180 13.83 5.95 28.57
N LEU E 181 13.68 4.63 28.46
CA LEU E 181 13.36 3.76 29.58
C LEU E 181 14.22 2.51 29.57
N THR E 182 14.29 1.84 30.72
CA THR E 182 14.69 0.45 30.72
C THR E 182 13.61 -0.40 30.06
N LYS E 183 14.05 -1.46 29.37
CA LYS E 183 13.16 -2.48 28.81
C LYS E 183 12.21 -3.01 29.88
N ASP E 184 12.73 -3.16 31.09
CA ASP E 184 11.93 -3.62 32.21
C ASP E 184 10.78 -2.67 32.51
N GLU E 185 11.09 -1.40 32.77
CA GLU E 185 10.06 -0.44 33.18
C GLU E 185 9.08 -0.16 32.05
N TYR E 186 9.59 -0.20 30.82
CA TYR E 186 8.73 -0.16 29.65
C TYR E 186 7.76 -1.31 29.68
N GLU E 187 8.24 -2.49 30.05
CA GLU E 187 7.41 -3.68 30.02
C GLU E 187 6.57 -3.82 31.29
N ARG E 188 6.72 -2.86 32.22
CA ARG E 188 5.75 -2.70 33.29
C ARG E 188 4.36 -2.25 32.79
N HIS E 189 4.36 -1.35 31.81
CA HIS E 189 3.15 -0.62 31.47
C HIS E 189 2.65 -0.96 30.06
N ASN E 190 1.55 -0.32 29.68
CA ASN E 190 0.73 -0.74 28.54
C ASN E 190 0.46 0.38 27.53
N SER E 191 -0.14 1.47 28.00
CA SER E 191 -0.51 2.57 27.10
C SER E 191 0.45 3.75 27.19
N TYR E 192 0.97 4.16 26.03
CA TYR E 192 1.97 5.22 25.96
C TYR E 192 1.48 6.36 25.09
N THR E 193 1.55 7.57 25.62
CA THR E 193 0.87 8.72 25.01
C THR E 193 1.77 9.96 24.97
N CYS E 194 1.87 10.55 23.82
CA CYS E 194 2.45 11.85 23.78
C CYS E 194 1.43 12.87 23.35
N GLU E 195 1.38 13.93 24.10
CA GLU E 195 0.33 14.92 23.92
C GLU E 195 0.86 16.34 23.74
N ALA E 196 0.37 16.99 22.68
CA ALA E 196 0.97 18.22 22.17
C ALA E 196 0.04 19.40 22.38
N THR E 197 0.60 20.54 22.75
CA THR E 197 -0.24 21.70 23.04
C THR E 197 0.26 22.90 22.27
N HIS E 198 -0.58 23.41 21.38
CA HIS E 198 -0.20 24.45 20.43
C HIS E 198 -1.36 25.44 20.24
N LYS E 199 -1.07 26.60 19.66
CA LYS E 199 -2.04 27.68 19.61
C LYS E 199 -3.26 27.24 18.79
N THR E 200 -3.06 26.27 17.92
CA THR E 200 -4.02 25.98 16.87
C THR E 200 -5.13 25.04 17.35
N SER E 201 -5.07 24.68 18.64
CA SER E 201 -6.19 23.99 19.28
C SER E 201 -6.33 24.37 20.75
N THR E 202 -7.57 24.57 21.18
CA THR E 202 -7.91 24.67 22.59
C THR E 202 -7.47 23.44 23.34
N SER E 203 -7.57 22.28 22.69
CA SER E 203 -7.37 21.03 23.37
C SER E 203 -6.20 20.27 22.74
N PRO E 204 -5.43 19.56 23.58
CA PRO E 204 -4.14 19.03 23.14
C PRO E 204 -4.33 17.91 22.14
N ILE E 205 -3.42 17.81 21.17
CA ILE E 205 -3.38 16.69 20.26
C ILE E 205 -2.82 15.48 20.96
N VAL E 206 -3.51 14.35 20.85
CA VAL E 206 -3.09 13.16 21.54
C VAL E 206 -2.75 12.07 20.52
N LYS E 207 -1.52 11.56 20.59
CA LYS E 207 -1.24 10.27 19.96
C LYS E 207 -0.77 9.25 20.98
N SER E 208 -1.15 8.01 20.71
CA SER E 208 -0.97 6.96 21.70
C SER E 208 -0.75 5.64 21.01
N PHE E 209 -0.22 4.69 21.77
CA PHE E 209 -0.38 3.29 21.42
C PHE E 209 -0.52 2.42 22.65
N ASN E 210 -0.73 1.12 22.41
CA ASN E 210 -0.55 0.13 23.45
C ASN E 210 0.59 -0.84 23.16
N ARG E 211 1.24 -1.32 24.20
CA ARG E 211 2.38 -2.20 24.02
C ARG E 211 1.87 -3.56 23.51
N ASN E 212 2.37 -3.97 22.35
CA ASN E 212 1.87 -5.17 21.68
C ASN E 212 3.04 -6.07 21.27
N GLN F 1 37.69 29.83 -8.58
CA GLN F 1 36.81 30.36 -7.55
C GLN F 1 37.49 30.33 -6.18
N VAL F 2 37.23 31.37 -5.40
CA VAL F 2 38.00 31.66 -4.21
C VAL F 2 37.44 30.83 -3.07
N GLN F 3 38.30 30.09 -2.40
CA GLN F 3 37.82 29.04 -1.53
C GLN F 3 38.76 28.82 -0.37
N LEU F 4 38.18 28.59 0.80
CA LEU F 4 38.96 28.30 1.98
C LEU F 4 38.40 26.99 2.54
N GLU F 5 39.22 25.94 2.47
CA GLU F 5 38.73 24.64 2.87
C GLU F 5 39.38 24.29 4.19
N GLU F 6 38.57 23.97 5.20
CA GLU F 6 39.09 23.83 6.54
C GLU F 6 39.10 22.34 6.90
N SER F 7 40.01 21.99 7.80
CA SER F 7 40.14 20.66 8.34
C SER F 7 38.90 20.23 9.12
N GLY F 8 38.70 18.93 9.29
CA GLY F 8 37.41 18.44 9.77
C GLY F 8 37.38 18.32 11.27
N ALA F 9 36.29 17.80 11.82
CA ALA F 9 35.97 18.09 13.21
C ALA F 9 36.98 17.40 14.11
N GLU F 10 37.46 18.11 15.14
CA GLU F 10 38.42 17.55 16.09
C GLU F 10 37.74 17.19 17.40
N LEU F 11 38.07 16.00 17.93
CA LEU F 11 37.89 15.74 19.35
C LEU F 11 39.23 15.78 20.09
N ALA F 12 39.24 16.43 21.26
CA ALA F 12 40.50 16.72 21.96
C ALA F 12 40.32 16.70 23.48
N ARG F 13 41.29 16.11 24.19
CA ARG F 13 41.18 15.99 25.64
C ARG F 13 41.60 17.30 26.32
N PRO F 14 41.07 17.57 27.52
CA PRO F 14 41.52 18.76 28.24
C PRO F 14 43.04 18.77 28.45
N GLY F 15 43.66 19.92 28.21
CA GLY F 15 45.09 20.06 28.42
C GLY F 15 45.90 19.77 27.16
N SER F 16 45.26 19.15 26.17
CA SER F 16 45.94 18.87 24.90
C SER F 16 45.86 20.08 23.99
N SER F 17 46.23 19.88 22.73
CA SER F 17 46.12 20.97 21.77
C SER F 17 45.57 20.46 20.43
N VAL F 18 45.04 21.36 19.61
CA VAL F 18 44.65 20.98 18.26
C VAL F 18 45.28 21.92 17.26
N LYS F 19 45.54 21.42 16.05
CA LYS F 19 46.01 22.27 14.97
C LYS F 19 44.99 22.32 13.87
N LEU F 20 44.31 23.45 13.75
CA LEU F 20 43.25 23.61 12.75
C LEU F 20 43.84 24.20 11.49
N SER F 21 43.40 23.72 10.34
CA SER F 21 43.95 24.24 9.08
C SER F 21 42.88 24.86 8.17
N CYS F 22 43.35 25.80 7.35
CA CYS F 22 42.57 26.44 6.33
C CYS F 22 43.41 26.46 5.07
N LYS F 23 43.01 25.72 4.04
CA LYS F 23 43.77 25.72 2.79
C LYS F 23 43.12 26.69 1.83
N ALA F 24 43.89 27.67 1.39
CA ALA F 24 43.39 28.69 0.47
C ALA F 24 43.63 28.24 -0.96
N SER F 25 42.61 28.44 -1.80
CA SER F 25 42.84 28.39 -3.24
C SER F 25 42.00 29.45 -3.90
N GLY F 26 42.39 29.81 -5.12
CA GLY F 26 41.55 30.58 -6.01
C GLY F 26 42.04 32.02 -6.07
N TYR F 27 43.06 32.32 -5.25
CA TYR F 27 43.59 33.65 -5.21
C TYR F 27 45.04 33.59 -4.76
N THR F 28 45.71 34.74 -4.70
CA THR F 28 47.08 34.78 -4.26
C THR F 28 47.12 34.80 -2.74
N PHE F 29 47.64 33.73 -2.14
CA PHE F 29 47.50 33.51 -0.71
C PHE F 29 48.17 34.66 0.06
N THR F 30 49.24 35.24 -0.51
CA THR F 30 50.12 36.13 0.26
C THR F 30 49.71 37.59 0.09
N ASN F 31 48.59 37.82 -0.61
CA ASN F 31 48.08 39.19 -0.78
C ASN F 31 46.99 39.64 0.21
N TYR F 32 46.60 38.78 1.14
CA TYR F 32 45.45 39.10 2.00
C TYR F 32 45.66 38.62 3.41
N TRP F 33 45.33 39.45 4.39
CA TRP F 33 45.20 38.99 5.75
C TRP F 33 44.18 37.87 5.81
N LEU F 34 44.45 36.94 6.71
CA LEU F 34 43.62 35.79 6.95
C LEU F 34 43.26 35.71 8.41
N GLN F 35 41.97 35.61 8.71
CA GLN F 35 41.49 35.81 10.07
C GLN F 35 40.82 34.60 10.68
N TRP F 36 40.87 34.50 12.00
CA TRP F 36 40.20 33.42 12.69
C TRP F 36 39.18 33.94 13.68
N VAL F 37 38.05 33.25 13.71
CA VAL F 37 36.82 33.66 14.40
C VAL F 37 36.21 32.44 15.11
N LYS F 38 35.86 32.62 16.37
CA LYS F 38 35.26 31.55 17.17
C LYS F 38 33.76 31.80 17.34
N GLN F 39 32.97 30.73 17.29
CA GLN F 39 31.55 30.78 17.63
C GLN F 39 31.12 29.58 18.49
N ARG F 40 30.73 29.83 19.75
CA ARG F 40 30.13 28.77 20.56
C ARG F 40 28.65 28.53 20.19
N THR F 41 28.17 27.31 20.40
CA THR F 41 26.81 26.92 19.95
C THR F 41 25.73 27.71 20.66
N GLY F 42 24.62 27.96 19.97
CA GLY F 42 24.55 29.04 19.02
C GLY F 42 24.59 30.38 19.72
N GLN F 43 25.56 31.18 19.32
CA GLN F 43 25.99 32.37 20.03
C GLN F 43 26.83 33.20 19.08
N GLY F 44 27.52 34.20 19.63
CA GLY F 44 28.12 35.26 18.82
C GLY F 44 29.37 34.85 18.09
N LEU F 45 29.74 35.67 17.11
CA LEU F 45 31.06 35.61 16.51
C LEU F 45 32.06 36.37 17.37
N GLU F 46 33.27 35.83 17.44
CA GLU F 46 34.30 36.39 18.29
C GLU F 46 35.58 36.37 17.50
N TRP F 47 36.14 37.54 17.23
CA TRP F 47 37.36 37.63 16.43
C TRP F 47 38.57 37.20 17.27
N ILE F 48 39.28 36.18 16.78
CA ILE F 48 40.47 35.67 17.43
C ILE F 48 41.69 36.44 16.96
N GLY F 49 41.95 36.43 15.66
CA GLY F 49 43.16 37.11 15.23
C GLY F 49 43.39 37.08 13.74
N ALA F 50 44.52 37.60 13.29
CA ALA F 50 44.78 37.64 11.86
C ALA F 50 46.25 37.40 11.60
N ILE F 51 46.55 36.89 10.43
CA ILE F 51 47.93 36.67 10.05
C ILE F 51 48.08 37.12 8.61
N TYR F 52 49.27 37.60 8.27
CA TYR F 52 49.53 38.09 6.93
C TYR F 52 50.52 37.14 6.29
N PRO F 53 50.04 36.33 5.34
CA PRO F 53 50.81 35.14 4.96
C PRO F 53 52.13 35.46 4.28
N ARG F 54 52.30 36.69 3.80
CA ARG F 54 53.56 37.04 3.18
C ARG F 54 54.75 36.92 4.15
N ASP F 55 54.72 37.69 5.24
CA ASP F 55 55.73 37.60 6.31
C ASP F 55 55.34 36.89 7.62
N GLY F 56 54.12 36.36 7.67
CA GLY F 56 53.70 35.62 8.85
C GLY F 56 53.41 36.48 10.08
N ASP F 57 53.37 37.81 9.86
CA ASP F 57 53.03 38.76 10.91
C ASP F 57 51.61 38.50 11.46
N ALA F 58 51.46 38.53 12.77
CA ALA F 58 50.20 38.14 13.38
C ALA F 58 49.69 39.17 14.38
N LYS F 59 48.38 39.40 14.39
CA LYS F 59 47.71 40.17 15.43
C LYS F 59 46.72 39.30 16.21
N TYR F 60 46.68 39.49 17.52
CA TYR F 60 45.90 38.64 18.40
C TYR F 60 45.00 39.50 19.25
N SER F 61 43.78 39.07 19.47
CA SER F 61 42.98 39.64 20.52
C SER F 61 43.61 39.28 21.85
N GLN F 62 43.66 40.24 22.76
CA GLN F 62 44.27 40.02 24.08
C GLN F 62 43.72 38.77 24.73
N LYS F 63 42.47 38.46 24.42
CA LYS F 63 41.77 37.37 25.05
C LYS F 63 42.39 36.06 24.55
N PHE F 64 42.86 36.06 23.32
CA PHE F 64 43.33 34.81 22.72
C PHE F 64 44.85 34.62 22.70
N LYS F 65 45.58 35.60 23.23
CA LYS F 65 47.04 35.61 23.16
C LYS F 65 47.68 34.38 23.86
N ASP F 66 47.03 33.91 24.94
CA ASP F 66 47.50 32.75 25.68
C ASP F 66 46.86 31.42 25.21
N LYS F 67 46.08 31.49 24.14
CA LYS F 67 45.28 30.36 23.66
C LYS F 67 45.77 29.89 22.30
N ALA F 68 45.82 30.83 21.36
CA ALA F 68 45.96 30.54 19.96
C ALA F 68 47.35 30.92 19.44
N SER F 69 47.86 30.13 18.49
CA SER F 69 49.06 30.49 17.78
C SER F 69 48.81 30.40 16.28
N LEU F 70 49.07 31.48 15.56
CA LEU F 70 48.77 31.50 14.13
C LEU F 70 50.02 31.32 13.28
N THR F 71 49.97 30.41 12.31
CA THR F 71 51.09 30.30 11.38
C THR F 71 50.58 30.10 9.95
N VAL F 72 51.48 30.23 8.98
CA VAL F 72 51.17 29.77 7.62
C VAL F 72 52.30 28.94 7.02
N ASN F 73 51.91 27.94 6.24
CA ASN F 73 52.76 27.41 5.17
C ASN F 73 52.40 28.08 3.85
N GLU F 74 53.31 28.89 3.37
CA GLU F 74 53.10 29.69 2.17
C GLU F 74 53.14 28.81 0.91
N SER F 75 53.95 27.75 0.94
CA SER F 75 54.01 26.81 -0.16
C SER F 75 52.65 26.17 -0.42
N SER F 76 52.04 25.66 0.63
CA SER F 76 50.81 24.91 0.47
C SER F 76 49.61 25.83 0.47
N SER F 77 49.87 27.14 0.55
CA SER F 77 48.83 28.13 0.74
C SER F 77 47.88 27.70 1.84
N THR F 78 48.45 27.32 2.98
CA THR F 78 47.66 26.87 4.11
C THR F 78 47.96 27.68 5.33
N ALA F 79 46.92 27.96 6.11
CA ALA F 79 47.08 28.65 7.37
C ALA F 79 46.72 27.70 8.50
N TYR F 80 47.33 27.90 9.66
CA TYR F 80 47.09 27.05 10.82
C TYR F 80 46.80 27.90 12.03
N MET F 81 45.87 27.40 12.83
CA MET F 81 45.66 27.90 14.17
C MET F 81 45.82 26.81 15.20
N HIS F 82 46.80 26.97 16.07
CA HIS F 82 46.97 26.08 17.20
C HIS F 82 46.17 26.55 18.40
N LEU F 83 45.27 25.71 18.89
CA LEU F 83 44.64 25.98 20.18
C LEU F 83 45.22 25.07 21.24
N SER F 84 45.72 25.63 22.33
CA SER F 84 46.41 24.80 23.30
C SER F 84 45.90 24.95 24.73
N ALA F 85 46.21 23.97 25.56
CA ALA F 85 45.79 23.90 26.95
C ALA F 85 44.30 23.97 27.07
N LEU F 86 43.65 22.94 26.55
CA LEU F 86 42.27 23.03 26.12
C LEU F 86 41.33 22.87 27.29
N ALA F 87 40.38 23.79 27.41
CA ALA F 87 39.30 23.62 28.37
C ALA F 87 37.99 23.56 27.60
N SER F 88 36.91 23.39 28.35
CA SER F 88 35.63 23.12 27.72
C SER F 88 35.15 24.37 27.01
N GLU F 89 35.51 25.52 27.55
CA GLU F 89 35.10 26.79 26.98
C GLU F 89 35.71 26.99 25.59
N ASP F 90 36.60 26.09 25.18
CA ASP F 90 37.17 26.14 23.83
C ASP F 90 36.34 25.31 22.82
N SER F 91 35.36 24.54 23.29
CA SER F 91 34.47 23.80 22.36
C SER F 91 33.58 24.79 21.62
N ALA F 92 33.65 24.75 20.29
CA ALA F 92 33.24 25.88 19.48
C ALA F 92 33.45 25.54 18.03
N VAL F 93 32.87 26.36 17.17
CA VAL F 93 33.23 26.29 15.76
C VAL F 93 34.21 27.38 15.41
N TYR F 94 35.19 27.06 14.59
CA TYR F 94 36.23 28.01 14.26
C TYR F 94 36.30 28.22 12.76
N TYR F 95 36.10 29.48 12.36
CA TYR F 95 36.19 29.86 10.96
C TYR F 95 37.52 30.53 10.67
N CYS F 96 38.07 30.23 9.51
CA CYS F 96 38.96 31.16 8.85
C CYS F 96 38.18 31.99 7.85
N ALA F 97 38.57 33.25 7.69
CA ALA F 97 37.94 34.09 6.71
C ALA F 97 38.93 35.05 6.09
N ARG F 98 38.83 35.25 4.78
CA ARG F 98 39.71 36.20 4.12
C ARG F 98 39.28 37.64 4.38
N ALA F 99 40.25 38.45 4.77
CA ALA F 99 40.09 39.88 4.93
C ALA F 99 40.21 40.57 3.56
N ASN F 100 39.28 41.47 3.23
CA ASN F 100 39.30 42.14 1.92
C ASN F 100 38.65 43.52 1.97
N TYR F 101 38.83 44.30 0.91
CA TYR F 101 38.32 45.68 0.81
C TYR F 101 38.91 46.66 1.85
N GLY F 102 40.19 46.97 1.73
CA GLY F 102 40.88 47.84 2.69
C GLY F 102 40.38 49.27 2.64
N LEU F 103 40.78 50.11 3.58
CA LEU F 103 41.75 49.78 4.61
C LEU F 103 41.12 49.11 5.82
N TYR F 104 39.80 49.13 5.95
CA TYR F 104 39.24 48.51 7.12
C TYR F 104 38.44 47.30 6.71
N TYR F 105 39.01 46.10 6.89
CA TYR F 105 38.74 45.01 5.98
C TYR F 105 37.42 44.38 6.39
N ALA F 106 36.57 44.08 5.42
CA ALA F 106 35.49 43.10 5.62
C ALA F 106 36.02 41.68 5.52
N MET F 107 35.26 40.72 6.02
CA MET F 107 35.65 39.35 5.78
C MET F 107 34.83 38.76 4.65
N ASP F 108 35.42 38.69 3.46
CA ASP F 108 34.61 38.52 2.26
C ASP F 108 34.43 37.05 1.88
N ARG F 109 35.23 36.15 2.44
CA ARG F 109 35.15 34.72 2.11
C ARG F 109 35.36 33.87 3.35
N TRP F 110 34.57 32.84 3.56
CA TRP F 110 34.67 32.08 4.80
C TRP F 110 34.88 30.59 4.54
N GLY F 111 35.63 29.93 5.43
CA GLY F 111 35.66 28.49 5.47
C GLY F 111 34.38 27.92 6.05
N GLN F 112 34.24 26.59 6.05
CA GLN F 112 32.99 25.95 6.49
C GLN F 112 32.90 25.92 8.00
N GLY F 113 33.99 26.27 8.67
CA GLY F 113 34.12 26.02 10.10
C GLY F 113 34.72 24.65 10.36
N THR F 114 35.48 24.56 11.45
CA THR F 114 35.86 23.31 12.04
C THR F 114 35.32 23.27 13.46
N SER F 115 34.65 22.19 13.82
CA SER F 115 34.09 22.09 15.14
C SER F 115 35.05 21.36 16.07
N VAL F 116 35.57 22.08 17.07
CA VAL F 116 36.40 21.48 18.11
C VAL F 116 35.55 21.11 19.34
N THR F 117 35.66 19.86 19.78
CA THR F 117 34.99 19.44 21.01
C THR F 117 36.04 19.05 22.03
N VAL F 118 35.94 19.64 23.22
CA VAL F 118 36.92 19.41 24.26
C VAL F 118 36.26 18.68 25.43
N SER F 119 36.57 17.39 25.56
CA SER F 119 35.94 16.54 26.56
C SER F 119 36.84 15.37 26.92
N SER F 120 36.63 14.80 28.11
CA SER F 120 37.28 13.55 28.52
C SER F 120 36.54 12.33 27.98
N ALA F 121 35.35 12.55 27.45
CA ALA F 121 34.46 11.45 27.15
C ALA F 121 35.02 10.61 26.01
N LYS F 122 34.75 9.32 26.05
CA LYS F 122 35.32 8.39 25.09
C LYS F 122 34.43 8.33 23.82
N THR F 123 35.08 8.20 22.66
CA THR F 123 34.37 7.99 21.40
C THR F 123 33.46 6.76 21.51
N THR F 124 32.18 6.94 21.15
CA THR F 124 31.21 5.85 21.11
C THR F 124 30.40 5.92 19.81
N PRO F 125 30.17 4.74 19.19
CA PRO F 125 29.27 4.61 18.04
C PRO F 125 27.80 4.66 18.44
N PRO F 126 26.96 5.16 17.53
CA PRO F 126 25.51 5.22 17.78
C PRO F 126 24.91 3.82 17.62
N SER F 127 23.90 3.47 18.41
CA SER F 127 22.88 2.53 17.94
C SER F 127 21.80 3.21 17.08
N VAL F 128 21.44 2.61 15.98
CA VAL F 128 20.46 3.15 15.08
C VAL F 128 19.20 2.29 14.98
N TYR F 129 18.07 2.90 15.28
CA TYR F 129 16.82 2.21 15.29
C TYR F 129 15.77 2.73 14.31
N PRO F 130 14.94 1.85 13.77
CA PRO F 130 13.80 2.24 12.94
C PRO F 130 12.70 2.90 13.77
N LEU F 131 12.10 3.92 13.20
CA LEU F 131 10.95 4.52 13.80
C LEU F 131 9.77 4.32 12.88
N ALA F 132 8.88 3.44 13.30
CA ALA F 132 7.75 3.03 12.50
C ALA F 132 6.48 2.98 13.35
N PRO F 133 5.35 3.42 12.78
CA PRO F 133 4.04 3.45 13.47
C PRO F 133 3.43 2.04 13.60
N SER F 141 -2.93 9.24 4.15
CA SER F 141 -2.52 9.80 2.86
C SER F 141 -1.04 10.19 2.83
N MET F 142 -0.56 10.77 3.93
CA MET F 142 0.88 10.83 4.22
C MET F 142 1.27 9.94 5.41
N VAL F 143 2.49 9.42 5.39
CA VAL F 143 3.03 8.66 6.52
C VAL F 143 4.41 9.18 6.94
N THR F 144 4.64 9.30 8.25
CA THR F 144 5.95 9.73 8.74
C THR F 144 6.70 8.56 9.37
N LEU F 145 7.93 8.35 8.90
CA LEU F 145 8.84 7.38 9.48
C LEU F 145 10.04 8.12 10.07
N GLY F 146 10.98 7.42 10.69
CA GLY F 146 12.24 8.01 11.08
C GLY F 146 13.36 7.07 11.43
N CYS F 147 14.48 7.61 11.91
CA CYS F 147 15.55 6.82 12.51
C CYS F 147 15.86 7.44 13.82
N LEU F 148 16.16 6.64 14.82
CA LEU F 148 16.72 7.15 16.05
C LEU F 148 18.20 6.85 16.07
N VAL F 149 18.99 7.85 16.35
CA VAL F 149 20.41 7.68 16.43
C VAL F 149 20.77 7.93 17.87
N LYS F 150 21.15 6.90 18.59
CA LYS F 150 21.18 6.96 20.04
C LYS F 150 22.57 6.66 20.59
N GLY F 151 23.01 7.50 21.52
CA GLY F 151 24.08 7.14 22.44
C GLY F 151 25.48 7.16 21.83
N TYR F 152 25.79 8.24 21.10
CA TYR F 152 27.02 8.31 20.32
C TYR F 152 27.73 9.55 20.72
N PHE F 153 28.99 9.62 20.29
CA PHE F 153 29.92 10.68 20.70
C PHE F 153 31.18 10.46 19.92
N PRO F 154 31.80 11.55 19.42
CA PRO F 154 31.24 12.91 19.45
C PRO F 154 30.42 13.21 18.19
N GLU F 155 29.87 14.42 18.13
CA GLU F 155 29.31 14.95 16.89
C GLU F 155 30.36 15.09 15.79
N PRO F 156 29.92 15.00 14.52
CA PRO F 156 28.56 14.76 14.03
C PRO F 156 28.21 13.28 13.79
N VAL F 157 26.95 13.06 13.43
CA VAL F 157 26.54 11.99 12.53
C VAL F 157 25.87 12.56 11.28
N THR F 158 25.90 11.79 10.20
CA THR F 158 25.10 12.13 9.03
C THR F 158 23.98 11.12 8.82
N VAL F 159 22.84 11.61 8.37
CA VAL F 159 21.70 10.78 8.04
C VAL F 159 21.19 11.14 6.65
N THR F 160 21.09 10.14 5.77
CA THR F 160 20.46 10.34 4.48
C THR F 160 19.31 9.35 4.38
N TRP F 161 18.40 9.51 3.44
CA TRP F 161 17.38 8.49 3.19
C TRP F 161 17.51 7.96 1.79
N ASN F 162 17.33 6.68 1.63
CA ASN F 162 17.63 6.01 0.35
C ASN F 162 18.85 6.58 -0.35
N SER F 163 20.00 6.52 0.32
CA SER F 163 21.29 6.90 -0.27
C SER F 163 21.26 8.28 -0.91
N GLY F 164 20.37 9.14 -0.41
CA GLY F 164 20.19 10.49 -0.92
C GLY F 164 19.14 10.62 -2.02
N SER F 165 18.32 9.59 -2.21
CA SER F 165 17.16 9.65 -3.14
C SER F 165 15.90 10.31 -2.59
N LEU F 166 15.69 10.19 -1.28
CA LEU F 166 14.86 11.11 -0.51
C LEU F 166 15.66 12.30 0.02
N SER F 167 15.22 13.50 -0.34
CA SER F 167 15.72 14.72 0.30
C SER F 167 14.54 15.52 0.87
N SER F 168 13.64 15.97 0.00
CA SER F 168 12.45 16.67 0.48
C SER F 168 11.59 15.73 1.33
N GLY F 169 10.96 16.28 2.36
CA GLY F 169 10.25 15.45 3.31
C GLY F 169 10.95 15.26 4.64
N VAL F 170 12.17 15.78 4.78
CA VAL F 170 13.08 15.32 5.84
C VAL F 170 13.39 16.40 6.88
N HIS F 171 13.09 16.10 8.15
CA HIS F 171 13.71 16.83 9.28
C HIS F 171 14.71 15.97 10.02
N THR F 172 15.98 16.31 9.99
CA THR F 172 16.88 15.79 11.02
C THR F 172 17.04 16.75 12.21
N PHE F 173 16.68 16.30 13.41
CA PHE F 173 16.71 17.15 14.59
C PHE F 173 18.11 17.39 15.11
N PRO F 174 18.32 18.53 15.77
CA PRO F 174 19.61 18.81 16.40
C PRO F 174 19.88 17.84 17.53
N ALA F 175 21.13 17.38 17.63
CA ALA F 175 21.47 16.36 18.62
C ALA F 175 21.36 16.95 20.02
N VAL F 176 21.06 16.08 20.98
CA VAL F 176 20.90 16.49 22.37
C VAL F 176 21.82 15.69 23.28
N LEU F 177 22.58 16.38 24.13
CA LEU F 177 23.61 15.74 24.94
C LEU F 177 23.06 15.40 26.31
N GLN F 178 23.05 14.11 26.66
CA GLN F 178 22.94 13.72 28.07
C GLN F 178 24.00 12.69 28.47
N SER F 179 24.82 13.07 29.45
CA SER F 179 25.80 12.19 30.07
C SER F 179 26.78 11.64 29.04
N ASP F 180 27.37 12.57 28.28
CA ASP F 180 28.50 12.30 27.38
C ASP F 180 28.12 11.41 26.18
N LEU F 181 26.82 11.25 25.96
CA LEU F 181 26.33 10.70 24.70
C LEU F 181 25.32 11.67 24.07
N TYR F 182 25.31 11.72 22.73
CA TYR F 182 24.27 12.43 21.99
C TYR F 182 23.14 11.50 21.57
N THR F 183 21.91 12.00 21.60
CA THR F 183 20.86 11.38 20.79
C THR F 183 20.34 12.36 19.74
N LEU F 184 20.01 11.82 18.57
CA LEU F 184 19.39 12.54 17.48
C LEU F 184 18.30 11.68 16.81
N SER F 185 17.33 12.30 16.13
CA SER F 185 16.35 11.58 15.34
C SER F 185 16.21 12.21 14.01
N SER F 186 15.70 11.46 13.05
CA SER F 186 15.44 11.97 11.74
C SER F 186 14.06 11.59 11.35
N SER F 187 13.47 12.33 10.46
CA SER F 187 12.04 12.23 10.23
C SER F 187 11.86 12.34 8.74
N VAL F 188 11.19 11.36 8.15
CA VAL F 188 10.87 11.48 6.74
C VAL F 188 9.38 11.23 6.52
N THR F 189 8.74 12.08 5.72
CA THR F 189 7.34 11.86 5.41
C THR F 189 7.20 11.57 3.93
N VAL F 190 6.62 10.42 3.62
CA VAL F 190 6.41 10.03 2.23
C VAL F 190 4.95 9.69 2.12
N PRO F 191 4.40 9.69 0.90
CA PRO F 191 3.02 9.24 0.67
C PRO F 191 2.79 7.79 1.07
N SER F 192 1.57 7.42 1.39
CA SER F 192 1.27 6.04 1.81
C SER F 192 1.34 5.05 0.64
N SER F 193 1.32 5.57 -0.59
CA SER F 193 1.44 4.73 -1.78
C SER F 193 2.80 4.06 -1.99
N PRO F 194 3.93 4.80 -1.88
CA PRO F 194 5.21 4.08 -1.94
C PRO F 194 5.48 3.16 -0.74
N TRP F 195 5.11 3.57 0.46
CA TRP F 195 5.47 2.81 1.66
C TRP F 195 4.27 2.09 2.27
N PRO F 196 4.39 0.77 2.54
CA PRO F 196 5.53 -0.15 2.49
C PRO F 196 6.06 -0.50 1.09
N SER F 197 5.28 -0.20 0.05
CA SER F 197 5.35 -0.89 -1.22
C SER F 197 6.72 -0.73 -1.88
N GLU F 198 7.32 0.44 -1.70
CA GLU F 198 8.70 0.71 -2.08
C GLU F 198 9.49 1.08 -0.83
N THR F 199 10.79 0.85 -0.86
CA THR F 199 11.54 0.77 0.37
C THR F 199 12.10 2.14 0.74
N VAL F 200 12.00 2.52 2.01
CA VAL F 200 12.74 3.69 2.48
C VAL F 200 13.74 3.31 3.57
N THR F 201 14.98 3.73 3.35
CA THR F 201 16.08 3.33 4.18
C THR F 201 16.81 4.58 4.65
N CYS F 202 17.14 4.61 5.91
CA CYS F 202 17.96 5.65 6.44
C CYS F 202 19.37 5.18 6.58
N ASN F 203 20.30 6.00 6.14
CA ASN F 203 21.70 5.68 6.16
C ASN F 203 22.38 6.62 7.15
N VAL F 204 22.90 6.06 8.23
CA VAL F 204 23.61 6.83 9.26
C VAL F 204 25.09 6.56 9.13
N ALA F 205 25.90 7.60 9.30
CA ALA F 205 27.35 7.43 9.35
C ALA F 205 27.89 8.27 10.48
N HIS F 206 28.88 7.74 11.19
CA HIS F 206 29.48 8.45 12.30
C HIS F 206 30.98 8.43 12.10
N PRO F 207 31.51 9.42 11.37
CA PRO F 207 32.85 9.35 10.77
C PRO F 207 33.90 9.12 11.83
N ALA F 208 33.63 9.58 13.05
CA ALA F 208 34.63 9.53 14.12
C ALA F 208 34.96 8.08 14.55
N SER F 209 33.96 7.19 14.49
CA SER F 209 34.17 5.75 14.66
C SER F 209 34.18 4.96 13.34
N SER F 210 33.96 5.66 12.24
CA SER F 210 33.80 5.02 10.92
C SER F 210 32.68 3.99 10.90
N THR F 211 31.73 4.12 11.82
CA THR F 211 30.53 3.31 11.78
C THR F 211 29.69 3.75 10.61
N LYS F 212 29.12 2.78 9.88
CA LYS F 212 28.05 3.07 8.92
C LYS F 212 26.91 2.08 9.11
N VAL F 213 25.67 2.57 9.19
CA VAL F 213 24.50 1.71 9.32
C VAL F 213 23.44 2.03 8.26
N ASP F 214 22.92 1.02 7.59
CA ASP F 214 21.65 1.14 6.88
C ASP F 214 20.49 0.52 7.62
N LYS F 215 19.39 1.23 7.70
CA LYS F 215 18.17 0.66 8.24
C LYS F 215 16.96 0.86 7.31
N LYS F 216 16.37 -0.26 6.90
CA LYS F 216 15.09 -0.27 6.19
C LYS F 216 13.96 -0.20 7.19
N ILE F 217 13.00 0.69 6.95
CA ILE F 217 11.85 0.83 7.83
C ILE F 217 10.68 -0.05 7.41
N VAL F 218 10.12 -0.79 8.36
CA VAL F 218 9.18 -1.85 8.04
C VAL F 218 8.08 -1.89 9.11
N PRO F 219 6.86 -2.21 8.69
CA PRO F 219 5.68 -1.98 9.54
C PRO F 219 5.62 -2.96 10.72
N ARG F 220 5.24 -2.45 11.88
CA ARG F 220 5.44 -3.15 13.16
C ARG F 220 4.13 -3.68 13.81
N ASP F 221 4.21 -4.80 14.52
CA ASP F 221 3.51 -4.98 15.81
C ASP F 221 4.48 -5.02 17.01
C1 NAG G . -45.75 -74.70 -34.12
C2 NAG G . -45.96 -76.22 -34.04
C3 NAG G . -45.33 -77.00 -35.17
C4 NAG G . -46.02 -76.41 -36.37
C5 NAG G . -45.28 -75.14 -36.58
C6 NAG G . -45.69 -74.48 -37.89
C7 NAG G . -46.05 -77.94 -32.48
C8 NAG G . -46.54 -78.12 -31.08
N2 NAG G . -45.55 -76.77 -32.79
O3 NAG G . -45.53 -78.41 -35.08
O4 NAG G . -45.95 -77.25 -37.51
O5 NAG G . -45.49 -74.26 -35.46
O6 NAG G . -47.07 -74.69 -38.19
O7 NAG G . -46.09 -78.81 -33.33
S SO4 H . -43.18 -43.43 -52.50
O1 SO4 H . -43.62 -44.79 -52.81
O2 SO4 H . -41.74 -43.43 -52.25
O3 SO4 H . -43.46 -42.54 -53.62
O4 SO4 H . -43.90 -42.92 -51.33
S SO4 I . -58.93 -46.47 -39.29
O1 SO4 I . -59.03 -47.86 -39.79
O2 SO4 I . -59.45 -46.41 -37.92
O3 SO4 I . -59.72 -45.61 -40.17
O4 SO4 I . -57.54 -45.96 -39.28
S SO4 J . -36.40 -38.11 -41.46
O1 SO4 J . -37.84 -38.35 -41.51
O2 SO4 J . -35.62 -39.32 -41.72
O3 SO4 J . -36.11 -37.06 -42.46
O4 SO4 J . -36.00 -37.66 -40.14
MG MG K . -10.27 -72.60 -19.61
S SO4 L . -35.87 -54.33 -25.07
O1 SO4 L . -36.41 -55.59 -25.62
O2 SO4 L . -34.42 -54.37 -25.11
O3 SO4 L . -36.37 -53.21 -25.89
O4 SO4 L . -36.34 -54.15 -23.70
S SO4 M . -11.69 -30.20 -22.17
O1 SO4 M . -12.24 -31.42 -21.53
O2 SO4 M . -12.10 -30.12 -23.57
O3 SO4 M . -10.23 -30.25 -22.12
O4 SO4 M . -12.20 -29.00 -21.48
C1 NAG N . -44.01 -18.14 -34.21
C2 NAG N . -45.47 -17.75 -34.06
C3 NAG N . -45.76 -16.53 -34.92
C4 NAG N . -44.83 -15.38 -34.57
C5 NAG N . -43.35 -15.82 -34.58
C6 NAG N . -42.44 -14.78 -33.98
C7 NAG N . -47.40 -19.17 -33.60
C8 NAG N . -48.23 -20.33 -34.07
N2 NAG N . -46.36 -18.84 -34.37
O3 NAG N . -47.12 -16.13 -34.73
O4 NAG N . -45.02 -14.29 -35.46
O5 NAG N . -43.15 -17.03 -33.83
O6 NAG N . -41.42 -14.36 -34.87
O7 NAG N . -47.66 -18.54 -32.56
S SO4 O . -29.54 -20.79 -38.99
O1 SO4 O . -30.74 -21.58 -39.15
O2 SO4 O . -28.44 -21.70 -38.63
O3 SO4 O . -29.18 -20.14 -40.25
O4 SO4 O . -29.77 -19.79 -37.94
S SO4 P . -51.17 -18.85 -14.46
O1 SO4 P . -51.72 -20.04 -13.79
O2 SO4 P . -51.15 -19.08 -15.92
O3 SO4 P . -49.82 -18.55 -13.99
O4 SO4 P . -52.03 -17.69 -14.14
S SO4 Q . -29.34 -30.82 -40.40
O1 SO4 Q . -30.57 -31.53 -40.74
O2 SO4 Q . -28.37 -31.68 -39.70
O3 SO4 Q . -28.71 -30.33 -41.61
O4 SO4 Q . -29.73 -29.72 -39.54
C1 NAG R . 49.02 78.27 21.34
C2 NAG R . 49.02 79.53 22.17
C3 NAG R . 48.93 80.76 21.25
C4 NAG R . 50.07 80.72 20.23
C5 NAG R . 50.12 79.38 19.50
C6 NAG R . 51.36 79.22 18.62
C7 NAG R . 48.12 79.69 24.45
C8 NAG R . 46.90 79.63 25.31
N2 NAG R . 47.93 79.52 23.13
O3 NAG R . 49.02 81.93 22.04
O4 NAG R . 49.91 81.76 19.27
O5 NAG R . 50.15 78.29 20.43
O6 NAG R . 52.57 79.19 19.37
O7 NAG R . 49.25 79.88 24.91
S SO4 S . 44.35 56.77 22.93
O1 SO4 S . 43.29 55.77 23.02
O2 SO4 S . 45.56 56.14 22.37
O3 SO4 S . 43.93 57.87 22.08
O4 SO4 S . 44.63 57.29 24.27
S SO4 T . 51.09 45.26 -0.63
O1 SO4 T . 50.07 44.22 -0.63
O2 SO4 T . 52.40 44.69 -0.95
O3 SO4 T . 50.72 46.30 -1.59
O4 SO4 T . 51.17 45.84 0.72
MG MG U . 12.23 74.80 12.21
S SO4 V . 39.28 56.29 15.82
O1 SO4 V . 37.84 56.29 15.57
O2 SO4 V . 39.84 54.96 15.58
O3 SO4 V . 39.91 57.29 14.96
O4 SO4 V . 39.54 56.66 17.22
S SO4 W . 20.14 34.62 -1.84
O1 SO4 W . 18.77 34.40 -2.29
O2 SO4 W . 20.70 33.35 -1.35
O3 SO4 W . 20.94 35.09 -2.97
O4 SO4 W . 20.10 35.64 -0.78
C1 NAG X . 54.70 23.14 3.68
C2 NAG X . 55.84 22.59 4.51
C3 NAG X . 56.73 21.71 3.64
C4 NAG X . 55.90 20.60 3.01
C5 NAG X . 54.65 21.12 2.30
C6 NAG X . 53.67 20.01 1.99
C7 NAG X . 56.80 23.76 6.43
C8 NAG X . 57.62 24.94 6.90
N2 NAG X . 56.61 23.66 5.11
O3 NAG X . 57.76 21.13 4.42
O4 NAG X . 56.71 19.86 2.09
O5 NAG X . 53.93 22.06 3.13
O6 NAG X . 53.47 19.85 0.59
O7 NAG X . 56.34 22.94 7.22
S SO4 Y . 49.25 17.86 23.18
O1 SO4 Y . 47.98 17.73 22.44
O2 SO4 Y . 49.74 16.51 23.50
O3 SO4 Y . 50.22 18.58 22.34
O4 SO4 Y . 49.06 18.66 24.40
#